data_3EK6
#
_entry.id   3EK6
#
_cell.length_a   111.473
_cell.length_b   120.098
_cell.length_c   125.808
_cell.angle_alpha   90.00
_cell.angle_beta   90.00
_cell.angle_gamma   90.00
#
_symmetry.space_group_name_H-M   'P 21 21 21'
#
loop_
_entity.id
_entity.type
_entity.pdbx_description
1 polymer 'Uridylate kinase'
2 water water
#
_entity_poly.entity_id   1
_entity_poly.type   'polypeptide(L)'
_entity_poly.pdbx_seq_one_letter_code
;SNAMSELSYRRILLKLSGEALMGDGDYGIDPKVINRLAHEVIEAQQAGAQVALVIGGGNIFRGAGLAASGMDRVTGDHMG
MLATVINALAMQDALEKLGAKVRVMSAIKINDVCEDFIRRRAIRHLEKGRIAIFAAGTGNPFFTTDSGAALRAIEIGADL
LLKATKVDGVYDKDPKKHSDAVRYDSLTYDEVIMQGLEVMDTAAFALARDSDLPLRIFGMSEPGVLLRILHGAQIGTLVQ
GRS
;
_entity_poly.pdbx_strand_id   A,B,C,D,E,F
#
# COMPACT_ATOMS: atom_id res chain seq x y z
N SER A 1 -31.08 8.69 -25.44
CA SER A 1 -31.73 7.91 -24.33
C SER A 1 -32.71 6.89 -24.86
N ASN A 2 -33.75 6.67 -24.05
CA ASN A 2 -34.85 5.74 -24.33
C ASN A 2 -35.30 5.14 -23.00
N ALA A 3 -36.42 4.42 -23.02
CA ALA A 3 -37.04 3.87 -21.82
C ALA A 3 -36.30 2.62 -21.35
N MET A 4 -36.30 2.40 -20.03
CA MET A 4 -35.60 1.26 -19.49
C MET A 4 -36.25 -0.06 -19.93
N SER A 5 -37.49 0.06 -20.41
CA SER A 5 -38.28 -1.04 -20.98
C SER A 5 -37.60 -1.68 -22.18
N GLU A 6 -36.85 -0.90 -22.94
CA GLU A 6 -36.24 -1.36 -24.17
C GLU A 6 -34.88 -2.05 -24.02
N LEU A 7 -34.32 -2.06 -22.82
CA LEU A 7 -32.97 -2.58 -22.60
C LEU A 7 -32.94 -4.10 -22.67
N SER A 8 -32.19 -4.65 -23.62
CA SER A 8 -31.99 -6.09 -23.72
C SER A 8 -30.78 -6.54 -22.89
N TYR A 9 -29.94 -5.58 -22.50
CA TYR A 9 -28.77 -5.86 -21.64
C TYR A 9 -28.58 -4.73 -20.63
N ARG A 10 -28.56 -5.05 -19.36
CA ARG A 10 -28.52 -4.03 -18.33
C ARG A 10 -27.08 -3.57 -17.99
N ARG A 11 -26.19 -4.53 -17.77
CA ARG A 11 -24.80 -4.26 -17.48
C ARG A 11 -23.87 -4.91 -18.51
N ILE A 12 -23.10 -4.06 -19.17
CA ILE A 12 -22.26 -4.53 -20.26
C ILE A 12 -20.80 -4.16 -20.05
N LEU A 13 -19.92 -4.90 -20.68
CA LEU A 13 -18.53 -4.49 -20.75
C LEU A 13 -18.15 -4.47 -22.22
N LEU A 14 -17.71 -3.30 -22.69
CA LEU A 14 -17.22 -3.16 -24.04
C LEU A 14 -15.67 -3.21 -24.06
N LYS A 15 -15.15 -4.07 -24.92
CA LYS A 15 -13.72 -4.24 -25.08
C LYS A 15 -13.26 -3.84 -26.47
N LEU A 16 -12.19 -3.02 -26.53
CA LEU A 16 -11.60 -2.57 -27.77
C LEU A 16 -10.08 -2.71 -27.73
N SER A 17 -9.51 -2.91 -28.91
CA SER A 17 -8.07 -2.94 -28.99
C SER A 17 -7.59 -1.50 -28.91
N GLY A 18 -6.35 -1.31 -28.49
CA GLY A 18 -5.78 0.03 -28.45
C GLY A 18 -5.73 0.69 -29.82
N GLU A 19 -5.41 -0.10 -30.85
CA GLU A 19 -5.32 0.41 -32.23
C GLU A 19 -6.63 0.98 -32.77
N ALA A 20 -7.75 0.51 -32.25
CA ALA A 20 -9.04 1.14 -32.53
C ALA A 20 -9.05 2.63 -32.20
N LEU A 21 -8.04 3.11 -31.47
CA LEU A 21 -8.01 4.53 -31.10
C LEU A 21 -7.13 5.34 -32.04
N MET A 22 -6.13 4.70 -32.66
CA MET A 22 -5.16 5.40 -33.52
C MET A 22 -5.79 6.05 -34.74
N GLY A 23 -6.86 5.44 -35.25
CA GLY A 23 -7.51 5.89 -36.48
C GLY A 23 -6.61 5.69 -37.69
N ASP A 24 -6.37 6.77 -38.43
CA ASP A 24 -5.47 6.78 -39.58
C ASP A 24 -3.97 6.80 -39.18
N GLY A 25 -3.66 7.45 -38.06
CA GLY A 25 -2.25 7.60 -37.63
C GLY A 25 -1.60 6.27 -37.33
N ASP A 26 -0.29 6.23 -37.23
CA ASP A 26 0.38 4.98 -36.85
C ASP A 26 0.79 4.96 -35.38
N TYR A 27 0.20 5.86 -34.61
CA TYR A 27 0.54 5.91 -33.21
C TYR A 27 -0.45 6.69 -32.34
N GLY A 28 -0.56 6.29 -31.07
CA GLY A 28 -1.30 7.05 -30.05
C GLY A 28 -2.79 7.14 -30.26
N ILE A 29 -3.37 8.33 -30.03
CA ILE A 29 -4.82 8.53 -30.09
C ILE A 29 -5.26 9.61 -31.08
N ASP A 30 -6.16 9.23 -31.98
CA ASP A 30 -6.80 10.16 -32.88
C ASP A 30 -7.96 10.85 -32.18
N PRO A 31 -7.86 12.17 -31.96
CA PRO A 31 -8.84 12.90 -31.16
C PRO A 31 -10.27 12.72 -31.70
N LYS A 32 -10.38 12.51 -33.00
CA LYS A 32 -11.67 12.37 -33.65
C LYS A 32 -12.33 11.02 -33.30
N VAL A 33 -11.55 9.96 -33.40
CA VAL A 33 -11.92 8.61 -32.99
C VAL A 33 -12.34 8.52 -31.52
N ILE A 34 -11.57 9.11 -30.62
CA ILE A 34 -11.87 8.96 -29.20
C ILE A 34 -13.13 9.75 -28.83
N ASN A 35 -13.35 10.85 -29.54
CA ASN A 35 -14.52 11.69 -29.27
C ASN A 35 -15.78 11.01 -29.77
N ARG A 36 -15.66 10.34 -30.89
CA ARG A 36 -16.73 9.57 -31.43
C ARG A 36 -17.11 8.42 -30.47
N LEU A 37 -16.12 7.74 -29.94
CA LEU A 37 -16.31 6.62 -29.06
C LEU A 37 -17.02 7.02 -27.77
N ALA A 38 -16.63 8.16 -27.20
CA ALA A 38 -17.25 8.71 -26.00
C ALA A 38 -18.76 8.98 -26.20
N HIS A 39 -19.11 9.45 -27.39
CA HIS A 39 -20.49 9.71 -27.77
C HIS A 39 -21.26 8.38 -27.82
N GLU A 40 -20.68 7.38 -28.45
CA GLU A 40 -21.28 6.05 -28.47
C GLU A 40 -21.52 5.48 -27.06
N VAL A 41 -20.53 5.63 -26.19
CA VAL A 41 -20.64 5.17 -24.79
C VAL A 41 -21.61 6.01 -23.97
N ILE A 42 -21.60 7.32 -24.16
CA ILE A 42 -22.57 8.17 -23.44
C ILE A 42 -24.00 7.87 -23.85
N GLU A 43 -24.20 7.58 -25.12
CA GLU A 43 -25.51 7.23 -25.65
C GLU A 43 -25.96 5.88 -25.11
N ALA A 44 -25.01 4.96 -24.91
CA ALA A 44 -25.36 3.67 -24.36
C ALA A 44 -25.83 3.86 -22.92
N GLN A 45 -25.13 4.70 -22.17
CA GLN A 45 -25.44 4.95 -20.78
C GLN A 45 -26.74 5.74 -20.58
N GLN A 46 -27.03 6.65 -21.51
CA GLN A 46 -28.24 7.49 -21.42
C GLN A 46 -29.50 6.67 -21.64
N ALA A 47 -29.34 5.53 -22.30
CA ALA A 47 -30.41 4.56 -22.50
C ALA A 47 -30.62 3.64 -21.29
N GLY A 48 -29.88 3.90 -20.21
CA GLY A 48 -29.98 3.11 -18.98
C GLY A 48 -28.95 2.02 -18.74
N ALA A 49 -28.08 1.76 -19.71
CA ALA A 49 -27.02 0.76 -19.55
C ALA A 49 -25.99 1.17 -18.51
N GLN A 50 -25.57 0.18 -17.71
CA GLN A 50 -24.37 0.28 -16.87
C GLN A 50 -23.17 -0.20 -17.67
N VAL A 51 -22.30 0.74 -18.01
CA VAL A 51 -21.20 0.53 -18.93
C VAL A 51 -19.81 0.46 -18.27
N ALA A 52 -19.15 -0.65 -18.53
CA ALA A 52 -17.75 -0.85 -18.20
C ALA A 52 -16.95 -0.87 -19.50
N LEU A 53 -15.70 -0.43 -19.45
CA LEU A 53 -14.86 -0.31 -20.64
C LEU A 53 -13.50 -0.98 -20.46
N VAL A 54 -13.02 -1.68 -21.49
CA VAL A 54 -11.64 -2.16 -21.50
C VAL A 54 -11.01 -1.88 -22.84
N ILE A 55 -9.94 -1.11 -22.83
CA ILE A 55 -9.23 -0.76 -24.07
C ILE A 55 -7.81 -1.30 -23.95
N GLY A 56 -7.30 -2.00 -24.96
CA GLY A 56 -5.92 -2.46 -24.92
C GLY A 56 -4.90 -1.34 -25.16
N GLY A 57 -3.64 -1.72 -25.27
CA GLY A 57 -2.53 -0.78 -25.24
C GLY A 57 -1.65 -0.73 -26.48
N GLY A 58 -2.02 -1.49 -27.50
CA GLY A 58 -1.28 -1.58 -28.75
C GLY A 58 -1.09 -0.34 -29.62
N ASN A 59 -1.82 0.75 -29.32
CA ASN A 59 -1.61 2.04 -29.98
C ASN A 59 -0.39 2.80 -29.44
N ILE A 60 0.02 2.43 -28.23
CA ILE A 60 1.11 3.08 -27.53
C ILE A 60 2.32 2.14 -27.41
N PHE A 61 2.06 0.90 -27.01
CA PHE A 61 3.11 -0.10 -27.00
C PHE A 61 3.29 -0.68 -28.40
N ARG A 62 4.06 0.04 -29.22
CA ARG A 62 4.26 -0.34 -30.63
C ARG A 62 5.52 0.27 -31.23
N GLY A 63 5.93 -0.27 -32.38
CA GLY A 63 7.18 0.14 -33.01
C GLY A 63 8.30 -0.69 -32.47
N ALA A 64 9.38 -0.80 -33.24
CA ALA A 64 10.52 -1.68 -32.94
C ALA A 64 11.27 -1.35 -31.65
N GLY A 65 11.17 -0.12 -31.18
CA GLY A 65 11.83 0.29 -29.94
C GLY A 65 11.13 -0.16 -28.68
N LEU A 66 9.80 -0.19 -28.71
CA LEU A 66 9.00 -0.60 -27.58
C LEU A 66 8.58 -2.07 -27.72
N ALA A 67 7.87 -2.38 -28.79
CA ALA A 67 7.46 -3.75 -29.04
C ALA A 67 8.55 -4.49 -29.80
N ALA A 68 9.76 -4.53 -29.25
CA ALA A 68 10.88 -5.23 -29.88
C ALA A 68 10.60 -6.72 -30.07
N SER A 69 10.89 -7.21 -31.28
CA SER A 69 10.68 -8.61 -31.59
C SER A 69 11.31 -9.51 -30.54
N GLY A 70 12.60 -9.31 -30.33
CA GLY A 70 13.32 -10.04 -29.30
C GLY A 70 13.47 -9.21 -28.04
N MET A 71 12.43 -9.23 -27.20
CA MET A 71 12.47 -8.59 -25.88
C MET A 71 11.82 -9.47 -24.80
N ASP A 72 12.16 -9.20 -23.54
CA ASP A 72 11.59 -9.94 -22.43
C ASP A 72 10.08 -9.72 -22.39
N ARG A 73 9.29 -10.80 -22.45
CA ARG A 73 7.86 -10.68 -22.58
C ARG A 73 7.20 -10.05 -21.36
N VAL A 74 7.77 -10.28 -20.18
CA VAL A 74 7.23 -9.76 -18.95
C VAL A 74 7.30 -8.23 -18.98
N THR A 75 8.46 -7.71 -19.34
CA THR A 75 8.65 -6.26 -19.38
C THR A 75 7.80 -5.63 -20.48
N GLY A 76 7.62 -6.34 -21.58
CA GLY A 76 6.70 -5.95 -22.64
C GLY A 76 5.22 -6.03 -22.25
N ASP A 77 4.84 -7.03 -21.44
CA ASP A 77 3.48 -7.02 -20.86
C ASP A 77 3.29 -5.87 -19.86
N HIS A 78 4.26 -5.65 -18.98
CA HIS A 78 4.26 -4.43 -18.14
C HIS A 78 4.12 -3.12 -18.94
N MET A 79 4.90 -2.94 -20.00
CA MET A 79 4.80 -1.73 -20.80
C MET A 79 3.38 -1.61 -21.38
N GLY A 80 2.84 -2.74 -21.85
CA GLY A 80 1.48 -2.77 -22.39
C GLY A 80 0.45 -2.44 -21.33
N MET A 81 0.63 -2.91 -20.10
CA MET A 81 -0.32 -2.58 -19.02
C MET A 81 -0.33 -1.07 -18.73
N LEU A 82 0.84 -0.44 -18.72
CA LEU A 82 0.96 1.02 -18.49
C LEU A 82 0.32 1.83 -19.64
N ALA A 83 0.50 1.35 -20.87
CA ALA A 83 -0.17 1.94 -22.03
C ALA A 83 -1.70 1.92 -21.88
N THR A 84 -2.28 0.85 -21.34
CA THR A 84 -3.74 0.82 -21.12
C THR A 84 -4.18 1.84 -20.06
N VAL A 85 -3.31 2.09 -19.07
CA VAL A 85 -3.66 3.12 -18.07
C VAL A 85 -3.72 4.48 -18.75
N ILE A 86 -2.79 4.75 -19.65
CA ILE A 86 -2.77 6.00 -20.40
C ILE A 86 -4.00 6.21 -21.26
N ASN A 87 -4.37 5.18 -22.02
CA ASN A 87 -5.57 5.19 -22.83
C ASN A 87 -6.79 5.43 -21.96
N ALA A 88 -6.84 4.79 -20.79
CA ALA A 88 -8.01 4.93 -19.90
C ALA A 88 -8.19 6.35 -19.39
N LEU A 89 -7.05 6.99 -19.11
CA LEU A 89 -6.99 8.39 -18.65
C LEU A 89 -7.52 9.33 -19.75
N ALA A 90 -7.16 9.05 -20.99
CA ALA A 90 -7.65 9.88 -22.07
C ALA A 90 -9.14 9.68 -22.19
N MET A 91 -9.58 8.42 -22.14
CA MET A 91 -11.03 8.13 -22.20
C MET A 91 -11.82 8.80 -21.08
N GLN A 92 -11.31 8.68 -19.86
CA GLN A 92 -11.90 9.37 -18.73
C GLN A 92 -12.08 10.85 -19.06
N ASP A 93 -11.02 11.48 -19.56
CA ASP A 93 -11.06 12.90 -19.84
C ASP A 93 -12.10 13.29 -20.91
N ALA A 94 -12.11 12.57 -22.03
CA ALA A 94 -13.11 12.81 -23.06
C ALA A 94 -14.54 12.65 -22.54
N LEU A 95 -14.76 11.59 -21.76
CA LEU A 95 -16.08 11.30 -21.25
C LEU A 95 -16.54 12.36 -20.29
N GLU A 96 -15.71 12.69 -19.32
CA GLU A 96 -16.07 13.71 -18.34
C GLU A 96 -16.34 15.08 -18.97
N LYS A 97 -15.71 15.30 -20.12
CA LYS A 97 -15.86 16.52 -20.91
C LYS A 97 -17.29 16.59 -21.47
N LEU A 98 -17.93 15.44 -21.60
CA LEU A 98 -19.29 15.36 -22.15
C LEU A 98 -20.28 15.12 -21.00
N GLY A 99 -19.82 15.34 -19.78
CA GLY A 99 -20.71 15.37 -18.64
C GLY A 99 -20.97 14.04 -17.95
N ALA A 100 -20.24 12.99 -18.35
CA ALA A 100 -20.38 11.71 -17.69
C ALA A 100 -19.52 11.59 -16.43
N LYS A 101 -20.02 10.79 -15.49
CA LYS A 101 -19.24 10.40 -14.31
C LYS A 101 -18.44 9.10 -14.54
N VAL A 102 -17.16 9.15 -14.25
CA VAL A 102 -16.25 8.09 -14.66
C VAL A 102 -15.37 7.66 -13.50
N ARG A 103 -14.99 6.39 -13.50
CA ARG A 103 -14.01 5.88 -12.56
C ARG A 103 -13.04 4.95 -13.29
N VAL A 104 -11.74 5.23 -13.14
CA VAL A 104 -10.72 4.36 -13.67
C VAL A 104 -10.20 3.41 -12.60
N MET A 105 -10.23 2.12 -12.90
CA MET A 105 -9.75 1.13 -11.97
C MET A 105 -8.70 0.26 -12.63
N SER A 106 -7.54 0.16 -11.98
CA SER A 106 -6.42 -0.58 -12.53
C SER A 106 -6.22 -1.88 -11.79
N ALA A 107 -5.87 -2.92 -12.55
CA ALA A 107 -5.46 -4.21 -11.99
C ALA A 107 -4.16 -4.05 -11.19
N ILE A 108 -3.37 -3.04 -11.53
CA ILE A 108 -2.19 -2.70 -10.73
C ILE A 108 -2.35 -1.34 -10.03
N LYS A 109 -2.03 -1.31 -8.75
CA LYS A 109 -2.05 -0.05 -7.99
C LYS A 109 -1.10 1.02 -8.51
N ILE A 110 -1.63 2.22 -8.70
CA ILE A 110 -0.87 3.39 -9.08
C ILE A 110 -1.57 4.58 -8.40
N ASN A 111 -1.09 4.94 -7.20
CA ASN A 111 -1.77 5.92 -6.34
C ASN A 111 -1.93 7.32 -6.98
N ASP A 112 -3.06 7.98 -6.71
CA ASP A 112 -3.43 9.27 -7.31
C ASP A 112 -3.77 9.18 -8.80
N VAL A 113 -3.13 8.26 -9.51
CA VAL A 113 -3.30 8.20 -10.95
C VAL A 113 -4.64 7.59 -11.28
N CYS A 114 -5.00 6.56 -10.53
CA CYS A 114 -6.27 5.90 -10.67
C CYS A 114 -6.53 4.96 -9.50
N GLU A 115 -7.78 4.56 -9.37
CA GLU A 115 -8.25 3.63 -8.35
C GLU A 115 -7.76 2.20 -8.60
N ASP A 116 -7.55 1.48 -7.52
CA ASP A 116 -7.24 0.07 -7.60
C ASP A 116 -8.54 -0.69 -7.85
N PHE A 117 -8.48 -1.74 -8.67
CA PHE A 117 -9.70 -2.50 -8.87
C PHE A 117 -10.10 -3.22 -7.58
N ILE A 118 -11.34 -3.01 -7.17
CA ILE A 118 -11.96 -3.84 -6.18
C ILE A 118 -13.42 -4.05 -6.56
N ARG A 119 -13.75 -5.33 -6.66
CA ARG A 119 -14.98 -5.81 -7.25
C ARG A 119 -16.23 -5.14 -6.68
N ARG A 120 -16.39 -5.21 -5.37
CA ARG A 120 -17.56 -4.64 -4.70
C ARG A 120 -17.69 -3.16 -4.99
N ARG A 121 -16.56 -2.47 -5.11
CA ARG A 121 -16.56 -1.03 -5.34
C ARG A 121 -16.92 -0.71 -6.78
N ALA A 122 -16.47 -1.58 -7.68
CA ALA A 122 -16.75 -1.43 -9.10
C ALA A 122 -18.25 -1.58 -9.37
N ILE A 123 -18.87 -2.59 -8.74
CA ILE A 123 -20.31 -2.83 -8.84
C ILE A 123 -21.06 -1.59 -8.37
N ARG A 124 -20.63 -1.07 -7.22
CA ARG A 124 -21.24 0.14 -6.66
C ARG A 124 -21.16 1.36 -7.55
N HIS A 125 -20.02 1.55 -8.23
CA HIS A 125 -19.90 2.64 -9.20
C HIS A 125 -20.90 2.47 -10.33
N LEU A 126 -20.95 1.27 -10.89
CA LEU A 126 -21.92 0.93 -11.94
C LEU A 126 -23.36 1.22 -11.52
N GLU A 127 -23.75 0.76 -10.34
CA GLU A 127 -25.13 0.96 -9.94
C GLU A 127 -25.43 2.42 -9.61
N LYS A 128 -24.38 3.21 -9.43
CA LYS A 128 -24.51 4.65 -9.28
C LYS A 128 -24.48 5.39 -10.62
N GLY A 129 -24.52 4.66 -11.72
CA GLY A 129 -24.58 5.27 -13.04
C GLY A 129 -23.26 5.77 -13.63
N ARG A 130 -22.16 5.48 -12.94
CA ARG A 130 -20.83 5.84 -13.41
C ARG A 130 -20.28 4.83 -14.39
N ILE A 131 -19.49 5.33 -15.33
CA ILE A 131 -18.76 4.48 -16.26
C ILE A 131 -17.50 3.90 -15.61
N ALA A 132 -17.31 2.59 -15.73
CA ALA A 132 -16.13 1.96 -15.16
C ALA A 132 -15.12 1.68 -16.26
N ILE A 133 -13.90 2.16 -16.08
CA ILE A 133 -12.87 1.90 -17.06
C ILE A 133 -11.78 1.05 -16.40
N PHE A 134 -11.58 -0.15 -16.93
CA PHE A 134 -10.59 -1.10 -16.37
C PHE A 134 -9.32 -1.05 -17.17
N ALA A 135 -8.18 -1.00 -16.48
CA ALA A 135 -6.89 -0.92 -17.14
C ALA A 135 -5.97 -1.99 -16.55
N ALA A 136 -4.95 -2.35 -17.31
CA ALA A 136 -3.88 -3.24 -16.86
C ALA A 136 -4.26 -4.72 -16.79
N GLY A 137 -5.32 -5.11 -17.53
CA GLY A 137 -5.68 -6.51 -17.71
C GLY A 137 -5.98 -7.25 -16.42
N THR A 138 -5.44 -8.46 -16.28
CA THR A 138 -5.57 -9.23 -15.04
C THR A 138 -4.54 -8.80 -14.01
N GLY A 139 -3.60 -7.94 -14.40
CA GLY A 139 -2.53 -7.55 -13.49
C GLY A 139 -1.30 -8.45 -13.59
N ASN A 140 -1.38 -9.47 -14.44
CA ASN A 140 -0.32 -10.46 -14.62
C ASN A 140 0.16 -10.48 -16.06
N PRO A 141 1.47 -10.69 -16.27
CA PRO A 141 2.05 -10.90 -17.61
C PRO A 141 1.53 -12.22 -18.18
N PHE A 142 1.64 -12.42 -19.50
CA PHE A 142 1.22 -13.67 -20.18
C PHE A 142 -0.30 -13.82 -20.32
N PHE A 143 -1.05 -12.75 -20.07
CA PHE A 143 -2.51 -12.79 -20.21
C PHE A 143 -2.91 -11.70 -21.15
N THR A 144 -3.80 -12.07 -22.05
CA THR A 144 -4.29 -11.20 -23.09
C THR A 144 -5.28 -10.11 -22.55
N THR A 145 -5.50 -9.07 -23.34
CA THR A 145 -6.49 -8.07 -23.01
C THR A 145 -7.87 -8.69 -22.94
N ASP A 146 -8.17 -9.62 -23.85
CA ASP A 146 -9.42 -10.41 -23.79
C ASP A 146 -9.65 -11.14 -22.47
N SER A 147 -8.59 -11.78 -21.94
CA SER A 147 -8.64 -12.41 -20.60
C SER A 147 -9.02 -11.42 -19.51
N GLY A 148 -8.38 -10.27 -19.48
CA GLY A 148 -8.72 -9.27 -18.48
C GLY A 148 -10.16 -8.82 -18.61
N ALA A 149 -10.62 -8.70 -19.84
CA ALA A 149 -12.00 -8.28 -20.14
C ALA A 149 -13.02 -9.33 -19.68
N ALA A 150 -12.76 -10.60 -19.99
CA ALA A 150 -13.63 -11.71 -19.53
C ALA A 150 -13.68 -11.77 -18.02
N LEU A 151 -12.52 -11.74 -17.37
CA LEU A 151 -12.47 -11.75 -15.90
C LEU A 151 -13.31 -10.60 -15.30
N ARG A 152 -13.03 -9.38 -15.75
CA ARG A 152 -13.77 -8.20 -15.29
C ARG A 152 -15.28 -8.31 -15.51
N ALA A 153 -15.69 -8.79 -16.69
CA ALA A 153 -17.10 -8.98 -17.03
C ALA A 153 -17.74 -9.99 -16.07
N ILE A 154 -17.04 -11.09 -15.81
CA ILE A 154 -17.58 -12.04 -14.88
C ILE A 154 -17.58 -11.45 -13.47
N GLU A 155 -16.53 -10.70 -13.08
CA GLU A 155 -16.49 -10.20 -11.71
C GLU A 155 -17.60 -9.19 -11.43
N ILE A 156 -17.97 -8.40 -12.43
CA ILE A 156 -19.00 -7.41 -12.22
C ILE A 156 -20.42 -7.92 -12.53
N GLY A 157 -20.54 -9.16 -12.99
CA GLY A 157 -21.83 -9.73 -13.36
C GLY A 157 -22.42 -9.12 -14.64
N ALA A 158 -21.56 -8.82 -15.62
CA ALA A 158 -22.04 -8.30 -16.89
C ALA A 158 -23.09 -9.24 -17.51
N ASP A 159 -24.15 -8.66 -18.09
CA ASP A 159 -25.05 -9.45 -18.95
C ASP A 159 -24.44 -9.67 -20.34
N LEU A 160 -23.37 -8.94 -20.67
CA LEU A 160 -22.84 -9.04 -22.03
C LEU A 160 -21.40 -8.56 -22.07
N LEU A 161 -20.55 -9.33 -22.72
CA LEU A 161 -19.23 -8.83 -23.09
C LEU A 161 -19.27 -8.57 -24.56
N LEU A 162 -19.00 -7.33 -24.93
CA LEU A 162 -18.93 -7.00 -26.35
C LEU A 162 -17.48 -6.81 -26.75
N LYS A 163 -17.09 -7.45 -27.84
CA LYS A 163 -15.74 -7.35 -28.30
C LYS A 163 -15.79 -6.72 -29.68
N ALA A 164 -15.38 -5.45 -29.77
CA ALA A 164 -15.27 -4.78 -31.06
C ALA A 164 -14.02 -5.25 -31.80
N THR A 165 -14.22 -5.64 -33.05
CA THR A 165 -13.15 -6.10 -33.94
C THR A 165 -13.33 -5.47 -35.33
N LYS A 166 -12.34 -5.62 -36.19
CA LYS A 166 -12.42 -5.13 -37.56
C LYS A 166 -13.50 -5.90 -38.32
N VAL A 167 -13.48 -7.22 -38.21
CA VAL A 167 -14.53 -8.07 -38.76
C VAL A 167 -15.82 -8.05 -37.89
N ASP A 168 -16.98 -7.76 -38.49
CA ASP A 168 -18.19 -7.70 -37.69
C ASP A 168 -18.85 -9.07 -37.49
N GLY A 169 -18.21 -9.91 -36.71
CA GLY A 169 -18.84 -11.13 -36.33
C GLY A 169 -17.92 -12.27 -36.61
N VAL A 170 -18.43 -13.47 -36.43
CA VAL A 170 -17.67 -14.66 -36.66
C VAL A 170 -18.22 -15.31 -37.91
N TYR A 171 -17.32 -15.69 -38.80
CA TYR A 171 -17.70 -16.24 -40.09
C TYR A 171 -17.36 -17.74 -40.18
N ASP A 172 -18.17 -18.47 -40.94
CA ASP A 172 -17.86 -19.87 -41.25
C ASP A 172 -16.52 -20.04 -41.99
N LYS A 173 -16.22 -19.11 -42.90
CA LYS A 173 -14.93 -19.12 -43.60
C LYS A 173 -14.45 -17.70 -43.69
N ASP A 174 -13.14 -17.51 -43.88
CA ASP A 174 -12.59 -16.17 -44.10
C ASP A 174 -13.34 -15.46 -45.26
N PRO A 175 -14.03 -14.34 -44.94
CA PRO A 175 -14.84 -13.57 -45.89
C PRO A 175 -14.03 -13.00 -47.07
N LYS A 176 -12.92 -12.34 -46.77
CA LYS A 176 -12.12 -11.69 -47.82
C LYS A 176 -11.45 -12.70 -48.75
N LYS A 177 -11.59 -13.98 -48.42
CA LYS A 177 -11.03 -15.04 -49.24
C LYS A 177 -12.13 -16.04 -49.66
N HIS A 178 -13.36 -15.80 -49.21
CA HIS A 178 -14.49 -16.64 -49.63
C HIS A 178 -15.77 -15.83 -49.88
N SER A 179 -15.94 -15.33 -51.10
CA SER A 179 -17.10 -14.48 -51.41
C SER A 179 -18.33 -15.18 -50.85
N ASP A 180 -18.14 -16.45 -50.56
CA ASP A 180 -19.20 -17.32 -50.10
C ASP A 180 -19.43 -17.23 -48.57
N ALA A 181 -18.38 -16.90 -47.82
CA ALA A 181 -18.43 -16.79 -46.35
C ALA A 181 -19.73 -16.24 -45.80
N VAL A 182 -20.22 -16.87 -44.74
CA VAL A 182 -21.47 -16.48 -44.11
C VAL A 182 -21.22 -16.15 -42.65
N ARG A 183 -22.00 -15.21 -42.10
CA ARG A 183 -21.80 -14.72 -40.75
C ARG A 183 -22.86 -15.24 -39.81
N TYR A 184 -22.42 -16.04 -38.84
CA TYR A 184 -23.30 -16.64 -37.84
C TYR A 184 -23.97 -15.57 -37.01
N ASP A 185 -25.24 -15.77 -36.70
CA ASP A 185 -25.93 -14.84 -35.81
C ASP A 185 -25.64 -15.22 -34.37
N SER A 186 -25.50 -16.51 -34.13
CA SER A 186 -25.31 -16.99 -32.79
C SER A 186 -24.66 -18.33 -32.88
N LEU A 187 -23.82 -18.61 -31.89
CA LEU A 187 -23.13 -19.87 -31.76
C LEU A 187 -23.10 -20.21 -30.30
N THR A 188 -22.98 -21.50 -30.04
CA THR A 188 -22.72 -22.02 -28.73
C THR A 188 -21.21 -22.00 -28.48
N TYR A 189 -20.80 -22.08 -27.22
CA TYR A 189 -19.38 -22.16 -26.90
C TYR A 189 -18.79 -23.43 -27.49
N ASP A 190 -19.54 -24.51 -27.44
CA ASP A 190 -19.09 -25.78 -28.04
C ASP A 190 -19.00 -25.77 -29.57
N GLU A 191 -19.94 -25.13 -30.25
CA GLU A 191 -19.86 -25.02 -31.71
C GLU A 191 -18.60 -24.28 -32.10
N VAL A 192 -18.27 -23.21 -31.39
CA VAL A 192 -17.03 -22.49 -31.65
C VAL A 192 -15.80 -23.41 -31.64
N ILE A 193 -15.62 -24.12 -30.53
CA ILE A 193 -14.49 -25.01 -30.36
C ILE A 193 -14.51 -26.13 -31.39
N MET A 194 -15.70 -26.62 -31.72
CA MET A 194 -15.87 -27.71 -32.68
C MET A 194 -15.43 -27.33 -34.10
N GLN A 195 -15.81 -26.14 -34.55
CA GLN A 195 -15.46 -25.71 -35.90
C GLN A 195 -14.09 -25.04 -35.98
N GLY A 196 -13.37 -24.97 -34.87
CA GLY A 196 -12.08 -24.28 -34.82
C GLY A 196 -12.16 -22.80 -35.12
N LEU A 197 -13.30 -22.18 -34.79
CA LEU A 197 -13.49 -20.75 -34.99
C LEU A 197 -12.64 -19.97 -33.99
N GLU A 198 -12.19 -18.79 -34.41
CA GLU A 198 -11.28 -17.99 -33.59
C GLU A 198 -12.02 -16.80 -33.00
N VAL A 199 -12.30 -16.87 -31.71
CA VAL A 199 -13.06 -15.82 -31.05
C VAL A 199 -12.16 -15.06 -30.08
N MET A 200 -11.50 -15.79 -29.19
CA MET A 200 -10.49 -15.22 -28.30
C MET A 200 -9.37 -16.24 -28.20
N ASP A 201 -8.24 -15.88 -27.58
CA ASP A 201 -7.23 -16.91 -27.26
C ASP A 201 -7.83 -17.93 -26.28
N THR A 202 -7.21 -19.11 -26.25
CA THR A 202 -7.74 -20.26 -25.52
C THR A 202 -8.12 -19.98 -24.06
N ALA A 203 -7.20 -19.37 -23.30
CA ALA A 203 -7.41 -19.08 -21.88
C ALA A 203 -8.60 -18.15 -21.68
N ALA A 204 -8.70 -17.12 -22.51
CA ALA A 204 -9.80 -16.14 -22.38
C ALA A 204 -11.15 -16.79 -22.68
N PHE A 205 -11.17 -17.57 -23.76
CA PHE A 205 -12.37 -18.27 -24.13
C PHE A 205 -12.87 -19.29 -23.06
N ALA A 206 -11.94 -20.03 -22.45
CA ALA A 206 -12.29 -20.98 -21.37
C ALA A 206 -12.86 -20.26 -20.12
N LEU A 207 -12.31 -19.09 -19.79
CA LEU A 207 -12.83 -18.29 -18.69
C LEU A 207 -14.27 -17.93 -18.95
N ALA A 208 -14.53 -17.45 -20.15
CA ALA A 208 -15.87 -17.00 -20.52
C ALA A 208 -16.80 -18.20 -20.62
N ARG A 209 -16.34 -19.28 -21.25
CA ARG A 209 -17.13 -20.51 -21.34
C ARG A 209 -17.52 -21.00 -19.95
N ASP A 210 -16.56 -21.10 -19.03
CA ASP A 210 -16.87 -21.66 -17.71
C ASP A 210 -17.91 -20.90 -16.90
N SER A 211 -18.02 -19.59 -17.12
CA SER A 211 -19.07 -18.80 -16.49
C SER A 211 -20.25 -18.60 -17.43
N ASP A 212 -20.19 -19.16 -18.63
CA ASP A 212 -21.22 -18.92 -19.66
C ASP A 212 -21.53 -17.42 -19.84
N LEU A 213 -20.49 -16.63 -20.06
CA LEU A 213 -20.62 -15.21 -20.29
C LEU A 213 -21.09 -14.97 -21.73
N PRO A 214 -22.23 -14.27 -21.89
CA PRO A 214 -22.67 -13.99 -23.26
C PRO A 214 -21.68 -13.06 -23.95
N LEU A 215 -21.30 -13.43 -25.16
CA LEU A 215 -20.26 -12.73 -25.87
C LEU A 215 -20.84 -12.20 -27.16
N ARG A 216 -20.65 -10.93 -27.41
CA ARG A 216 -21.06 -10.38 -28.69
C ARG A 216 -19.83 -9.83 -29.43
N ILE A 217 -19.45 -10.52 -30.51
CA ILE A 217 -18.38 -10.11 -31.41
C ILE A 217 -18.96 -9.26 -32.54
N PHE A 218 -18.46 -8.04 -32.71
CA PHE A 218 -19.04 -7.13 -33.69
C PHE A 218 -18.06 -6.04 -34.16
N GLY A 219 -18.42 -5.33 -35.23
CA GLY A 219 -17.63 -4.18 -35.70
C GLY A 219 -18.35 -2.88 -35.35
N MET A 220 -17.63 -1.90 -34.84
CA MET A 220 -18.25 -0.59 -34.54
C MET A 220 -18.14 0.24 -35.81
N SER A 221 -18.96 -0.15 -36.79
CA SER A 221 -18.74 0.20 -38.17
C SER A 221 -19.34 1.57 -38.47
N GLU A 222 -20.49 1.85 -37.87
CA GLU A 222 -21.14 3.14 -38.00
C GLU A 222 -21.73 3.47 -36.65
N PRO A 223 -21.93 4.77 -36.39
CA PRO A 223 -22.50 5.20 -35.12
C PRO A 223 -23.92 4.65 -34.89
N GLY A 224 -24.33 4.57 -33.64
CA GLY A 224 -25.64 4.02 -33.32
C GLY A 224 -25.69 2.52 -33.12
N VAL A 225 -24.63 1.81 -33.52
CA VAL A 225 -24.62 0.33 -33.42
C VAL A 225 -24.72 -0.21 -31.99
N LEU A 226 -23.87 0.29 -31.10
CA LEU A 226 -23.92 -0.07 -29.68
C LEU A 226 -25.34 -0.03 -29.10
N LEU A 227 -25.97 1.14 -29.19
CA LEU A 227 -27.34 1.37 -28.73
C LEU A 227 -28.36 0.40 -29.35
N ARG A 228 -28.22 0.14 -30.65
CA ARG A 228 -29.05 -0.85 -31.31
C ARG A 228 -28.89 -2.23 -30.68
N ILE A 229 -27.65 -2.63 -30.44
CA ILE A 229 -27.38 -3.89 -29.76
C ILE A 229 -28.04 -3.95 -28.38
N LEU A 230 -27.99 -2.84 -27.65
CA LEU A 230 -28.57 -2.74 -26.32
C LEU A 230 -30.09 -2.89 -26.31
N HIS A 231 -30.74 -2.50 -27.42
CA HIS A 231 -32.18 -2.68 -27.57
C HIS A 231 -32.50 -4.01 -28.26
N GLY A 232 -31.52 -4.90 -28.37
CA GLY A 232 -31.80 -6.25 -28.84
C GLY A 232 -31.51 -6.54 -30.31
N ALA A 233 -30.94 -5.57 -31.02
CA ALA A 233 -30.58 -5.77 -32.43
C ALA A 233 -29.59 -6.92 -32.65
N GLN A 234 -29.87 -7.72 -33.68
CA GLN A 234 -29.00 -8.87 -34.00
C GLN A 234 -27.86 -8.42 -34.90
N ILE A 235 -26.82 -7.86 -34.29
CA ILE A 235 -25.66 -7.35 -34.99
C ILE A 235 -24.39 -8.09 -34.53
N GLY A 236 -23.55 -8.48 -35.49
CA GLY A 236 -22.42 -9.34 -35.24
C GLY A 236 -22.84 -10.75 -34.83
N THR A 237 -22.17 -11.32 -33.84
CA THR A 237 -22.38 -12.70 -33.48
C THR A 237 -22.49 -12.88 -31.99
N LEU A 238 -23.56 -13.53 -31.53
CA LEU A 238 -23.73 -13.83 -30.12
C LEU A 238 -23.17 -15.22 -29.84
N VAL A 239 -22.30 -15.32 -28.86
CA VAL A 239 -21.75 -16.59 -28.45
C VAL A 239 -22.22 -16.80 -27.03
N GLN A 240 -22.93 -17.90 -26.82
CA GLN A 240 -23.57 -18.15 -25.55
C GLN A 240 -24.16 -19.55 -25.54
N GLY A 241 -24.30 -20.11 -24.36
CA GLY A 241 -24.97 -21.37 -24.23
C GLY A 241 -24.02 -22.53 -24.41
N ARG A 242 -24.56 -23.73 -24.23
CA ARG A 242 -23.78 -24.93 -24.27
C ARG A 242 -24.31 -25.98 -25.24
N SER A 243 -23.47 -26.99 -25.48
CA SER A 243 -23.77 -28.04 -26.43
C SER A 243 -23.98 -27.36 -27.77
N MET B 4 25.92 -39.41 -10.81
CA MET B 4 24.78 -38.44 -10.80
C MET B 4 25.12 -37.23 -9.95
N SER B 5 25.77 -36.27 -10.60
CA SER B 5 26.05 -34.99 -10.01
C SER B 5 25.21 -34.01 -10.79
N GLU B 6 25.29 -34.10 -12.11
CA GLU B 6 24.68 -33.11 -12.96
C GLU B 6 23.19 -33.24 -13.11
N LEU B 7 22.53 -32.09 -13.12
CA LEU B 7 21.09 -32.03 -13.16
C LEU B 7 20.61 -32.01 -14.58
N SER B 8 19.55 -32.77 -14.85
CA SER B 8 18.83 -32.61 -16.09
C SER B 8 17.96 -31.37 -16.06
N TYR B 9 17.64 -30.89 -14.87
CA TYR B 9 16.76 -29.70 -14.71
C TYR B 9 17.29 -28.84 -13.61
N ARG B 10 17.56 -27.59 -13.93
CA ARG B 10 18.20 -26.72 -12.96
C ARG B 10 17.22 -25.92 -12.10
N ARG B 11 16.22 -25.28 -12.71
CA ARG B 11 15.25 -24.49 -11.97
C ARG B 11 13.88 -25.10 -12.14
N ILE B 12 13.31 -25.52 -11.02
CA ILE B 12 12.04 -26.22 -11.07
C ILE B 12 10.96 -25.54 -10.24
N LEU B 13 9.73 -25.73 -10.67
CA LEU B 13 8.59 -25.33 -9.89
C LEU B 13 7.78 -26.57 -9.56
N LEU B 14 7.70 -26.92 -8.27
CA LEU B 14 6.90 -28.08 -7.85
C LEU B 14 5.53 -27.64 -7.29
N LYS B 15 4.46 -28.19 -7.86
CA LYS B 15 3.12 -27.86 -7.44
C LYS B 15 2.44 -29.03 -6.74
N LEU B 16 1.92 -28.76 -5.53
CA LEU B 16 1.17 -29.78 -4.81
C LEU B 16 -0.25 -29.31 -4.45
N SER B 17 -1.17 -30.25 -4.37
CA SER B 17 -2.45 -30.03 -3.74
C SER B 17 -2.27 -29.80 -2.25
N GLY B 18 -3.17 -29.02 -1.66
CA GLY B 18 -3.21 -28.85 -0.22
C GLY B 18 -3.46 -30.16 0.52
N GLU B 19 -4.35 -30.98 -0.01
CA GLU B 19 -4.63 -32.29 0.59
C GLU B 19 -3.40 -33.26 0.66
N ALA B 20 -2.37 -33.05 -0.15
CA ALA B 20 -1.08 -33.74 0.07
C ALA B 20 -0.49 -33.51 1.46
N LEU B 21 -0.84 -32.40 2.11
CA LEU B 21 -0.28 -32.06 3.42
C LEU B 21 -1.08 -32.70 4.52
N MET B 22 -2.25 -33.20 4.14
CA MET B 22 -3.27 -33.64 5.07
C MET B 22 -2.97 -35.05 5.63
N GLY B 23 -2.35 -35.90 4.83
CA GLY B 23 -2.09 -37.27 5.24
C GLY B 23 -3.37 -38.08 5.37
N ASP B 24 -3.47 -38.82 6.46
CA ASP B 24 -4.64 -39.66 6.75
C ASP B 24 -5.83 -38.87 7.33
N GLY B 25 -5.58 -37.63 7.74
CA GLY B 25 -6.60 -36.84 8.42
C GLY B 25 -7.62 -36.30 7.45
N ASP B 26 -8.65 -35.64 7.97
CA ASP B 26 -9.68 -35.08 7.08
C ASP B 26 -9.65 -33.56 6.95
N TYR B 27 -8.69 -32.91 7.62
CA TYR B 27 -8.41 -31.48 7.42
C TYR B 27 -6.97 -31.12 7.86
N GLY B 28 -6.52 -29.91 7.56
CA GLY B 28 -5.33 -29.36 8.18
C GLY B 28 -4.05 -29.99 7.69
N ILE B 29 -3.05 -30.06 8.56
CA ILE B 29 -1.72 -30.52 8.21
C ILE B 29 -1.22 -31.59 9.17
N ASP B 30 -0.72 -32.68 8.62
CA ASP B 30 -0.15 -33.77 9.38
C ASP B 30 1.33 -33.45 9.49
N PRO B 31 1.79 -33.10 10.70
CA PRO B 31 3.18 -32.67 10.90
C PRO B 31 4.23 -33.65 10.34
N LYS B 32 3.93 -34.94 10.35
CA LYS B 32 4.83 -35.94 9.76
C LYS B 32 4.87 -35.89 8.23
N VAL B 33 3.73 -35.60 7.60
CA VAL B 33 3.67 -35.45 6.17
C VAL B 33 4.45 -34.21 5.73
N ILE B 34 4.22 -33.09 6.40
CA ILE B 34 4.92 -31.86 5.99
C ILE B 34 6.43 -31.94 6.23
N ASN B 35 6.82 -32.71 7.24
CA ASN B 35 8.21 -33.00 7.50
C ASN B 35 8.91 -33.80 6.37
N ARG B 36 8.27 -34.88 5.91
CA ARG B 36 8.76 -35.65 4.77
C ARG B 36 8.87 -34.81 3.50
N LEU B 37 7.85 -33.97 3.28
CA LEU B 37 7.84 -33.07 2.13
C LEU B 37 9.03 -32.13 2.17
N ALA B 38 9.24 -31.49 3.32
CA ALA B 38 10.37 -30.60 3.56
C ALA B 38 11.70 -31.30 3.30
N HIS B 39 11.81 -32.53 3.77
CA HIS B 39 13.03 -33.32 3.59
C HIS B 39 13.33 -33.55 2.12
N GLU B 40 12.31 -33.97 1.37
CA GLU B 40 12.45 -34.14 -0.07
C GLU B 40 12.87 -32.85 -0.79
N VAL B 41 12.30 -31.72 -0.37
CA VAL B 41 12.60 -30.45 -1.03
C VAL B 41 14.06 -30.04 -0.78
N ILE B 42 14.49 -30.13 0.48
CA ILE B 42 15.88 -29.85 0.82
C ILE B 42 16.84 -30.77 0.07
N GLU B 43 16.51 -32.04 -0.03
CA GLU B 43 17.37 -32.94 -0.77
C GLU B 43 17.60 -32.40 -2.19
N ALA B 44 16.52 -32.03 -2.86
CA ALA B 44 16.57 -31.45 -4.21
C ALA B 44 17.46 -30.21 -4.26
N GLN B 45 17.20 -29.29 -3.34
CA GLN B 45 17.97 -28.07 -3.25
C GLN B 45 19.47 -28.30 -2.99
N GLN B 46 19.80 -29.29 -2.16
CA GLN B 46 21.20 -29.60 -1.87
C GLN B 46 21.92 -30.27 -3.04
N ALA B 47 21.19 -30.98 -3.89
CA ALA B 47 21.75 -31.48 -5.15
C ALA B 47 21.99 -30.35 -6.17
N GLY B 48 21.63 -29.12 -5.81
CA GLY B 48 21.93 -27.98 -6.67
C GLY B 48 20.74 -27.38 -7.42
N ALA B 49 19.56 -27.97 -7.27
CA ALA B 49 18.36 -27.43 -7.91
C ALA B 49 17.94 -26.15 -7.22
N GLN B 50 17.39 -25.25 -8.03
CA GLN B 50 16.72 -24.04 -7.56
C GLN B 50 15.24 -24.36 -7.53
N VAL B 51 14.66 -24.38 -6.34
CA VAL B 51 13.31 -24.87 -6.21
C VAL B 51 12.30 -23.83 -5.73
N ALA B 52 11.20 -23.78 -6.46
CA ALA B 52 10.02 -23.02 -6.14
C ALA B 52 8.87 -23.97 -5.86
N LEU B 53 8.04 -23.61 -4.88
CA LEU B 53 6.90 -24.39 -4.47
C LEU B 53 5.56 -23.63 -4.58
N VAL B 54 4.54 -24.36 -4.97
CA VAL B 54 3.19 -23.84 -4.96
C VAL B 54 2.36 -24.92 -4.37
N ILE B 55 1.64 -24.62 -3.29
CA ILE B 55 0.80 -25.62 -2.64
C ILE B 55 -0.64 -25.12 -2.63
N GLY B 56 -1.59 -25.98 -2.98
CA GLY B 56 -3.01 -25.61 -2.97
C GLY B 56 -3.56 -25.43 -1.57
N GLY B 57 -4.87 -25.16 -1.48
CA GLY B 57 -5.55 -24.91 -0.21
C GLY B 57 -6.66 -25.87 0.15
N GLY B 58 -6.84 -26.97 -0.59
CA GLY B 58 -7.98 -27.90 -0.40
C GLY B 58 -8.04 -28.66 0.93
N ASN B 59 -6.93 -28.70 1.66
CA ASN B 59 -6.87 -29.29 2.99
C ASN B 59 -7.49 -28.36 4.06
N ILE B 60 -7.62 -27.09 3.73
CA ILE B 60 -8.19 -26.10 4.66
C ILE B 60 -9.53 -25.60 4.16
N PHE B 61 -9.58 -25.26 2.87
CA PHE B 61 -10.80 -24.76 2.27
C PHE B 61 -11.60 -25.98 1.87
N ARG B 62 -12.27 -26.57 2.85
CA ARG B 62 -12.99 -27.82 2.63
C ARG B 62 -14.18 -27.97 3.56
N GLY B 63 -15.01 -28.97 3.25
CA GLY B 63 -16.23 -29.19 4.01
C GLY B 63 -17.40 -28.37 3.47
N ALA B 64 -18.59 -28.78 3.90
CA ALA B 64 -19.84 -28.23 3.41
C ALA B 64 -20.00 -26.73 3.73
N GLY B 65 -19.41 -26.30 4.83
CA GLY B 65 -19.56 -24.93 5.31
C GLY B 65 -18.57 -23.95 4.75
N LEU B 66 -17.40 -24.44 4.35
CA LEU B 66 -16.37 -23.58 3.75
C LEU B 66 -16.44 -23.65 2.24
N ALA B 67 -16.26 -24.85 1.70
CA ALA B 67 -16.41 -25.05 0.27
C ALA B 67 -17.89 -25.38 -0.01
N ALA B 68 -18.75 -24.47 0.44
CA ALA B 68 -20.19 -24.58 0.24
C ALA B 68 -20.46 -24.74 -1.24
N SER B 69 -21.25 -25.76 -1.56
CA SER B 69 -21.56 -26.12 -2.93
C SER B 69 -22.25 -25.01 -3.73
N GLY B 70 -22.68 -23.95 -3.06
CA GLY B 70 -23.39 -22.87 -3.76
C GLY B 70 -23.02 -21.45 -3.38
N MET B 71 -21.85 -21.29 -2.74
CA MET B 71 -21.38 -19.98 -2.30
C MET B 71 -20.93 -19.10 -3.48
N ASP B 72 -20.75 -17.81 -3.23
CA ASP B 72 -20.20 -16.94 -4.24
C ASP B 72 -18.79 -17.38 -4.62
N ARG B 73 -18.57 -17.54 -5.91
CA ARG B 73 -17.29 -18.06 -6.39
C ARG B 73 -16.11 -17.17 -6.00
N VAL B 74 -16.25 -15.86 -6.16
CA VAL B 74 -15.17 -14.95 -5.79
C VAL B 74 -14.79 -15.14 -4.30
N THR B 75 -15.81 -15.25 -3.45
CA THR B 75 -15.60 -15.47 -2.03
C THR B 75 -14.90 -16.80 -1.75
N GLY B 76 -15.32 -17.86 -2.42
CA GLY B 76 -14.64 -19.16 -2.31
C GLY B 76 -13.16 -19.10 -2.71
N ASP B 77 -12.91 -18.44 -3.84
CA ASP B 77 -11.54 -18.31 -4.36
C ASP B 77 -10.66 -17.52 -3.42
N HIS B 78 -11.23 -16.47 -2.81
CA HIS B 78 -10.50 -15.67 -1.81
C HIS B 78 -10.15 -16.53 -0.61
N MET B 79 -11.13 -17.33 -0.16
CA MET B 79 -10.92 -18.28 0.95
C MET B 79 -9.79 -19.26 0.63
N GLY B 80 -9.79 -19.81 -0.58
CA GLY B 80 -8.75 -20.71 -1.01
C GLY B 80 -7.40 -20.01 -0.99
N MET B 81 -7.35 -18.78 -1.49
CA MET B 81 -6.11 -18.01 -1.51
C MET B 81 -5.55 -17.89 -0.10
N LEU B 82 -6.38 -17.55 0.86
CA LEU B 82 -5.90 -17.40 2.23
C LEU B 82 -5.39 -18.73 2.81
N ALA B 83 -6.07 -19.84 2.45
CA ALA B 83 -5.66 -21.22 2.89
C ALA B 83 -4.26 -21.51 2.40
N THR B 84 -4.01 -21.10 1.17
CA THR B 84 -2.74 -21.24 0.46
C THR B 84 -1.61 -20.48 1.21
N VAL B 85 -1.91 -19.29 1.73
CA VAL B 85 -0.96 -18.58 2.58
C VAL B 85 -0.68 -19.30 3.92
N ILE B 86 -1.72 -19.85 4.54
CA ILE B 86 -1.52 -20.62 5.78
C ILE B 86 -0.60 -21.81 5.56
N ASN B 87 -0.82 -22.54 4.46
CA ASN B 87 0.03 -23.66 4.11
C ASN B 87 1.44 -23.21 3.80
N ALA B 88 1.57 -22.08 3.12
CA ALA B 88 2.92 -21.61 2.79
C ALA B 88 3.72 -21.31 4.08
N LEU B 89 3.07 -20.70 5.07
CA LEU B 89 3.70 -20.38 6.32
C LEU B 89 4.15 -21.64 7.04
N ALA B 90 3.31 -22.67 6.97
CA ALA B 90 3.63 -23.91 7.66
C ALA B 90 4.74 -24.61 6.88
N MET B 91 4.75 -24.47 5.56
CA MET B 91 5.86 -25.05 4.78
C MET B 91 7.16 -24.33 5.09
N GLN B 92 7.08 -23.02 5.24
CA GLN B 92 8.25 -22.22 5.54
C GLN B 92 8.87 -22.64 6.86
N ASP B 93 8.02 -22.83 7.86
CA ASP B 93 8.44 -23.27 9.20
C ASP B 93 9.17 -24.63 9.20
N ALA B 94 8.55 -25.64 8.60
CA ALA B 94 9.14 -26.96 8.50
C ALA B 94 10.51 -26.93 7.79
N LEU B 95 10.61 -26.18 6.70
CA LEU B 95 11.87 -26.07 5.97
C LEU B 95 12.96 -25.41 6.81
N GLU B 96 12.62 -24.30 7.45
CA GLU B 96 13.56 -23.54 8.26
C GLU B 96 14.09 -24.34 9.46
N LYS B 97 13.23 -25.19 10.04
CA LYS B 97 13.64 -26.08 11.13
C LYS B 97 14.69 -27.09 10.67
N LEU B 98 14.78 -27.27 9.36
CA LEU B 98 15.70 -28.20 8.80
C LEU B 98 16.94 -27.49 8.28
N GLY B 99 17.06 -26.20 8.54
CA GLY B 99 18.22 -25.45 8.08
C GLY B 99 18.06 -24.76 6.74
N ALA B 100 16.93 -24.96 6.07
CA ALA B 100 16.71 -24.34 4.75
C ALA B 100 16.45 -22.85 4.85
N LYS B 101 16.90 -22.10 3.85
CA LYS B 101 16.53 -20.69 3.68
C LYS B 101 15.30 -20.58 2.78
N VAL B 102 14.30 -19.82 3.20
CA VAL B 102 13.08 -19.75 2.44
C VAL B 102 12.41 -18.39 2.43
N ARG B 103 11.78 -18.08 1.30
CA ARG B 103 11.09 -16.82 1.14
C ARG B 103 9.70 -17.14 0.62
N VAL B 104 8.68 -16.65 1.31
CA VAL B 104 7.30 -16.78 0.88
C VAL B 104 6.83 -15.54 0.15
N MET B 105 6.42 -15.69 -1.11
CA MET B 105 5.89 -14.57 -1.86
C MET B 105 4.44 -14.90 -2.25
N SER B 106 3.58 -13.86 -2.25
CA SER B 106 2.14 -13.99 -2.52
C SER B 106 1.64 -13.07 -3.63
N ALA B 107 0.64 -13.53 -4.37
CA ALA B 107 0.03 -12.72 -5.40
C ALA B 107 -0.72 -11.55 -4.76
N ILE B 108 -1.08 -11.73 -3.49
CA ILE B 108 -1.68 -10.66 -2.72
C ILE B 108 -0.85 -10.43 -1.47
N LYS B 109 -0.35 -9.22 -1.30
CA LYS B 109 0.55 -8.94 -0.19
C LYS B 109 -0.19 -8.83 1.14
N ILE B 110 0.48 -9.31 2.18
CA ILE B 110 -0.03 -9.32 3.53
C ILE B 110 1.17 -9.06 4.42
N ASN B 111 1.18 -7.92 5.07
CA ASN B 111 2.35 -7.46 5.83
C ASN B 111 2.90 -8.41 6.91
N ASP B 112 4.20 -8.66 6.83
CA ASP B 112 4.89 -9.41 7.86
C ASP B 112 4.45 -10.87 7.86
N VAL B 113 3.55 -11.25 6.95
CA VAL B 113 3.29 -12.67 6.76
C VAL B 113 3.85 -13.20 5.46
N CYS B 114 3.86 -12.35 4.42
CA CYS B 114 4.39 -12.76 3.13
C CYS B 114 4.61 -11.56 2.23
N GLU B 115 5.75 -11.54 1.54
CA GLU B 115 6.06 -10.45 0.63
C GLU B 115 5.23 -10.56 -0.67
N ASP B 116 5.18 -9.49 -1.44
CA ASP B 116 4.49 -9.53 -2.71
C ASP B 116 5.43 -10.20 -3.69
N PHE B 117 4.87 -10.82 -4.72
CA PHE B 117 5.72 -11.40 -5.73
C PHE B 117 6.39 -10.30 -6.53
N ILE B 118 7.69 -10.42 -6.72
CA ILE B 118 8.41 -9.54 -7.62
C ILE B 118 9.36 -10.44 -8.36
N ARG B 119 9.13 -10.55 -9.66
CA ARG B 119 9.84 -11.49 -10.50
C ARG B 119 11.34 -11.41 -10.31
N ARG B 120 11.85 -10.19 -10.41
CA ARG B 120 13.29 -9.97 -10.26
C ARG B 120 13.85 -10.44 -8.91
N ARG B 121 13.12 -10.19 -7.83
CA ARG B 121 13.55 -10.60 -6.49
C ARG B 121 13.44 -12.12 -6.29
N ALA B 122 12.35 -12.70 -6.79
CA ALA B 122 12.15 -14.16 -6.80
C ALA B 122 13.36 -14.85 -7.40
N ILE B 123 13.80 -14.39 -8.56
CA ILE B 123 14.87 -15.06 -9.28
C ILE B 123 16.17 -14.98 -8.50
N ARG B 124 16.42 -13.84 -7.88
CA ARG B 124 17.66 -13.71 -7.15
C ARG B 124 17.62 -14.48 -5.83
N HIS B 125 16.43 -14.65 -5.25
CA HIS B 125 16.28 -15.57 -4.11
C HIS B 125 16.74 -16.98 -4.51
N LEU B 126 16.30 -17.45 -5.67
CA LEU B 126 16.71 -18.77 -6.15
C LEU B 126 18.23 -18.87 -6.40
N GLU B 127 18.83 -17.80 -6.91
CA GLU B 127 20.25 -17.84 -7.24
C GLU B 127 21.09 -17.84 -5.96
N LYS B 128 20.48 -17.37 -4.88
CA LYS B 128 21.13 -17.37 -3.57
C LYS B 128 20.86 -18.67 -2.83
N GLY B 129 20.22 -19.62 -3.50
CA GLY B 129 19.94 -20.92 -2.89
C GLY B 129 18.74 -20.95 -1.96
N ARG B 130 17.88 -19.94 -2.05
CA ARG B 130 16.68 -19.95 -1.23
C ARG B 130 15.54 -20.64 -1.95
N ILE B 131 14.73 -21.33 -1.17
CA ILE B 131 13.55 -21.96 -1.66
C ILE B 131 12.44 -20.91 -1.65
N ALA B 132 11.78 -20.76 -2.81
CA ALA B 132 10.69 -19.79 -2.98
C ALA B 132 9.35 -20.47 -2.84
N ILE B 133 8.47 -19.92 -2.02
CA ILE B 133 7.18 -20.49 -1.88
C ILE B 133 6.18 -19.45 -2.36
N PHE B 134 5.36 -19.83 -3.35
CA PHE B 134 4.36 -18.90 -3.88
C PHE B 134 2.98 -19.20 -3.35
N ALA B 135 2.30 -18.19 -2.83
CA ALA B 135 0.94 -18.36 -2.32
C ALA B 135 -0.07 -17.53 -3.13
N ALA B 136 -1.33 -17.98 -3.17
CA ALA B 136 -2.46 -17.19 -3.66
C ALA B 136 -2.64 -17.12 -5.19
N GLY B 137 -1.99 -18.02 -5.91
CA GLY B 137 -2.25 -18.16 -7.35
C GLY B 137 -1.88 -16.93 -8.16
N THR B 138 -2.81 -16.55 -9.04
CA THR B 138 -2.62 -15.41 -9.91
C THR B 138 -3.05 -14.15 -9.17
N GLY B 139 -3.65 -14.30 -8.00
CA GLY B 139 -4.31 -13.19 -7.30
C GLY B 139 -5.73 -12.89 -7.80
N ASN B 140 -6.25 -13.68 -8.72
CA ASN B 140 -7.54 -13.40 -9.36
C ASN B 140 -8.46 -14.56 -9.07
N PRO B 141 -9.74 -14.28 -8.84
CA PRO B 141 -10.68 -15.38 -8.72
C PRO B 141 -10.92 -15.98 -10.11
N PHE B 142 -11.50 -17.16 -10.16
CA PHE B 142 -11.83 -17.80 -11.43
C PHE B 142 -10.57 -18.37 -12.09
N PHE B 143 -9.46 -18.30 -11.36
CA PHE B 143 -8.20 -18.92 -11.74
C PHE B 143 -7.81 -19.99 -10.73
N THR B 144 -7.29 -21.07 -11.27
CA THR B 144 -7.01 -22.28 -10.59
C THR B 144 -5.57 -22.25 -10.05
N THR B 145 -5.26 -23.09 -9.06
CA THR B 145 -3.93 -23.19 -8.49
C THR B 145 -2.93 -23.59 -9.59
N ASP B 146 -3.36 -24.48 -10.49
CA ASP B 146 -2.58 -24.86 -11.66
C ASP B 146 -2.15 -23.63 -12.49
N SER B 147 -3.09 -22.72 -12.76
CA SER B 147 -2.77 -21.48 -13.46
C SER B 147 -1.70 -20.65 -12.74
N GLY B 148 -1.83 -20.46 -11.42
CA GLY B 148 -0.83 -19.73 -10.71
C GLY B 148 0.52 -20.41 -10.84
N ALA B 149 0.52 -21.75 -10.77
CA ALA B 149 1.76 -22.53 -10.86
C ALA B 149 2.45 -22.35 -12.23
N ALA B 150 1.69 -22.45 -13.31
CA ALA B 150 2.22 -22.26 -14.65
C ALA B 150 2.77 -20.85 -14.84
N LEU B 151 2.03 -19.86 -14.36
CA LEU B 151 2.43 -18.45 -14.45
C LEU B 151 3.76 -18.17 -13.75
N ARG B 152 3.85 -18.65 -12.51
CA ARG B 152 5.05 -18.48 -11.71
C ARG B 152 6.23 -19.21 -12.32
N ALA B 153 5.99 -20.44 -12.79
CA ALA B 153 7.02 -21.20 -13.53
C ALA B 153 7.59 -20.41 -14.71
N ILE B 154 6.70 -19.83 -15.52
CA ILE B 154 7.13 -19.06 -16.67
C ILE B 154 7.89 -17.81 -16.23
N GLU B 155 7.35 -17.11 -15.24
CA GLU B 155 7.93 -15.85 -14.75
C GLU B 155 9.34 -16.03 -14.18
N ILE B 156 9.56 -17.14 -13.48
CA ILE B 156 10.90 -17.46 -13.00
C ILE B 156 11.79 -18.18 -14.02
N GLY B 157 11.25 -18.53 -15.19
CA GLY B 157 12.06 -19.26 -16.16
C GLY B 157 12.38 -20.67 -15.70
N ALA B 158 11.43 -21.33 -15.08
CA ALA B 158 11.63 -22.74 -14.70
C ALA B 158 11.91 -23.62 -15.92
N ASP B 159 12.79 -24.61 -15.76
CA ASP B 159 13.08 -25.58 -16.81
C ASP B 159 12.07 -26.69 -16.81
N LEU B 160 11.31 -26.80 -15.73
CA LEU B 160 10.37 -27.92 -15.55
C LEU B 160 9.25 -27.52 -14.57
N LEU B 161 8.02 -27.85 -14.93
CA LEU B 161 6.89 -27.68 -14.06
C LEU B 161 6.50 -29.08 -13.65
N LEU B 162 6.42 -29.33 -12.36
CA LEU B 162 6.06 -30.64 -11.86
C LEU B 162 4.75 -30.56 -11.13
N LYS B 163 3.83 -31.46 -11.46
CA LYS B 163 2.56 -31.52 -10.75
C LYS B 163 2.42 -32.87 -10.03
N ALA B 164 2.42 -32.81 -8.71
CA ALA B 164 2.38 -34.00 -7.91
C ALA B 164 0.93 -34.34 -7.65
N THR B 165 0.55 -35.54 -8.08
CA THR B 165 -0.82 -36.02 -7.94
C THR B 165 -0.82 -37.37 -7.20
N LYS B 166 -2.00 -37.78 -6.72
CA LYS B 166 -2.15 -39.09 -6.08
C LYS B 166 -1.75 -40.23 -7.01
N VAL B 167 -2.28 -40.20 -8.23
CA VAL B 167 -1.92 -41.16 -9.25
C VAL B 167 -0.55 -40.82 -9.86
N ASP B 168 0.30 -41.82 -10.04
CA ASP B 168 1.66 -41.58 -10.55
C ASP B 168 1.75 -41.47 -12.07
N GLY B 169 1.27 -40.35 -12.61
CA GLY B 169 1.29 -40.14 -14.05
C GLY B 169 -0.09 -40.07 -14.67
N VAL B 170 -0.13 -39.95 -16.00
CA VAL B 170 -1.37 -39.84 -16.74
C VAL B 170 -1.72 -41.22 -17.31
N TYR B 171 -2.90 -41.72 -16.96
CA TYR B 171 -3.34 -43.04 -17.40
C TYR B 171 -4.47 -42.94 -18.43
N ASP B 172 -4.47 -43.89 -19.36
CA ASP B 172 -5.49 -43.97 -20.39
C ASP B 172 -6.61 -44.87 -19.89
N LYS B 173 -7.18 -44.52 -18.75
CA LYS B 173 -8.27 -45.29 -18.14
C LYS B 173 -8.52 -44.91 -16.69
N ASP B 174 -7.57 -45.25 -15.82
CA ASP B 174 -7.64 -44.95 -14.38
C ASP B 174 -7.39 -46.20 -13.51
N PRO B 175 -6.16 -46.32 -12.98
CA PRO B 175 -5.56 -47.53 -12.41
C PRO B 175 -6.16 -48.03 -11.10
N LYS B 176 -7.01 -47.24 -10.47
CA LYS B 176 -7.55 -47.63 -9.17
C LYS B 176 -8.82 -48.47 -9.34
N LYS B 177 -9.60 -48.10 -10.37
CA LYS B 177 -10.89 -48.72 -10.63
C LYS B 177 -10.88 -49.26 -12.07
N HIS B 178 -9.85 -50.05 -12.37
CA HIS B 178 -9.64 -50.65 -13.70
C HIS B 178 -8.36 -51.46 -13.71
N SER B 179 -8.41 -52.59 -14.41
CA SER B 179 -7.33 -53.57 -14.41
C SER B 179 -6.24 -53.17 -15.40
N ASP B 180 -6.65 -53.03 -16.67
CA ASP B 180 -5.69 -52.77 -17.74
C ASP B 180 -5.58 -51.29 -18.06
N ALA B 181 -5.40 -50.47 -17.03
CA ALA B 181 -5.08 -49.08 -17.24
C ALA B 181 -3.64 -48.99 -17.75
N VAL B 182 -3.41 -48.19 -18.79
CA VAL B 182 -2.06 -47.95 -19.26
C VAL B 182 -1.58 -46.50 -18.97
N ARG B 183 -0.39 -46.39 -18.40
CA ARG B 183 0.24 -45.10 -18.13
C ARG B 183 1.00 -44.65 -19.36
N TYR B 184 0.92 -43.36 -19.67
CA TYR B 184 1.72 -42.80 -20.73
C TYR B 184 3.09 -42.36 -20.24
N ASP B 185 4.10 -42.57 -21.07
CA ASP B 185 5.45 -42.17 -20.73
C ASP B 185 5.55 -40.68 -21.01
N SER B 186 5.27 -40.31 -22.25
CA SER B 186 5.38 -38.95 -22.66
C SER B 186 4.33 -38.59 -23.70
N LEU B 187 3.73 -37.43 -23.52
CA LEU B 187 2.64 -36.98 -24.33
C LEU B 187 2.91 -35.55 -24.75
N THR B 188 2.44 -35.24 -25.95
CA THR B 188 2.44 -33.93 -26.52
C THR B 188 1.28 -33.17 -25.86
N TYR B 189 1.33 -31.84 -25.78
CA TYR B 189 0.18 -31.09 -25.26
C TYR B 189 -1.07 -31.45 -26.06
N ASP B 190 -0.91 -31.54 -27.38
CA ASP B 190 -1.99 -31.91 -28.28
C ASP B 190 -2.51 -33.34 -28.14
N GLU B 191 -1.62 -34.29 -27.87
CA GLU B 191 -2.06 -35.65 -27.57
C GLU B 191 -2.96 -35.71 -26.33
N VAL B 192 -2.63 -34.93 -25.31
CA VAL B 192 -3.46 -34.85 -24.10
C VAL B 192 -4.91 -34.50 -24.44
N ILE B 193 -5.08 -33.41 -25.18
CA ILE B 193 -6.39 -32.95 -25.60
C ILE B 193 -7.09 -33.94 -26.55
N MET B 194 -6.38 -34.39 -27.57
CA MET B 194 -6.95 -35.29 -28.57
C MET B 194 -7.49 -36.55 -27.95
N GLN B 195 -6.81 -37.03 -26.90
CA GLN B 195 -7.22 -38.24 -26.23
C GLN B 195 -8.19 -37.98 -25.07
N GLY B 196 -8.70 -36.77 -25.01
CA GLY B 196 -9.63 -36.36 -23.96
C GLY B 196 -9.09 -36.51 -22.54
N LEU B 197 -7.77 -36.46 -22.38
CA LEU B 197 -7.14 -36.68 -21.07
C LEU B 197 -7.24 -35.45 -20.17
N GLU B 198 -7.53 -35.70 -18.90
CA GLU B 198 -7.82 -34.65 -17.92
C GLU B 198 -6.62 -34.37 -17.06
N VAL B 199 -5.76 -33.45 -17.48
CA VAL B 199 -4.50 -33.23 -16.79
C VAL B 199 -4.46 -31.94 -15.97
N MET B 200 -5.14 -30.91 -16.46
CA MET B 200 -5.02 -29.55 -15.93
C MET B 200 -6.09 -28.77 -16.66
N ASP B 201 -6.67 -27.77 -16.02
CA ASP B 201 -7.75 -27.00 -16.63
C ASP B 201 -7.24 -26.29 -17.89
N THR B 202 -8.16 -26.13 -18.84
CA THR B 202 -7.89 -25.58 -20.16
C THR B 202 -7.01 -24.32 -20.11
N ALA B 203 -7.35 -23.33 -19.29
CA ALA B 203 -6.54 -22.09 -19.25
C ALA B 203 -5.12 -22.35 -18.76
N ALA B 204 -4.96 -23.10 -17.68
CA ALA B 204 -3.60 -23.37 -17.17
C ALA B 204 -2.76 -24.14 -18.21
N PHE B 205 -3.39 -25.13 -18.81
CA PHE B 205 -2.75 -26.01 -19.80
C PHE B 205 -2.26 -25.22 -21.00
N ALA B 206 -3.08 -24.28 -21.43
CA ALA B 206 -2.78 -23.39 -22.56
C ALA B 206 -1.63 -22.46 -22.22
N LEU B 207 -1.62 -21.95 -20.98
CA LEU B 207 -0.53 -21.09 -20.50
C LEU B 207 0.77 -21.89 -20.56
N ALA B 208 0.81 -23.06 -19.92
CA ALA B 208 1.97 -23.95 -19.97
C ALA B 208 2.41 -24.27 -21.41
N ARG B 209 1.46 -24.55 -22.27
CA ARG B 209 1.75 -24.87 -23.65
C ARG B 209 2.40 -23.72 -24.43
N ASP B 210 1.76 -22.54 -24.36
CA ASP B 210 2.22 -21.37 -25.09
C ASP B 210 3.59 -20.87 -24.64
N SER B 211 3.95 -21.19 -23.40
CA SER B 211 5.22 -20.81 -22.82
C SER B 211 6.32 -21.85 -22.95
N ASP B 212 6.03 -22.94 -23.68
CA ASP B 212 7.02 -23.98 -23.97
C ASP B 212 7.55 -24.65 -22.70
N LEU B 213 6.64 -24.99 -21.79
CA LEU B 213 7.03 -25.46 -20.46
C LEU B 213 6.82 -26.97 -20.38
N PRO B 214 7.91 -27.73 -20.17
CA PRO B 214 7.75 -29.17 -19.94
C PRO B 214 7.01 -29.42 -18.62
N LEU B 215 6.14 -30.41 -18.66
CA LEU B 215 5.26 -30.67 -17.55
C LEU B 215 5.37 -32.14 -17.17
N ARG B 216 5.77 -32.39 -15.94
CA ARG B 216 5.88 -33.73 -15.39
C ARG B 216 4.79 -33.97 -14.35
N ILE B 217 3.87 -34.89 -14.68
CA ILE B 217 2.84 -35.33 -13.75
C ILE B 217 3.26 -36.65 -13.15
N PHE B 218 3.21 -36.73 -11.82
CA PHE B 218 3.80 -37.90 -11.16
C PHE B 218 3.29 -37.99 -9.72
N GLY B 219 3.52 -39.14 -9.09
CA GLY B 219 3.23 -39.30 -7.67
C GLY B 219 4.47 -39.23 -6.82
N MET B 220 4.37 -38.58 -5.66
CA MET B 220 5.47 -38.61 -4.69
C MET B 220 5.34 -39.88 -3.83
N SER B 221 5.70 -41.01 -4.42
CA SER B 221 5.36 -42.33 -3.90
C SER B 221 6.35 -42.92 -2.88
N GLU B 222 7.58 -42.41 -2.87
CA GLU B 222 8.63 -42.89 -1.99
C GLU B 222 9.75 -41.84 -1.92
N PRO B 223 10.64 -41.95 -0.91
CA PRO B 223 11.72 -40.96 -0.76
C PRO B 223 12.69 -40.95 -1.96
N GLY B 224 13.19 -39.76 -2.31
CA GLY B 224 14.14 -39.58 -3.40
C GLY B 224 13.61 -39.50 -4.83
N VAL B 225 12.29 -39.50 -4.99
CA VAL B 225 11.69 -39.43 -6.34
C VAL B 225 12.04 -38.10 -7.04
N LEU B 226 11.91 -37.02 -6.29
CA LEU B 226 12.19 -35.71 -6.83
C LEU B 226 13.62 -35.64 -7.32
N LEU B 227 14.55 -36.15 -6.53
CA LEU B 227 15.93 -36.11 -6.88
C LEU B 227 16.19 -36.95 -8.15
N ARG B 228 15.60 -38.12 -8.22
CA ARG B 228 15.74 -38.92 -9.43
C ARG B 228 15.27 -38.16 -10.66
N ILE B 229 14.11 -37.52 -10.56
CA ILE B 229 13.57 -36.73 -11.65
C ILE B 229 14.53 -35.63 -12.07
N LEU B 230 15.13 -34.97 -11.08
CA LEU B 230 16.16 -33.99 -11.37
C LEU B 230 17.36 -34.56 -12.12
N HIS B 231 17.63 -35.87 -11.94
CA HIS B 231 18.70 -36.55 -12.68
C HIS B 231 18.17 -37.22 -13.95
N GLY B 232 17.01 -36.80 -14.42
CA GLY B 232 16.51 -37.24 -15.70
C GLY B 232 15.66 -38.49 -15.71
N ALA B 233 15.33 -39.03 -14.53
CA ALA B 233 14.50 -40.24 -14.48
C ALA B 233 13.10 -40.04 -15.04
N GLN B 234 12.55 -41.09 -15.65
CA GLN B 234 11.24 -41.03 -16.26
C GLN B 234 10.18 -41.60 -15.36
N ILE B 235 9.79 -40.81 -14.37
CA ILE B 235 8.77 -41.21 -13.43
C ILE B 235 7.46 -40.45 -13.69
N GLY B 236 6.35 -41.19 -13.73
CA GLY B 236 5.07 -40.63 -14.13
C GLY B 236 5.04 -40.33 -15.62
N THR B 237 4.55 -39.14 -15.98
CA THR B 237 4.33 -38.78 -17.38
C THR B 237 4.92 -37.41 -17.70
N LEU B 238 5.60 -37.31 -18.83
CA LEU B 238 6.07 -36.02 -19.33
C LEU B 238 5.10 -35.52 -20.43
N VAL B 239 4.60 -34.31 -20.24
CA VAL B 239 3.90 -33.59 -21.29
C VAL B 239 4.84 -32.53 -21.84
N GLN B 240 5.15 -32.63 -23.13
CA GLN B 240 6.09 -31.74 -23.76
C GLN B 240 5.87 -31.69 -25.27
N GLY B 241 6.09 -30.52 -25.87
CA GLY B 241 5.98 -30.37 -27.31
C GLY B 241 4.55 -30.41 -27.80
N ARG B 242 4.39 -30.38 -29.11
CA ARG B 242 3.08 -30.26 -29.74
C ARG B 242 2.85 -31.25 -30.89
N SER B 243 1.61 -31.25 -31.38
CA SER B 243 1.04 -32.13 -32.41
C SER B 243 0.86 -33.57 -31.94
N GLU C 6 42.16 11.44 -11.89
CA GLU C 6 41.34 10.71 -12.92
C GLU C 6 39.91 11.23 -13.05
N LEU C 7 39.07 10.92 -12.05
CA LEU C 7 37.62 11.20 -12.10
C LEU C 7 37.26 12.53 -11.41
N SER C 8 36.73 13.48 -12.18
CA SER C 8 36.40 14.79 -11.63
C SER C 8 35.02 14.81 -10.97
N TYR C 9 34.18 13.82 -11.28
CA TYR C 9 32.87 13.67 -10.67
C TYR C 9 32.58 12.22 -10.43
N ARG C 10 32.29 11.83 -9.19
CA ARG C 10 32.08 10.41 -8.91
C ARG C 10 30.63 9.96 -8.93
N ARG C 11 29.71 10.85 -8.57
CA ARG C 11 28.32 10.54 -8.59
C ARG C 11 27.56 11.53 -9.46
N ILE C 12 26.99 11.07 -10.55
CA ILE C 12 26.29 11.97 -11.45
C ILE C 12 24.86 11.55 -11.73
N LEU C 13 24.05 12.51 -12.15
CA LEU C 13 22.71 12.26 -12.63
C LEU C 13 22.56 12.82 -14.03
N LEU C 14 22.29 11.95 -14.99
CA LEU C 14 22.16 12.38 -16.37
C LEU C 14 20.67 12.49 -16.72
N LYS C 15 20.25 13.68 -17.16
CA LYS C 15 18.88 13.92 -17.53
C LYS C 15 18.71 14.10 -19.03
N LEU C 16 17.79 13.33 -19.61
CA LEU C 16 17.53 13.41 -21.03
C LEU C 16 16.05 13.68 -21.25
N SER C 17 15.71 14.27 -22.38
CA SER C 17 14.31 14.36 -22.74
C SER C 17 13.92 13.07 -23.45
N GLY C 18 12.63 12.77 -23.47
CA GLY C 18 12.17 11.51 -24.02
C GLY C 18 12.42 11.41 -25.50
N GLU C 19 12.32 12.56 -26.18
CA GLU C 19 12.62 12.65 -27.62
C GLU C 19 14.01 12.12 -27.94
N ALA C 20 14.92 12.21 -26.98
CA ALA C 20 16.30 11.75 -27.19
C ALA C 20 16.39 10.28 -27.53
N LEU C 21 15.32 9.51 -27.25
CA LEU C 21 15.30 8.10 -27.62
C LEU C 21 14.60 7.82 -28.96
N MET C 22 13.92 8.83 -29.51
CA MET C 22 13.13 8.64 -30.74
C MET C 22 13.96 8.49 -31.99
N GLY C 23 15.11 9.15 -32.02
CA GLY C 23 15.90 9.22 -33.26
C GLY C 23 15.15 10.04 -34.27
N ASP C 24 15.12 9.57 -35.51
CA ASP C 24 14.40 10.27 -36.60
C ASP C 24 12.91 9.86 -36.72
N GLY C 25 12.48 8.93 -35.87
CA GLY C 25 11.09 8.49 -35.86
C GLY C 25 10.17 9.58 -35.33
N ASP C 26 8.86 9.34 -35.43
CA ASP C 26 7.87 10.31 -34.96
C ASP C 26 7.33 9.98 -33.56
N TYR C 27 7.64 8.78 -33.08
CA TYR C 27 7.21 8.38 -31.76
C TYR C 27 8.05 7.23 -31.21
N GLY C 28 7.89 6.98 -29.91
CA GLY C 28 8.48 5.78 -29.33
C GLY C 28 9.98 5.85 -29.22
N ILE C 29 10.63 4.74 -29.53
CA ILE C 29 12.05 4.56 -29.28
C ILE C 29 12.74 3.92 -30.48
N ASP C 30 13.87 4.50 -30.87
CA ASP C 30 14.70 3.92 -31.92
C ASP C 30 15.69 3.00 -31.23
N PRO C 31 15.63 1.70 -31.53
CA PRO C 31 16.52 0.71 -30.90
C PRO C 31 18.02 1.01 -31.05
N LYS C 32 18.46 1.48 -32.22
CA LYS C 32 19.89 1.84 -32.40
C LYS C 32 20.31 2.97 -31.48
N VAL C 33 19.44 3.96 -31.32
CA VAL C 33 19.72 5.15 -30.52
C VAL C 33 19.79 4.82 -29.05
N ILE C 34 18.88 3.94 -28.61
CA ILE C 34 18.82 3.58 -27.21
C ILE C 34 19.98 2.63 -26.86
N ASN C 35 20.46 1.88 -27.85
CA ASN C 35 21.60 1.01 -27.66
C ASN C 35 22.91 1.79 -27.55
N ARG C 36 23.02 2.90 -28.27
CA ARG C 36 24.19 3.77 -28.16
C ARG C 36 24.25 4.48 -26.81
N LEU C 37 23.10 4.95 -26.34
CA LEU C 37 23.04 5.63 -25.05
C LEU C 37 23.37 4.64 -23.93
N ALA C 38 22.87 3.42 -24.05
CA ALA C 38 23.22 2.39 -23.08
C ALA C 38 24.75 2.17 -22.98
N HIS C 39 25.44 2.08 -24.11
CA HIS C 39 26.90 1.97 -24.09
C HIS C 39 27.56 3.17 -23.44
N GLU C 40 27.15 4.34 -23.88
CA GLU C 40 27.58 5.60 -23.33
C GLU C 40 27.44 5.62 -21.78
N VAL C 41 26.34 5.10 -21.26
CA VAL C 41 26.09 5.00 -19.81
C VAL C 41 26.99 3.96 -19.12
N ILE C 42 27.09 2.78 -19.73
CA ILE C 42 27.92 1.72 -19.19
C ILE C 42 29.39 2.10 -19.20
N GLU C 43 29.80 2.84 -20.22
CA GLU C 43 31.16 3.36 -20.31
C GLU C 43 31.49 4.23 -19.09
N ALA C 44 30.59 5.15 -18.74
CA ALA C 44 30.71 5.97 -17.53
C ALA C 44 30.84 5.11 -16.28
N GLN C 45 29.93 4.15 -16.14
CA GLN C 45 29.91 3.23 -15.00
C GLN C 45 31.23 2.50 -14.83
N GLN C 46 31.78 2.03 -15.95
CA GLN C 46 33.03 1.27 -15.92
C GLN C 46 34.22 2.18 -15.61
N ALA C 47 34.09 3.47 -15.92
CA ALA C 47 35.09 4.44 -15.49
C ALA C 47 35.08 4.65 -13.97
N GLY C 48 34.07 4.13 -13.29
CA GLY C 48 34.02 4.27 -11.83
C GLY C 48 32.93 5.22 -11.34
N ALA C 49 32.26 5.88 -12.28
CA ALA C 49 31.17 6.79 -11.95
C ALA C 49 29.96 6.03 -11.42
N GLN C 50 29.32 6.62 -10.42
CA GLN C 50 28.02 6.17 -9.96
C GLN C 50 26.99 6.96 -10.74
N VAL C 51 26.19 6.26 -11.55
CA VAL C 51 25.32 6.91 -12.54
C VAL C 51 23.83 6.71 -12.29
N ALA C 52 23.12 7.83 -12.25
CA ALA C 52 21.69 7.87 -12.15
C ALA C 52 21.17 8.51 -13.43
N LEU C 53 19.98 8.08 -13.87
CA LEU C 53 19.36 8.58 -15.09
C LEU C 53 17.92 9.03 -14.87
N VAL C 54 17.57 10.14 -15.49
CA VAL C 54 16.18 10.58 -15.56
C VAL C 54 15.90 10.88 -17.01
N ILE C 55 14.83 10.29 -17.53
CA ILE C 55 14.45 10.46 -18.92
C ILE C 55 12.99 10.90 -19.00
N GLY C 56 12.73 11.95 -19.77
CA GLY C 56 11.38 12.46 -19.94
C GLY C 56 10.48 11.57 -20.78
N GLY C 57 9.24 11.99 -20.98
CA GLY C 57 8.28 11.13 -21.65
C GLY C 57 7.74 11.57 -22.99
N GLY C 58 8.24 12.70 -23.49
CA GLY C 58 7.70 13.37 -24.66
C GLY C 58 7.72 12.55 -25.93
N ASN C 59 8.51 11.47 -25.94
CA ASN C 59 8.53 10.55 -27.09
C ASN C 59 7.28 9.68 -27.15
N ILE C 60 6.58 9.59 -26.02
CA ILE C 60 5.42 8.74 -25.90
C ILE C 60 4.18 9.60 -25.70
N PHE C 61 4.26 10.52 -24.76
CA PHE C 61 3.11 11.37 -24.48
C PHE C 61 3.17 12.50 -25.48
N ARG C 62 2.58 12.24 -26.65
CA ARG C 62 2.56 13.21 -27.74
C ARG C 62 1.41 12.94 -28.71
N GLY C 63 1.16 13.91 -29.58
CA GLY C 63 0.04 13.90 -30.50
C GLY C 63 -1.18 14.55 -29.87
N ALA C 64 -2.08 15.07 -30.70
CA ALA C 64 -3.22 15.85 -30.24
C ALA C 64 -4.13 15.05 -29.33
N GLY C 65 -4.11 13.73 -29.52
CA GLY C 65 -4.93 12.81 -28.76
C GLY C 65 -4.41 12.58 -27.37
N LEU C 66 -3.10 12.42 -27.24
CA LEU C 66 -2.46 12.20 -25.94
C LEU C 66 -2.08 13.52 -25.26
N ALA C 67 -1.18 14.28 -25.89
CA ALA C 67 -0.78 15.57 -25.35
C ALA C 67 -1.78 16.64 -25.82
N ALA C 68 -3.02 16.48 -25.41
CA ALA C 68 -4.09 17.38 -25.84
C ALA C 68 -3.89 18.77 -25.26
N SER C 69 -3.31 19.65 -26.07
CA SER C 69 -3.05 21.05 -25.71
C SER C 69 -3.99 21.56 -24.62
N GLY C 70 -5.27 21.18 -24.69
CA GLY C 70 -6.26 21.64 -23.73
C GLY C 70 -7.08 20.55 -23.05
N MET C 71 -6.39 19.62 -22.39
CA MET C 71 -7.04 18.63 -21.52
C MET C 71 -6.67 18.92 -20.08
N ASP C 72 -7.30 18.22 -19.14
CA ASP C 72 -6.96 18.43 -17.74
C ASP C 72 -5.45 18.25 -17.54
N ARG C 73 -4.84 19.26 -16.93
CA ARG C 73 -3.40 19.26 -16.74
C ARG C 73 -2.93 18.18 -15.76
N VAL C 74 -3.70 17.90 -14.71
CA VAL C 74 -3.30 16.86 -13.79
C VAL C 74 -3.26 15.53 -14.57
N THR C 75 -4.31 15.31 -15.37
CA THR C 75 -4.43 14.11 -16.18
C THR C 75 -3.26 13.91 -17.16
N GLY C 76 -2.90 14.96 -17.91
CA GLY C 76 -1.76 14.91 -18.84
C GLY C 76 -0.37 14.78 -18.20
N ASP C 77 -0.20 15.35 -17.02
CA ASP C 77 1.01 15.14 -16.25
C ASP C 77 1.09 13.70 -15.76
N HIS C 78 -0.03 13.14 -15.29
CA HIS C 78 -0.06 11.70 -14.97
C HIS C 78 0.27 10.84 -16.17
N MET C 79 -0.37 11.11 -17.30
CA MET C 79 -0.05 10.40 -18.54
C MET C 79 1.43 10.56 -18.85
N GLY C 80 2.00 11.73 -18.60
CA GLY C 80 3.47 11.89 -18.74
C GLY C 80 4.31 11.05 -17.81
N MET C 81 3.92 10.98 -16.54
CA MET C 81 4.67 10.20 -15.57
C MET C 81 4.71 8.74 -16.01
N LEU C 82 3.56 8.23 -16.47
CA LEU C 82 3.44 6.84 -16.95
C LEU C 82 4.38 6.53 -18.12
N ALA C 83 4.43 7.47 -19.08
CA ALA C 83 5.36 7.42 -20.20
C ALA C 83 6.79 7.29 -19.74
N THR C 84 7.19 8.03 -18.68
CA THR C 84 8.56 7.97 -18.22
C THR C 84 8.85 6.57 -17.70
N VAL C 85 7.81 5.90 -17.18
CA VAL C 85 8.01 4.59 -16.61
C VAL C 85 8.28 3.60 -17.74
N ILE C 86 7.56 3.75 -18.85
CA ILE C 86 7.77 2.87 -20.00
C ILE C 86 9.19 3.00 -20.56
N ASN C 87 9.65 4.24 -20.70
CA ASN C 87 11.00 4.53 -21.13
C ASN C 87 12.02 3.93 -20.15
N ALA C 88 11.77 4.10 -18.85
CA ALA C 88 12.65 3.56 -17.83
C ALA C 88 12.81 2.05 -18.04
N LEU C 89 11.68 1.37 -18.29
CA LEU C 89 11.70 -0.07 -18.52
C LEU C 89 12.49 -0.48 -19.75
N ALA C 90 12.38 0.32 -20.81
CA ALA C 90 13.16 0.10 -22.02
C ALA C 90 14.65 0.39 -21.79
N MET C 91 14.94 1.48 -21.10
CA MET C 91 16.33 1.78 -20.78
C MET C 91 16.91 0.64 -19.93
N GLN C 92 16.18 0.21 -18.90
CA GLN C 92 16.63 -0.93 -18.08
C GLN C 92 16.96 -2.20 -18.89
N ASP C 93 16.00 -2.67 -19.69
CA ASP C 93 16.23 -3.78 -20.64
C ASP C 93 17.49 -3.63 -21.51
N ALA C 94 17.64 -2.48 -22.16
CA ALA C 94 18.81 -2.25 -23.00
C ALA C 94 20.06 -2.36 -22.16
N LEU C 95 20.05 -1.73 -20.99
CA LEU C 95 21.21 -1.70 -20.12
C LEU C 95 21.61 -3.08 -19.62
N GLU C 96 20.63 -3.87 -19.20
CA GLU C 96 20.91 -5.20 -18.69
C GLU C 96 21.40 -6.13 -19.79
N LYS C 97 20.92 -5.90 -21.00
CA LYS C 97 21.30 -6.70 -22.16
C LYS C 97 22.78 -6.55 -22.42
N LEU C 98 23.35 -5.46 -21.93
CA LEU C 98 24.77 -5.19 -22.07
C LEU C 98 25.53 -5.58 -20.80
N GLY C 99 24.87 -6.34 -19.92
CA GLY C 99 25.52 -6.83 -18.70
C GLY C 99 25.47 -5.96 -17.47
N ALA C 100 24.88 -4.77 -17.58
CA ALA C 100 24.79 -3.86 -16.43
C ALA C 100 23.71 -4.26 -15.43
N LYS C 101 23.87 -3.80 -14.19
CA LYS C 101 22.92 -4.00 -13.12
C LYS C 101 22.18 -2.70 -12.93
N VAL C 102 20.85 -2.75 -12.94
CA VAL C 102 20.06 -1.53 -12.87
C VAL C 102 18.85 -1.67 -11.95
N ARG C 103 18.40 -0.53 -11.42
CA ARG C 103 17.24 -0.47 -10.54
C ARG C 103 16.42 0.75 -10.92
N VAL C 104 15.16 0.54 -11.30
CA VAL C 104 14.25 1.64 -11.57
C VAL C 104 13.44 1.93 -10.33
N MET C 105 13.45 3.21 -9.99
CA MET C 105 12.73 3.76 -8.85
C MET C 105 11.84 4.88 -9.37
N SER C 106 10.66 4.99 -8.80
CA SER C 106 9.66 5.87 -9.34
C SER C 106 9.06 6.67 -8.19
N ALA C 107 8.66 7.91 -8.47
CA ALA C 107 7.98 8.71 -7.43
C ALA C 107 6.61 8.14 -7.18
N ILE C 108 6.12 7.33 -8.12
CA ILE C 108 4.87 6.59 -7.96
C ILE C 108 5.18 5.11 -7.89
N LYS C 109 4.81 4.46 -6.79
CA LYS C 109 4.91 3.00 -6.67
C LYS C 109 4.06 2.22 -7.68
N ILE C 110 4.67 1.24 -8.33
CA ILE C 110 3.98 0.33 -9.22
C ILE C 110 4.61 -1.06 -9.13
N ASN C 111 3.92 -1.94 -8.42
CA ASN C 111 4.38 -3.27 -8.03
C ASN C 111 4.92 -4.14 -9.15
N ASP C 112 6.13 -4.65 -8.95
CA ASP C 112 6.75 -5.58 -9.90
C ASP C 112 7.05 -4.93 -11.24
N VAL C 113 6.92 -3.60 -11.29
CA VAL C 113 7.33 -2.83 -12.45
C VAL C 113 8.46 -1.95 -12.02
N CYS C 114 8.28 -1.23 -10.92
CA CYS C 114 9.32 -0.32 -10.46
C CYS C 114 9.17 -0.02 -8.96
N GLU C 115 10.29 -0.03 -8.25
CA GLU C 115 10.33 0.28 -6.82
C GLU C 115 9.90 1.72 -6.47
N ASP C 116 9.45 1.87 -5.25
CA ASP C 116 9.27 3.15 -4.59
C ASP C 116 10.63 3.86 -4.48
N PHE C 117 10.68 5.17 -4.68
CA PHE C 117 11.94 5.86 -4.45
C PHE C 117 12.20 6.03 -2.98
N ILE C 118 13.34 5.53 -2.54
CA ILE C 118 13.77 5.63 -1.16
C ILE C 118 15.22 6.05 -1.14
N ARG C 119 15.48 7.24 -0.62
CA ARG C 119 16.81 7.87 -0.72
C ARG C 119 17.99 6.99 -0.29
N ARG C 120 17.87 6.36 0.88
CA ARG C 120 18.93 5.54 1.43
C ARG C 120 19.21 4.32 0.55
N ARG C 121 18.13 3.69 0.09
CA ARG C 121 18.22 2.56 -0.82
C ARG C 121 18.83 2.97 -2.15
N ALA C 122 18.49 4.16 -2.64
CA ALA C 122 19.01 4.67 -3.91
C ALA C 122 20.54 4.85 -3.84
N ILE C 123 21.02 5.43 -2.75
CA ILE C 123 22.45 5.63 -2.60
C ILE C 123 23.15 4.27 -2.53
N ARG C 124 22.61 3.39 -1.70
CA ARG C 124 23.12 2.04 -1.58
C ARG C 124 23.25 1.33 -2.92
N HIS C 125 22.21 1.38 -3.74
CA HIS C 125 22.26 0.85 -5.11
C HIS C 125 23.41 1.44 -5.89
N LEU C 126 23.55 2.76 -5.81
CA LEU C 126 24.60 3.46 -6.51
C LEU C 126 25.98 2.99 -6.01
N GLU C 127 26.08 2.71 -4.71
CA GLU C 127 27.32 2.27 -4.08
C GLU C 127 27.70 0.84 -4.48
N LYS C 128 26.70 0.04 -4.79
CA LYS C 128 26.92 -1.33 -5.22
C LYS C 128 27.20 -1.46 -6.72
N GLY C 129 27.29 -0.33 -7.42
CA GLY C 129 27.65 -0.33 -8.84
C GLY C 129 26.48 -0.37 -9.81
N ARG C 130 25.26 -0.30 -9.28
CA ARG C 130 24.08 -0.34 -10.14
C ARG C 130 23.72 1.05 -10.64
N ILE C 131 23.18 1.09 -11.84
CA ILE C 131 22.70 2.31 -12.46
C ILE C 131 21.30 2.53 -11.95
N ALA C 132 21.04 3.74 -11.44
CA ALA C 132 19.71 4.11 -10.89
C ALA C 132 18.87 4.87 -11.93
N ILE C 133 17.71 4.33 -12.28
CA ILE C 133 16.82 5.01 -13.21
C ILE C 133 15.62 5.51 -12.43
N PHE C 134 15.35 6.81 -12.51
CA PHE C 134 14.24 7.41 -11.77
C PHE C 134 13.16 7.82 -12.73
N ALA C 135 11.91 7.52 -12.37
CA ALA C 135 10.81 7.87 -13.23
C ALA C 135 9.75 8.64 -12.46
N ALA C 136 8.85 9.30 -13.19
CA ALA C 136 7.62 9.86 -12.63
C ALA C 136 7.90 11.13 -11.87
N GLY C 137 9.12 11.62 -12.06
CA GLY C 137 9.55 12.91 -11.59
C GLY C 137 9.41 13.07 -10.12
N THR C 138 8.73 14.15 -9.79
CA THR C 138 8.41 14.57 -8.45
C THR C 138 7.26 13.72 -7.86
N GLY C 139 6.41 13.20 -8.76
CA GLY C 139 5.17 12.55 -8.33
C GLY C 139 4.05 13.57 -8.20
N ASN C 140 4.31 14.81 -8.55
CA ASN C 140 3.31 15.87 -8.44
C ASN C 140 3.02 16.42 -9.84
N PRO C 141 1.73 16.70 -10.16
CA PRO C 141 1.48 17.37 -11.44
C PRO C 141 1.99 18.82 -11.35
N PHE C 142 2.04 19.52 -12.47
CA PHE C 142 2.48 20.93 -12.48
C PHE C 142 3.98 21.07 -12.20
N PHE C 143 4.73 19.96 -12.11
CA PHE C 143 6.20 20.04 -12.02
C PHE C 143 6.89 19.45 -13.26
N THR C 144 8.06 19.96 -13.63
CA THR C 144 8.72 19.49 -14.85
C THR C 144 9.63 18.30 -14.57
N THR C 145 10.03 17.61 -15.64
CA THR C 145 11.05 16.57 -15.55
C THR C 145 12.36 17.12 -14.96
N ASP C 146 12.71 18.37 -15.30
CA ASP C 146 13.89 19.05 -14.78
C ASP C 146 13.80 19.14 -13.24
N SER C 147 12.65 19.56 -12.71
CA SER C 147 12.41 19.54 -11.26
C SER C 147 12.68 18.20 -10.60
N GLY C 148 12.17 17.13 -11.20
CA GLY C 148 12.41 15.83 -10.63
C GLY C 148 13.88 15.44 -10.70
N ALA C 149 14.56 15.78 -11.80
CA ALA C 149 16.00 15.53 -11.92
C ALA C 149 16.79 16.25 -10.81
N ALA C 150 16.46 17.51 -10.55
CA ALA C 150 17.18 18.31 -9.58
C ALA C 150 16.95 17.77 -8.19
N LEU C 151 15.69 17.54 -7.86
CA LEU C 151 15.33 16.96 -6.55
C LEU C 151 16.04 15.62 -6.34
N ARG C 152 16.05 14.78 -7.37
CA ARG C 152 16.71 13.48 -7.26
C ARG C 152 18.22 13.61 -7.08
N ALA C 153 18.86 14.42 -7.92
CA ALA C 153 20.29 14.68 -7.80
C ALA C 153 20.69 15.22 -6.42
N ILE C 154 19.90 16.13 -5.88
CA ILE C 154 20.13 16.60 -4.51
C ILE C 154 19.89 15.53 -3.44
N GLU C 155 18.83 14.73 -3.57
CA GLU C 155 18.55 13.68 -2.60
C GLU C 155 19.63 12.61 -2.54
N ILE C 156 20.21 12.27 -3.70
CA ILE C 156 21.26 11.23 -3.74
C ILE C 156 22.67 11.74 -3.50
N GLY C 157 22.82 13.05 -3.30
CA GLY C 157 24.14 13.63 -3.11
C GLY C 157 25.03 13.64 -4.36
N ALA C 158 24.43 13.81 -5.53
CA ALA C 158 25.20 13.89 -6.79
C ALA C 158 26.15 15.07 -6.79
N ASP C 159 27.35 14.86 -7.32
CA ASP C 159 28.35 15.92 -7.51
C ASP C 159 28.04 16.74 -8.77
N LEU C 160 27.27 16.16 -9.69
CA LEU C 160 26.97 16.85 -10.97
C LEU C 160 25.60 16.43 -11.49
N LEU C 161 24.82 17.41 -11.95
CA LEU C 161 23.60 17.18 -12.72
C LEU C 161 23.92 17.57 -14.16
N LEU C 162 23.77 16.62 -15.08
CA LEU C 162 24.00 16.85 -16.49
C LEU C 162 22.67 16.87 -17.20
N LYS C 163 22.43 17.93 -17.98
CA LYS C 163 21.20 18.09 -18.75
C LYS C 163 21.51 18.04 -20.25
N ALA C 164 21.24 16.89 -20.87
CA ALA C 164 21.46 16.76 -22.30
C ALA C 164 20.36 17.52 -23.01
N THR C 165 20.77 18.38 -23.92
CA THR C 165 19.84 19.24 -24.59
C THR C 165 20.17 19.31 -26.08
N LYS C 166 19.47 20.16 -26.82
CA LYS C 166 19.62 20.12 -28.27
C LYS C 166 20.82 20.88 -28.78
N VAL C 167 21.24 21.90 -28.04
CA VAL C 167 22.43 22.65 -28.36
C VAL C 167 23.47 22.38 -27.27
N ASP C 168 24.75 22.48 -27.63
CA ASP C 168 25.85 22.08 -26.73
C ASP C 168 26.21 23.18 -25.74
N GLY C 169 25.30 23.54 -24.87
CA GLY C 169 25.56 24.55 -23.85
C GLY C 169 24.55 25.65 -23.82
N VAL C 170 24.90 26.72 -23.12
CA VAL C 170 24.06 27.88 -23.01
C VAL C 170 24.65 28.95 -23.91
N TYR C 171 23.79 29.55 -24.71
CA TYR C 171 24.21 30.49 -25.73
C TYR C 171 23.60 31.87 -25.59
N ASP C 172 24.33 32.81 -26.16
CA ASP C 172 24.02 34.22 -26.29
C ASP C 172 22.75 34.36 -27.14
N LYS C 173 22.67 33.56 -28.19
CA LYS C 173 21.49 33.48 -29.04
C LYS C 173 21.42 32.10 -29.69
N ASP C 174 20.39 31.86 -30.49
CA ASP C 174 20.21 30.56 -31.14
C ASP C 174 21.38 30.21 -32.08
N PRO C 175 22.23 29.26 -31.68
CA PRO C 175 23.40 28.88 -32.47
C PRO C 175 23.08 28.17 -33.78
N LYS C 176 21.86 27.67 -33.92
CA LYS C 176 21.47 26.98 -35.14
C LYS C 176 21.13 27.94 -36.26
N LYS C 177 20.75 29.15 -35.91
CA LYS C 177 20.52 30.18 -36.91
C LYS C 177 21.68 31.18 -37.02
N HIS C 178 22.50 31.26 -35.97
CA HIS C 178 23.52 32.31 -35.87
C HIS C 178 24.90 31.75 -35.58
N SER C 179 25.73 31.68 -36.62
CA SER C 179 27.09 31.20 -36.47
C SER C 179 27.85 32.20 -35.60
N ASP C 180 27.20 33.33 -35.40
CA ASP C 180 27.61 34.46 -34.59
C ASP C 180 27.52 34.19 -33.09
N ALA C 181 26.76 33.17 -32.72
CA ALA C 181 26.42 32.92 -31.32
C ALA C 181 27.65 32.72 -30.43
N VAL C 182 27.55 33.21 -29.20
CA VAL C 182 28.58 32.98 -28.19
C VAL C 182 28.11 31.98 -27.14
N ARG C 183 28.88 30.92 -26.97
CA ARG C 183 28.66 29.97 -25.88
C ARG C 183 29.44 30.36 -24.62
N TYR C 184 28.80 30.24 -23.46
CA TYR C 184 29.41 30.47 -22.17
C TYR C 184 29.97 29.17 -21.61
N ASP C 185 31.23 29.18 -21.19
CA ASP C 185 31.86 28.00 -20.61
C ASP C 185 31.35 27.72 -19.20
N SER C 186 31.05 28.81 -18.50
CA SER C 186 30.84 28.82 -17.05
C SER C 186 29.94 29.98 -16.71
N LEU C 187 28.97 29.74 -15.86
CA LEU C 187 28.05 30.78 -15.47
C LEU C 187 27.68 30.52 -14.03
N THR C 188 27.33 31.61 -13.36
CA THR C 188 26.88 31.53 -12.01
C THR C 188 25.36 31.49 -12.00
N TYR C 189 24.78 30.95 -10.95
CA TYR C 189 23.34 30.90 -10.87
C TYR C 189 22.76 32.31 -11.04
N ASP C 190 23.40 33.30 -10.42
CA ASP C 190 22.91 34.68 -10.47
C ASP C 190 23.07 35.36 -11.82
N GLU C 191 24.17 35.10 -12.51
CA GLU C 191 24.35 35.58 -13.87
C GLU C 191 23.26 35.09 -14.81
N VAL C 192 22.91 33.81 -14.69
CA VAL C 192 21.87 33.23 -15.54
C VAL C 192 20.58 34.02 -15.40
N ILE C 193 20.21 34.32 -14.17
CA ILE C 193 18.99 35.08 -13.93
C ILE C 193 19.14 36.51 -14.44
N MET C 194 20.31 37.10 -14.21
CA MET C 194 20.58 38.48 -14.59
C MET C 194 20.56 38.70 -16.11
N GLN C 195 21.18 37.78 -16.85
CA GLN C 195 21.23 37.90 -18.29
C GLN C 195 19.98 37.32 -18.96
N GLY C 196 19.04 36.84 -18.14
CA GLY C 196 17.78 36.29 -18.64
C GLY C 196 17.98 35.10 -19.55
N LEU C 197 18.97 34.26 -19.22
CA LEU C 197 19.23 33.05 -20.00
C LEU C 197 18.30 31.95 -19.51
N GLU C 198 17.84 31.10 -20.42
CA GLU C 198 16.93 30.03 -20.07
C GLU C 198 17.70 28.74 -19.88
N VAL C 199 17.65 28.18 -18.69
CA VAL C 199 18.37 26.95 -18.42
C VAL C 199 17.40 25.80 -18.02
N MET C 200 16.59 26.04 -17.00
CA MET C 200 15.54 25.11 -16.59
C MET C 200 14.39 26.03 -16.24
N ASP C 201 13.21 25.50 -15.99
CA ASP C 201 12.12 26.37 -15.58
C ASP C 201 12.46 26.94 -14.21
N THR C 202 11.80 28.04 -13.85
CA THR C 202 12.07 28.81 -12.63
C THR C 202 12.15 27.98 -11.34
N ALA C 203 11.11 27.18 -11.08
CA ALA C 203 11.09 26.34 -9.91
C ALA C 203 12.24 25.33 -9.88
N ALA C 204 12.53 24.71 -11.00
CA ALA C 204 13.62 23.72 -11.05
C ALA C 204 14.95 24.41 -10.81
N PHE C 205 15.16 25.52 -11.51
CA PHE C 205 16.39 26.26 -11.36
C PHE C 205 16.60 26.70 -9.89
N ALA C 206 15.53 27.20 -9.26
CA ALA C 206 15.63 27.67 -7.84
C ALA C 206 16.00 26.52 -6.93
N LEU C 207 15.39 25.37 -7.17
CA LEU C 207 15.67 24.17 -6.40
C LEU C 207 17.15 23.82 -6.49
N ALA C 208 17.70 23.80 -7.70
CA ALA C 208 19.11 23.48 -7.90
C ALA C 208 20.04 24.56 -7.32
N ARG C 209 19.66 25.81 -7.49
CA ARG C 209 20.41 26.92 -6.96
C ARG C 209 20.50 26.91 -5.40
N ASP C 210 19.40 26.61 -4.73
CA ASP C 210 19.38 26.63 -3.27
C ASP C 210 20.23 25.51 -2.63
N SER C 211 20.59 24.49 -3.40
CA SER C 211 21.52 23.46 -2.93
C SER C 211 22.88 23.60 -3.64
N ASP C 212 23.03 24.70 -4.38
CA ASP C 212 24.21 24.91 -5.23
C ASP C 212 24.61 23.60 -5.92
N LEU C 213 23.69 23.11 -6.74
CA LEU C 213 23.92 21.92 -7.54
C LEU C 213 24.67 22.33 -8.79
N PRO C 214 25.85 21.73 -9.03
CA PRO C 214 26.56 22.05 -10.27
C PRO C 214 25.83 21.49 -11.49
N LEU C 215 25.54 22.35 -12.48
CA LEU C 215 24.85 21.95 -13.71
C LEU C 215 25.69 21.99 -14.97
N ARG C 216 25.74 20.86 -15.65
CA ARG C 216 26.36 20.82 -16.95
C ARG C 216 25.31 20.65 -18.06
N ILE C 217 25.05 21.75 -18.77
CA ILE C 217 24.20 21.80 -19.94
C ILE C 217 25.09 21.52 -21.14
N PHE C 218 24.72 20.54 -21.97
CA PHE C 218 25.61 20.05 -23.02
C PHE C 218 24.83 19.25 -24.05
N GLY C 219 25.46 18.99 -25.19
CA GLY C 219 24.85 18.15 -26.24
C GLY C 219 25.55 16.79 -26.31
N MET C 220 24.77 15.72 -26.30
CA MET C 220 25.35 14.39 -26.49
C MET C 220 25.58 14.18 -27.99
N SER C 221 26.34 15.09 -28.60
CA SER C 221 26.54 15.06 -30.04
C SER C 221 27.18 13.76 -30.48
N GLU C 222 28.29 13.38 -29.85
CA GLU C 222 29.08 12.25 -30.33
C GLU C 222 29.52 11.36 -29.19
N PRO C 223 29.81 10.09 -29.48
CA PRO C 223 30.24 9.13 -28.47
C PRO C 223 31.48 9.56 -27.67
N GLY C 224 31.48 9.24 -26.38
CA GLY C 224 32.62 9.54 -25.52
C GLY C 224 32.53 10.84 -24.75
N VAL C 225 31.58 11.69 -25.11
CA VAL C 225 31.47 13.01 -24.48
C VAL C 225 31.26 12.90 -22.98
N LEU C 226 30.49 11.91 -22.58
CA LEU C 226 30.14 11.72 -21.19
C LEU C 226 31.37 11.31 -20.35
N LEU C 227 32.18 10.40 -20.88
CA LEU C 227 33.42 9.99 -20.24
C LEU C 227 34.34 11.19 -20.09
N ARG C 228 34.51 11.93 -21.19
CA ARG C 228 35.37 13.11 -21.21
C ARG C 228 34.98 14.07 -20.13
N ILE C 229 33.67 14.34 -20.04
CA ILE C 229 33.15 15.24 -19.02
C ILE C 229 33.56 14.74 -17.63
N LEU C 230 33.43 13.42 -17.42
CA LEU C 230 33.82 12.83 -16.14
C LEU C 230 35.30 13.05 -15.81
N HIS C 231 36.11 13.23 -16.85
CA HIS C 231 37.54 13.43 -16.69
C HIS C 231 37.91 14.91 -16.71
N GLY C 232 36.92 15.80 -16.63
CA GLY C 232 37.22 17.23 -16.46
C GLY C 232 37.10 18.07 -17.72
N ALA C 233 36.75 17.46 -18.83
CA ALA C 233 36.61 18.22 -20.06
C ALA C 233 35.54 19.31 -19.93
N GLN C 234 35.80 20.49 -20.49
CA GLN C 234 34.87 21.62 -20.37
C GLN C 234 33.93 21.70 -21.56
N ILE C 235 32.98 20.76 -21.62
CA ILE C 235 32.04 20.68 -22.75
C ILE C 235 30.65 21.25 -22.39
N GLY C 236 30.07 22.01 -23.32
CA GLY C 236 28.84 22.74 -23.05
C GLY C 236 29.08 23.83 -22.01
N THR C 237 28.19 23.91 -21.02
CA THR C 237 28.24 25.03 -20.10
C THR C 237 28.13 24.55 -18.66
N LEU C 238 28.97 25.11 -17.79
CA LEU C 238 28.91 24.82 -16.35
C LEU C 238 28.18 25.94 -15.64
N VAL C 239 27.10 25.61 -14.92
CA VAL C 239 26.38 26.55 -14.08
C VAL C 239 26.61 26.15 -12.62
N GLN C 240 27.08 27.11 -11.82
CA GLN C 240 27.53 26.88 -10.44
C GLN C 240 27.79 28.21 -9.74
N GLY C 241 27.54 28.26 -8.45
CA GLY C 241 28.00 29.39 -7.67
C GLY C 241 27.14 30.64 -7.65
N ARG C 242 27.68 31.66 -6.97
CA ARG C 242 26.93 32.82 -6.52
C ARG C 242 27.49 34.10 -7.09
N SER C 243 26.59 35.07 -7.27
CA SER C 243 26.88 36.43 -7.74
C SER C 243 27.51 36.48 -9.14
N MET D 4 -37.44 7.65 19.14
CA MET D 4 -36.75 6.68 20.05
C MET D 4 -36.35 5.42 19.30
N SER D 5 -35.59 4.59 19.97
CA SER D 5 -35.36 3.24 19.50
C SER D 5 -36.05 2.35 20.51
N GLU D 6 -36.24 1.09 20.14
CA GLU D 6 -36.84 0.16 21.06
C GLU D 6 -35.75 -0.66 21.72
N LEU D 7 -34.52 -0.27 21.50
CA LEU D 7 -33.37 -1.00 22.03
C LEU D 7 -32.70 -0.29 23.20
N SER D 8 -32.42 -1.06 24.23
CA SER D 8 -31.65 -0.59 25.36
C SER D 8 -30.20 -0.37 24.90
N TYR D 9 -29.80 -1.10 23.88
CA TYR D 9 -28.46 -1.00 23.31
C TYR D 9 -28.54 -0.88 21.79
N ARG D 10 -27.98 0.19 21.25
CA ARG D 10 -28.05 0.47 19.81
C ARG D 10 -26.81 0.00 19.03
N ARG D 11 -25.63 0.25 19.55
CA ARG D 11 -24.41 -0.18 18.88
C ARG D 11 -23.66 -1.20 19.71
N ILE D 12 -23.46 -2.36 19.11
CA ILE D 12 -23.01 -3.48 19.87
C ILE D 12 -21.94 -4.22 19.11
N LEU D 13 -20.99 -4.80 19.82
CA LEU D 13 -20.02 -5.73 19.23
C LEU D 13 -20.23 -7.12 19.83
N LEU D 14 -20.61 -8.07 18.98
CA LEU D 14 -20.83 -9.44 19.40
C LEU D 14 -19.62 -10.30 19.05
N LYS D 15 -19.04 -10.93 20.08
CA LYS D 15 -17.85 -11.72 19.89
C LYS D 15 -18.12 -13.22 20.08
N LEU D 16 -17.68 -14.02 19.10
CA LEU D 16 -17.76 -15.48 19.15
C LEU D 16 -16.41 -16.19 18.96
N SER D 17 -16.35 -17.42 19.45
CA SER D 17 -15.31 -18.37 19.13
C SER D 17 -15.49 -18.87 17.70
N GLY D 18 -14.38 -19.23 17.05
CA GLY D 18 -14.47 -19.88 15.77
C GLY D 18 -15.24 -21.19 15.89
N GLU D 19 -14.99 -21.94 16.96
CA GLU D 19 -15.73 -23.20 17.14
C GLU D 19 -17.24 -23.00 17.14
N ALA D 20 -17.71 -21.85 17.61
CA ALA D 20 -19.14 -21.58 17.63
C ALA D 20 -19.74 -21.84 16.25
N LEU D 21 -18.92 -21.81 15.20
CA LEU D 21 -19.40 -22.08 13.85
C LEU D 21 -19.37 -23.58 13.53
N MET D 22 -18.64 -24.34 14.33
CA MET D 22 -18.24 -25.70 13.97
C MET D 22 -19.38 -26.69 14.12
N GLY D 23 -20.33 -26.34 14.99
CA GLY D 23 -21.43 -27.24 15.35
C GLY D 23 -20.91 -28.56 15.88
N ASP D 24 -21.42 -29.64 15.31
CA ASP D 24 -21.09 -30.97 15.79
C ASP D 24 -19.86 -31.57 15.10
N GLY D 25 -19.33 -30.86 14.10
CA GLY D 25 -18.15 -31.32 13.36
C GLY D 25 -16.82 -31.08 14.06
N ASP D 26 -15.72 -31.50 13.42
CA ASP D 26 -14.41 -31.40 14.05
C ASP D 26 -13.57 -30.28 13.47
N TYR D 27 -14.06 -29.68 12.39
CA TYR D 27 -13.40 -28.55 11.76
C TYR D 27 -14.34 -27.77 10.88
N GLY D 28 -13.92 -26.55 10.57
CA GLY D 28 -14.62 -25.76 9.59
C GLY D 28 -15.93 -25.18 10.08
N ILE D 29 -16.91 -25.20 9.21
CA ILE D 29 -18.15 -24.50 9.45
C ILE D 29 -19.33 -25.36 9.11
N ASP D 30 -20.25 -25.50 10.07
CA ASP D 30 -21.52 -26.14 9.83
C ASP D 30 -22.47 -25.11 9.24
N PRO D 31 -22.94 -25.34 8.00
CA PRO D 31 -23.85 -24.43 7.29
C PRO D 31 -25.18 -24.11 8.00
N LYS D 32 -25.80 -25.11 8.63
CA LYS D 32 -27.03 -24.86 9.40
C LYS D 32 -26.74 -23.84 10.48
N VAL D 33 -25.59 -24.02 11.14
CA VAL D 33 -25.22 -23.19 12.28
C VAL D 33 -24.94 -21.76 11.84
N ILE D 34 -24.10 -21.61 10.84
CA ILE D 34 -23.79 -20.27 10.35
C ILE D 34 -25.07 -19.56 9.85
N ASN D 35 -25.90 -20.30 9.11
CA ASN D 35 -27.16 -19.76 8.59
C ASN D 35 -28.10 -19.39 9.74
N ARG D 36 -28.11 -20.23 10.78
CA ARG D 36 -28.89 -19.94 11.96
C ARG D 36 -28.45 -18.61 12.56
N LEU D 37 -27.13 -18.44 12.66
CA LEU D 37 -26.51 -17.28 13.27
C LEU D 37 -26.70 -16.01 12.43
N ALA D 38 -26.68 -16.16 11.11
CA ALA D 38 -26.93 -15.07 10.19
C ALA D 38 -28.34 -14.49 10.41
N HIS D 39 -29.32 -15.38 10.60
CA HIS D 39 -30.70 -14.98 10.89
C HIS D 39 -30.80 -14.22 12.20
N GLU D 40 -30.21 -14.76 13.26
CA GLU D 40 -30.15 -14.03 14.52
C GLU D 40 -29.58 -12.63 14.30
N VAL D 41 -28.45 -12.53 13.59
CA VAL D 41 -27.83 -11.23 13.38
C VAL D 41 -28.70 -10.26 12.58
N ILE D 42 -29.26 -10.70 11.44
CA ILE D 42 -30.14 -9.82 10.66
C ILE D 42 -31.39 -9.38 11.43
N GLU D 43 -31.98 -10.28 12.22
CA GLU D 43 -33.06 -9.91 13.15
C GLU D 43 -32.69 -8.71 14.02
N ALA D 44 -31.47 -8.72 14.56
CA ALA D 44 -31.02 -7.67 15.47
C ALA D 44 -30.89 -6.33 14.77
N GLN D 45 -30.24 -6.31 13.60
CA GLN D 45 -30.06 -5.05 12.90
C GLN D 45 -31.40 -4.50 12.43
N GLN D 46 -32.30 -5.39 12.00
CA GLN D 46 -33.63 -4.99 11.58
C GLN D 46 -34.43 -4.33 12.70
N ALA D 47 -34.11 -4.68 13.94
CA ALA D 47 -34.74 -4.02 15.08
C ALA D 47 -34.16 -2.61 15.25
N GLY D 48 -33.12 -2.32 14.48
CA GLY D 48 -32.45 -1.02 14.54
C GLY D 48 -31.05 -1.02 15.12
N ALA D 49 -30.55 -2.18 15.53
CA ALA D 49 -29.23 -2.27 16.14
C ALA D 49 -28.12 -2.07 15.11
N GLN D 50 -27.05 -1.38 15.50
CA GLN D 50 -25.86 -1.23 14.68
C GLN D 50 -24.88 -2.29 15.15
N VAL D 51 -24.66 -3.30 14.30
CA VAL D 51 -23.99 -4.53 14.71
C VAL D 51 -22.58 -4.72 14.17
N ALA D 52 -21.65 -4.97 15.09
CA ALA D 52 -20.29 -5.35 14.75
C ALA D 52 -20.08 -6.78 15.19
N LEU D 53 -19.41 -7.58 14.36
CA LEU D 53 -19.12 -9.02 14.66
C LEU D 53 -17.63 -9.31 14.71
N VAL D 54 -17.21 -10.12 15.67
CA VAL D 54 -15.82 -10.62 15.75
C VAL D 54 -15.83 -12.10 16.01
N ILE D 55 -15.22 -12.87 15.12
CA ILE D 55 -15.27 -14.32 15.22
C ILE D 55 -13.86 -14.86 15.24
N GLY D 56 -13.54 -15.68 16.25
CA GLY D 56 -12.19 -16.28 16.37
C GLY D 56 -11.94 -17.30 15.28
N GLY D 57 -10.76 -17.92 15.25
CA GLY D 57 -10.45 -18.85 14.15
C GLY D 57 -10.10 -20.29 14.52
N GLY D 58 -10.50 -20.70 15.71
CA GLY D 58 -10.13 -22.02 16.23
C GLY D 58 -10.78 -23.21 15.55
N ASN D 59 -11.83 -22.96 14.75
CA ASN D 59 -12.45 -24.02 13.93
C ASN D 59 -11.58 -24.36 12.70
N ILE D 60 -10.61 -23.48 12.42
CA ILE D 60 -9.77 -23.62 11.23
C ILE D 60 -8.32 -23.83 11.62
N PHE D 61 -7.80 -22.91 12.42
CA PHE D 61 -6.45 -23.02 12.93
C PHE D 61 -6.54 -23.92 14.13
N ARG D 62 -6.45 -25.23 13.83
CA ARG D 62 -6.61 -26.31 14.79
C ARG D 62 -6.00 -27.58 14.23
N GLY D 63 -5.78 -28.55 15.10
CA GLY D 63 -5.18 -29.83 14.73
C GLY D 63 -3.68 -29.79 15.00
N ALA D 64 -3.05 -30.97 14.98
CA ALA D 64 -1.66 -31.10 15.38
C ALA D 64 -0.76 -30.37 14.39
N GLY D 65 -1.12 -30.46 13.11
CA GLY D 65 -0.35 -29.82 12.04
C GLY D 65 -0.43 -28.32 11.96
N LEU D 66 -1.58 -27.73 12.28
CA LEU D 66 -1.70 -26.28 12.16
C LEU D 66 -1.44 -25.56 13.49
N ALA D 67 -2.16 -25.96 14.53
CA ALA D 67 -1.93 -25.40 15.85
C ALA D 67 -0.96 -26.27 16.66
N ALA D 68 0.22 -26.54 16.09
CA ALA D 68 1.25 -27.32 16.80
C ALA D 68 1.90 -26.51 17.91
N SER D 69 2.20 -27.18 19.01
CA SER D 69 3.00 -26.59 20.08
C SER D 69 4.45 -26.31 19.63
N GLY D 70 4.93 -27.09 18.66
CA GLY D 70 6.25 -26.88 18.06
C GLY D 70 6.33 -25.94 16.84
N MET D 71 5.29 -25.14 16.64
CA MET D 71 5.28 -24.11 15.60
C MET D 71 5.73 -22.79 16.24
N ASP D 72 6.34 -21.91 15.46
CA ASP D 72 6.67 -20.58 15.96
C ASP D 72 5.35 -19.88 16.34
N ARG D 73 5.40 -19.11 17.42
CA ARG D 73 4.22 -18.47 18.00
C ARG D 73 3.66 -17.37 17.09
N VAL D 74 4.55 -16.51 16.57
CA VAL D 74 4.16 -15.45 15.65
C VAL D 74 3.55 -16.10 14.42
N THR D 75 4.26 -17.10 13.90
CA THR D 75 3.80 -17.89 12.78
C THR D 75 2.40 -18.40 13.05
N GLY D 76 2.21 -19.01 14.21
CA GLY D 76 0.89 -19.48 14.66
C GLY D 76 -0.20 -18.40 14.74
N ASP D 77 0.11 -17.27 15.37
CA ASP D 77 -0.81 -16.13 15.45
C ASP D 77 -1.19 -15.58 14.04
N HIS D 78 -0.23 -15.56 13.11
CA HIS D 78 -0.55 -15.14 11.75
C HIS D 78 -1.52 -16.10 11.10
N MET D 79 -1.29 -17.39 11.29
CA MET D 79 -2.17 -18.42 10.77
C MET D 79 -3.52 -18.22 11.38
N GLY D 80 -3.57 -18.02 12.68
CA GLY D 80 -4.82 -17.73 13.39
C GLY D 80 -5.55 -16.50 12.82
N MET D 81 -4.85 -15.38 12.62
CA MET D 81 -5.41 -14.19 11.95
C MET D 81 -6.05 -14.52 10.58
N LEU D 82 -5.31 -15.27 9.76
CA LEU D 82 -5.74 -15.62 8.43
C LEU D 82 -7.01 -16.44 8.51
N ALA D 83 -7.09 -17.31 9.53
CA ALA D 83 -8.31 -18.08 9.78
C ALA D 83 -9.55 -17.20 10.04
N THR D 84 -9.40 -16.17 10.87
CA THR D 84 -10.51 -15.28 11.15
C THR D 84 -10.96 -14.59 9.85
N VAL D 85 -10.02 -14.21 9.00
CA VAL D 85 -10.42 -13.65 7.72
C VAL D 85 -11.30 -14.62 6.97
N ILE D 86 -10.91 -15.89 6.96
CA ILE D 86 -11.69 -16.90 6.25
C ILE D 86 -13.10 -17.04 6.83
N ASN D 87 -13.22 -17.03 8.16
CA ASN D 87 -14.54 -17.06 8.83
C ASN D 87 -15.42 -15.83 8.54
N ALA D 88 -14.81 -14.65 8.49
CA ALA D 88 -15.51 -13.39 8.22
C ALA D 88 -16.13 -13.36 6.82
N LEU D 89 -15.38 -13.87 5.86
CA LEU D 89 -15.85 -14.05 4.51
C LEU D 89 -17.07 -14.97 4.45
N ALA D 90 -17.04 -16.07 5.20
CA ALA D 90 -18.16 -16.99 5.28
C ALA D 90 -19.39 -16.36 5.98
N MET D 91 -19.14 -15.64 7.07
CA MET D 91 -20.22 -14.93 7.74
C MET D 91 -20.82 -13.90 6.76
N GLN D 92 -19.95 -13.15 6.07
CA GLN D 92 -20.43 -12.15 5.12
C GLN D 92 -21.36 -12.73 4.07
N ASP D 93 -20.94 -13.82 3.46
CA ASP D 93 -21.74 -14.53 2.47
C ASP D 93 -23.09 -15.03 3.01
N ALA D 94 -23.05 -15.64 4.19
CA ALA D 94 -24.26 -16.15 4.83
C ALA D 94 -25.27 -15.02 5.07
N LEU D 95 -24.75 -13.85 5.45
CA LEU D 95 -25.56 -12.66 5.70
C LEU D 95 -26.14 -12.08 4.42
N GLU D 96 -25.28 -11.82 3.45
CA GLU D 96 -25.69 -11.25 2.18
C GLU D 96 -26.72 -12.11 1.44
N LYS D 97 -26.69 -13.42 1.64
CA LYS D 97 -27.68 -14.32 1.05
C LYS D 97 -29.06 -14.02 1.63
N LEU D 98 -29.07 -13.36 2.79
CA LEU D 98 -30.29 -13.02 3.47
C LEU D 98 -30.67 -11.57 3.20
N GLY D 99 -29.96 -10.92 2.28
CA GLY D 99 -30.25 -9.53 1.93
C GLY D 99 -29.62 -8.47 2.82
N ALA D 100 -28.78 -8.88 3.76
CA ALA D 100 -28.06 -7.97 4.66
C ALA D 100 -26.93 -7.18 3.97
N LYS D 101 -26.66 -5.97 4.45
CA LYS D 101 -25.54 -5.17 3.97
C LYS D 101 -24.36 -5.29 4.94
N VAL D 102 -23.24 -5.80 4.42
CA VAL D 102 -22.14 -6.27 5.25
C VAL D 102 -20.81 -5.71 4.77
N ARG D 103 -19.96 -5.30 5.70
CA ARG D 103 -18.62 -4.86 5.36
C ARG D 103 -17.62 -5.57 6.27
N VAL D 104 -16.62 -6.23 5.69
CA VAL D 104 -15.59 -6.88 6.52
C VAL D 104 -14.29 -6.08 6.51
N MET D 105 -13.77 -5.82 7.69
CA MET D 105 -12.59 -4.98 7.81
C MET D 105 -11.57 -5.76 8.60
N SER D 106 -10.36 -5.81 8.06
CA SER D 106 -9.29 -6.55 8.68
C SER D 106 -8.25 -5.61 9.29
N ALA D 107 -7.54 -6.12 10.30
CA ALA D 107 -6.51 -5.36 11.00
C ALA D 107 -5.20 -5.41 10.25
N ILE D 108 -5.12 -6.32 9.28
CA ILE D 108 -4.00 -6.34 8.35
C ILE D 108 -4.59 -6.22 6.95
N LYS D 109 -3.94 -5.45 6.09
CA LYS D 109 -4.41 -5.24 4.70
C LYS D 109 -4.30 -6.47 3.85
N ILE D 110 -5.40 -6.82 3.19
CA ILE D 110 -5.44 -7.91 2.20
C ILE D 110 -6.25 -7.46 0.96
N ASN D 111 -5.52 -7.16 -0.13
CA ASN D 111 -6.11 -6.54 -1.33
C ASN D 111 -7.31 -7.26 -1.94
N ASP D 112 -8.41 -6.55 -2.10
CA ASP D 112 -9.59 -7.04 -2.81
C ASP D 112 -10.30 -8.21 -2.14
N VAL D 113 -9.76 -8.72 -1.03
CA VAL D 113 -10.55 -9.70 -0.29
C VAL D 113 -11.42 -9.06 0.81
N CYS D 114 -10.94 -7.98 1.43
CA CYS D 114 -11.74 -7.17 2.34
C CYS D 114 -11.06 -5.83 2.54
N GLU D 115 -11.72 -4.88 3.22
CA GLU D 115 -11.11 -3.56 3.43
C GLU D 115 -10.27 -3.49 4.69
N ASP D 116 -9.34 -2.55 4.77
CA ASP D 116 -8.59 -2.35 6.01
C ASP D 116 -9.49 -1.68 7.03
N PHE D 117 -9.21 -1.88 8.30
CA PHE D 117 -9.99 -1.22 9.34
C PHE D 117 -9.60 0.25 9.42
N ILE D 118 -10.57 1.13 9.25
CA ILE D 118 -10.37 2.56 9.42
C ILE D 118 -11.46 3.01 10.37
N ARG D 119 -11.06 3.48 11.54
CA ARG D 119 -12.02 3.77 12.61
C ARG D 119 -13.19 4.59 12.12
N ARG D 120 -12.90 5.67 11.39
CA ARG D 120 -13.91 6.60 10.92
C ARG D 120 -14.85 5.96 9.89
N ARG D 121 -14.29 5.11 9.04
CA ARG D 121 -15.07 4.42 8.04
C ARG D 121 -15.97 3.36 8.67
N ALA D 122 -15.42 2.61 9.63
CA ALA D 122 -16.18 1.60 10.37
C ALA D 122 -17.43 2.21 10.95
N ILE D 123 -17.24 3.30 11.66
CA ILE D 123 -18.34 4.05 12.24
C ILE D 123 -19.37 4.41 11.19
N ARG D 124 -18.89 4.88 10.03
CA ARG D 124 -19.74 5.33 8.92
C ARG D 124 -20.60 4.19 8.36
N HIS D 125 -19.99 3.00 8.20
CA HIS D 125 -20.72 1.81 7.79
C HIS D 125 -21.79 1.45 8.80
N LEU D 126 -21.44 1.55 10.07
CA LEU D 126 -22.38 1.27 11.15
C LEU D 126 -23.51 2.30 11.16
N GLU D 127 -23.17 3.59 11.14
CA GLU D 127 -24.22 4.62 11.07
C GLU D 127 -25.06 4.50 9.78
N LYS D 128 -24.59 3.72 8.80
CA LYS D 128 -25.40 3.46 7.60
C LYS D 128 -26.20 2.14 7.65
N GLY D 129 -26.15 1.42 8.77
CA GLY D 129 -26.92 0.18 8.90
C GLY D 129 -26.26 -1.07 8.29
N ARG D 130 -24.98 -0.96 7.95
CA ARG D 130 -24.21 -2.12 7.49
C ARG D 130 -23.66 -2.90 8.69
N ILE D 131 -23.60 -4.22 8.56
CA ILE D 131 -22.98 -5.07 9.59
C ILE D 131 -21.49 -4.97 9.41
N ALA D 132 -20.78 -4.64 10.49
CA ALA D 132 -19.31 -4.60 10.45
C ALA D 132 -18.76 -5.92 10.98
N ILE D 133 -17.96 -6.60 10.14
CA ILE D 133 -17.30 -7.81 10.56
C ILE D 133 -15.81 -7.51 10.63
N PHE D 134 -15.26 -7.68 11.82
CA PHE D 134 -13.84 -7.43 12.06
C PHE D 134 -13.03 -8.73 12.11
N ALA D 135 -11.94 -8.78 11.35
CA ALA D 135 -11.04 -9.94 11.29
C ALA D 135 -9.60 -9.55 11.63
N ALA D 136 -8.77 -10.55 11.92
CA ALA D 136 -7.33 -10.41 12.20
C ALA D 136 -7.03 -9.66 13.50
N GLY D 137 -8.04 -9.62 14.37
CA GLY D 137 -7.90 -9.06 15.69
C GLY D 137 -7.23 -7.70 15.77
N THR D 138 -6.09 -7.68 16.43
CA THR D 138 -5.35 -6.48 16.77
C THR D 138 -4.39 -6.20 15.62
N GLY D 139 -4.13 -7.23 14.82
CA GLY D 139 -3.18 -7.10 13.74
C GLY D 139 -1.80 -7.51 14.23
N ASN D 140 -1.64 -7.66 15.54
CA ASN D 140 -0.37 -8.09 16.15
C ASN D 140 -0.43 -9.49 16.79
N PRO D 141 0.69 -10.23 16.76
CA PRO D 141 0.70 -11.51 17.43
C PRO D 141 0.71 -11.30 18.94
N PHE D 142 0.54 -12.38 19.71
CA PHE D 142 0.56 -12.32 21.17
C PHE D 142 -0.61 -11.60 21.77
N PHE D 143 -1.58 -11.23 20.93
CA PHE D 143 -2.82 -10.65 21.43
C PHE D 143 -3.97 -11.58 21.03
N THR D 144 -4.99 -11.71 21.88
CA THR D 144 -6.06 -12.64 21.65
C THR D 144 -7.20 -12.03 20.85
N THR D 145 -8.19 -12.85 20.52
CA THR D 145 -9.37 -12.37 19.83
C THR D 145 -10.15 -11.42 20.71
N ASP D 146 -10.23 -11.73 22.01
CA ASP D 146 -10.84 -10.82 22.97
C ASP D 146 -10.18 -9.43 22.97
N SER D 147 -8.87 -9.35 23.10
CA SER D 147 -8.17 -8.08 22.90
C SER D 147 -8.69 -7.31 21.70
N GLY D 148 -8.68 -7.95 20.54
CA GLY D 148 -9.17 -7.31 19.33
C GLY D 148 -10.64 -6.92 19.42
N ALA D 149 -11.47 -7.78 19.99
CA ALA D 149 -12.88 -7.42 20.16
C ALA D 149 -13.01 -6.16 21.03
N ALA D 150 -12.31 -6.15 22.16
CA ALA D 150 -12.34 -5.04 23.09
C ALA D 150 -11.89 -3.76 22.42
N LEU D 151 -10.76 -3.86 21.69
CA LEU D 151 -10.20 -2.73 20.94
C LEU D 151 -11.23 -2.15 19.97
N ARG D 152 -11.87 -3.01 19.21
CA ARG D 152 -12.85 -2.58 18.22
C ARG D 152 -14.13 -2.01 18.85
N ALA D 153 -14.54 -2.57 19.98
CA ALA D 153 -15.73 -2.06 20.64
C ALA D 153 -15.51 -0.62 21.13
N ILE D 154 -14.33 -0.38 21.71
CA ILE D 154 -13.99 0.92 22.20
C ILE D 154 -13.92 1.90 21.02
N GLU D 155 -13.18 1.54 19.98
CA GLU D 155 -12.98 2.39 18.81
C GLU D 155 -14.27 2.79 18.11
N ILE D 156 -15.20 1.85 17.95
CA ILE D 156 -16.49 2.20 17.33
C ILE D 156 -17.46 2.83 18.35
N GLY D 157 -16.98 3.05 19.56
CA GLY D 157 -17.83 3.56 20.63
C GLY D 157 -19.03 2.67 20.90
N ALA D 158 -18.82 1.35 20.96
CA ALA D 158 -19.90 0.42 21.25
C ALA D 158 -20.47 0.60 22.66
N ASP D 159 -21.78 0.42 22.79
CA ASP D 159 -22.46 0.57 24.07
C ASP D 159 -22.38 -0.74 24.84
N LEU D 160 -22.22 -1.85 24.12
CA LEU D 160 -22.19 -3.17 24.72
C LEU D 160 -21.27 -4.12 23.94
N LEU D 161 -20.30 -4.70 24.64
CA LEU D 161 -19.57 -5.85 24.12
C LEU D 161 -20.22 -7.13 24.63
N LEU D 162 -20.78 -7.92 23.73
CA LEU D 162 -21.28 -9.24 24.12
C LEU D 162 -20.29 -10.36 23.74
N LYS D 163 -19.90 -11.17 24.72
CA LYS D 163 -19.00 -12.29 24.50
C LYS D 163 -19.79 -13.58 24.69
N ALA D 164 -20.11 -14.26 23.60
CA ALA D 164 -20.83 -15.53 23.67
C ALA D 164 -19.88 -16.68 23.99
N THR D 165 -20.25 -17.45 25.01
CA THR D 165 -19.39 -18.49 25.56
C THR D 165 -20.19 -19.78 25.76
N LYS D 166 -19.52 -20.84 26.18
CA LYS D 166 -20.17 -22.12 26.40
C LYS D 166 -21.00 -22.03 27.67
N VAL D 167 -20.42 -21.40 28.68
CA VAL D 167 -21.09 -21.11 29.94
C VAL D 167 -21.88 -19.79 29.85
N ASP D 168 -23.20 -19.84 30.17
CA ASP D 168 -24.06 -18.64 30.08
C ASP D 168 -23.91 -17.72 31.27
N GLY D 169 -22.79 -17.02 31.34
CA GLY D 169 -22.56 -16.07 32.40
C GLY D 169 -21.24 -16.34 33.08
N VAL D 170 -20.91 -15.50 34.05
CA VAL D 170 -19.73 -15.69 34.88
C VAL D 170 -20.22 -16.25 36.19
N TYR D 171 -19.91 -17.51 36.43
CA TYR D 171 -20.47 -18.22 37.57
C TYR D 171 -19.70 -18.06 38.86
N ASP D 172 -20.28 -18.66 39.88
CA ASP D 172 -19.63 -18.77 41.16
C ASP D 172 -18.39 -19.67 41.02
N LYS D 173 -18.51 -20.70 40.19
CA LYS D 173 -17.45 -21.69 40.07
C LYS D 173 -17.76 -22.83 39.09
N ASP D 174 -17.37 -22.64 37.83
CA ASP D 174 -17.48 -23.65 36.77
C ASP D 174 -18.59 -24.71 36.89
N PRO D 175 -19.73 -24.46 36.22
CA PRO D 175 -20.96 -25.27 36.25
C PRO D 175 -20.82 -26.68 35.63
N LYS D 176 -19.89 -26.84 34.69
CA LYS D 176 -19.67 -28.14 34.04
C LYS D 176 -18.89 -29.07 34.95
N LYS D 177 -18.56 -28.57 36.14
CA LYS D 177 -17.95 -29.42 37.16
C LYS D 177 -18.61 -29.26 38.51
N HIS D 178 -19.52 -28.30 38.62
CA HIS D 178 -20.25 -28.13 39.86
C HIS D 178 -21.70 -27.79 39.58
N SER D 179 -22.59 -28.63 40.09
CA SER D 179 -24.02 -28.45 39.86
C SER D 179 -24.68 -27.45 40.83
N ASP D 180 -23.91 -26.90 41.77
CA ASP D 180 -24.45 -25.87 42.69
C ASP D 180 -23.88 -24.49 42.42
N ALA D 181 -23.28 -24.31 41.24
CA ALA D 181 -22.64 -23.05 40.89
C ALA D 181 -23.69 -21.95 40.67
N VAL D 182 -23.39 -20.74 41.16
CA VAL D 182 -24.34 -19.62 41.09
C VAL D 182 -23.87 -18.46 40.19
N ARG D 183 -24.55 -18.32 39.06
CA ARG D 183 -24.22 -17.28 38.10
C ARG D 183 -24.56 -15.92 38.67
N TYR D 184 -23.63 -14.99 38.50
CA TYR D 184 -23.88 -13.61 38.89
C TYR D 184 -24.75 -12.93 37.85
N ASP D 185 -25.65 -12.06 38.30
CA ASP D 185 -26.45 -11.24 37.41
C ASP D 185 -25.58 -10.12 36.82
N SER D 186 -24.69 -9.57 37.65
CA SER D 186 -23.81 -8.48 37.28
C SER D 186 -22.62 -8.46 38.21
N LEU D 187 -21.53 -7.84 37.77
CA LEU D 187 -20.29 -7.79 38.53
C LEU D 187 -19.48 -6.57 38.14
N THR D 188 -18.64 -6.13 39.06
CA THR D 188 -17.71 -5.06 38.81
C THR D 188 -16.45 -5.63 38.16
N TYR D 189 -15.77 -4.81 37.39
CA TYR D 189 -14.48 -5.17 36.85
C TYR D 189 -13.58 -5.60 38.00
N ASP D 190 -13.62 -4.84 39.08
CA ASP D 190 -12.78 -5.11 40.25
C ASP D 190 -13.17 -6.35 41.04
N GLU D 191 -14.47 -6.63 41.12
CA GLU D 191 -14.95 -7.85 41.74
C GLU D 191 -14.51 -9.09 40.96
N VAL D 192 -14.33 -8.95 39.64
CA VAL D 192 -13.84 -10.07 38.83
C VAL D 192 -12.39 -10.38 39.18
N ILE D 193 -11.59 -9.33 39.26
CA ILE D 193 -10.20 -9.46 39.64
C ILE D 193 -10.11 -9.94 41.09
N MET D 194 -10.82 -9.23 41.97
CA MET D 194 -10.78 -9.57 43.39
C MET D 194 -10.94 -11.07 43.66
N GLN D 195 -11.84 -11.71 42.94
CA GLN D 195 -12.19 -13.11 43.21
C GLN D 195 -11.56 -14.09 42.22
N GLY D 196 -10.65 -13.59 41.39
CA GLY D 196 -9.94 -14.43 40.44
C GLY D 196 -10.84 -15.12 39.42
N LEU D 197 -11.99 -14.53 39.13
CA LEU D 197 -12.88 -15.06 38.10
C LEU D 197 -12.20 -14.95 36.75
N GLU D 198 -12.38 -15.94 35.89
CA GLU D 198 -11.79 -15.89 34.55
C GLU D 198 -12.87 -15.43 33.58
N VAL D 199 -12.62 -14.32 32.90
CA VAL D 199 -13.61 -13.73 32.01
C VAL D 199 -13.04 -13.49 30.60
N MET D 200 -11.93 -12.77 30.52
CA MET D 200 -11.13 -12.66 29.30
C MET D 200 -9.69 -12.78 29.79
N ASP D 201 -8.73 -12.95 28.89
CA ASP D 201 -7.33 -12.90 29.30
C ASP D 201 -7.01 -11.53 29.95
N THR D 202 -5.94 -11.49 30.75
CA THR D 202 -5.59 -10.31 31.53
C THR D 202 -5.58 -9.07 30.69
N ALA D 203 -4.75 -9.07 29.64
CA ALA D 203 -4.55 -7.89 28.82
C ALA D 203 -5.85 -7.43 28.20
N ALA D 204 -6.65 -8.38 27.72
CA ALA D 204 -7.95 -8.05 27.11
C ALA D 204 -8.86 -7.33 28.08
N PHE D 205 -8.92 -7.84 29.30
CA PHE D 205 -9.79 -7.38 30.37
C PHE D 205 -9.35 -6.03 30.90
N ALA D 206 -8.04 -5.77 30.87
CA ALA D 206 -7.53 -4.50 31.36
C ALA D 206 -7.94 -3.38 30.41
N LEU D 207 -7.92 -3.69 29.12
CA LEU D 207 -8.29 -2.76 28.08
C LEU D 207 -9.78 -2.36 28.18
N ALA D 208 -10.64 -3.35 28.33
CA ALA D 208 -12.09 -3.16 28.48
C ALA D 208 -12.40 -2.35 29.73
N ARG D 209 -11.68 -2.70 30.81
CA ARG D 209 -11.81 -2.10 32.11
C ARG D 209 -11.43 -0.63 32.02
N ASP D 210 -10.38 -0.32 31.25
CA ASP D 210 -9.88 1.07 31.19
C ASP D 210 -10.80 2.07 30.49
N SER D 211 -11.69 1.56 29.66
CA SER D 211 -12.72 2.38 29.05
C SER D 211 -14.08 2.09 29.67
N ASP D 212 -14.12 1.18 30.65
CA ASP D 212 -15.36 0.81 31.30
C ASP D 212 -16.37 0.31 30.26
N LEU D 213 -15.91 -0.62 29.42
CA LEU D 213 -16.78 -1.25 28.43
C LEU D 213 -17.83 -2.16 29.08
N PRO D 214 -19.13 -1.84 28.89
CA PRO D 214 -20.10 -2.77 29.46
C PRO D 214 -19.95 -4.13 28.78
N LEU D 215 -19.85 -5.17 29.60
CA LEU D 215 -19.44 -6.47 29.12
C LEU D 215 -20.47 -7.54 29.45
N ARG D 216 -21.15 -8.04 28.43
CA ARG D 216 -22.18 -9.06 28.64
C ARG D 216 -21.69 -10.45 28.24
N ILE D 217 -21.46 -11.30 29.24
CA ILE D 217 -21.10 -12.69 29.01
C ILE D 217 -22.36 -13.55 29.05
N PHE D 218 -22.52 -14.40 28.04
CA PHE D 218 -23.73 -15.20 27.92
C PHE D 218 -23.57 -16.39 26.97
N GLY D 219 -24.61 -17.22 26.92
CA GLY D 219 -24.66 -18.35 26.02
C GLY D 219 -25.73 -18.14 24.96
N MET D 220 -25.36 -18.30 23.71
CA MET D 220 -26.24 -18.03 22.59
C MET D 220 -26.89 -19.34 22.14
N SER D 221 -27.28 -20.16 23.11
CA SER D 221 -27.77 -21.51 22.83
C SER D 221 -29.28 -21.56 22.70
N GLU D 222 -29.86 -20.55 22.04
CA GLU D 222 -31.31 -20.47 21.86
C GLU D 222 -31.70 -19.27 20.99
N PRO D 223 -32.52 -19.50 19.96
CA PRO D 223 -33.00 -18.43 19.08
C PRO D 223 -33.69 -17.30 19.82
N GLY D 224 -33.45 -16.07 19.38
CA GLY D 224 -34.06 -14.89 19.97
C GLY D 224 -33.33 -14.28 21.16
N VAL D 225 -32.30 -14.96 21.66
CA VAL D 225 -31.57 -14.48 22.83
C VAL D 225 -30.95 -13.09 22.63
N LEU D 226 -30.35 -12.83 21.47
CA LEU D 226 -29.78 -11.51 21.19
C LEU D 226 -30.76 -10.35 21.29
N LEU D 227 -31.86 -10.43 20.53
CA LEU D 227 -32.88 -9.38 20.57
C LEU D 227 -33.29 -9.09 21.99
N ARG D 228 -33.53 -10.15 22.75
CA ARG D 228 -33.94 -10.03 24.15
C ARG D 228 -32.91 -9.24 24.95
N ILE D 229 -31.63 -9.53 24.71
CA ILE D 229 -30.56 -8.79 25.38
C ILE D 229 -30.54 -7.32 24.94
N LEU D 230 -30.87 -7.08 23.68
CA LEU D 230 -30.88 -5.72 23.17
C LEU D 230 -32.07 -4.94 23.75
N HIS D 231 -33.18 -5.64 23.97
CA HIS D 231 -34.31 -5.08 24.69
C HIS D 231 -34.09 -5.08 26.20
N GLY D 232 -32.83 -5.15 26.63
CA GLY D 232 -32.48 -5.02 28.04
C GLY D 232 -32.66 -6.23 28.96
N ALA D 233 -32.79 -7.42 28.38
CA ALA D 233 -32.95 -8.64 29.21
C ALA D 233 -31.66 -8.98 29.96
N GLN D 234 -31.80 -9.24 31.25
CA GLN D 234 -30.67 -9.63 32.08
C GLN D 234 -30.39 -11.14 31.93
N ILE D 235 -29.80 -11.50 30.78
CA ILE D 235 -29.42 -12.85 30.48
C ILE D 235 -27.90 -12.93 30.45
N GLY D 236 -27.33 -13.92 31.14
CA GLY D 236 -25.88 -14.00 31.31
C GLY D 236 -25.44 -13.06 32.41
N THR D 237 -24.19 -12.60 32.34
CA THR D 237 -23.63 -11.72 33.37
C THR D 237 -23.18 -10.41 32.74
N LEU D 238 -23.56 -9.31 33.38
CA LEU D 238 -23.11 -8.01 32.98
C LEU D 238 -21.91 -7.61 33.85
N VAL D 239 -20.76 -7.40 33.22
CA VAL D 239 -19.58 -6.87 33.92
C VAL D 239 -19.48 -5.40 33.52
N GLN D 240 -19.36 -4.54 34.54
CA GLN D 240 -19.46 -3.09 34.36
C GLN D 240 -19.12 -2.32 35.65
N GLY D 241 -18.41 -1.21 35.50
CA GLY D 241 -18.13 -0.29 36.60
C GLY D 241 -16.95 -0.63 37.49
N ARG D 242 -16.69 0.27 38.45
CA ARG D 242 -15.64 0.10 39.46
C ARG D 242 -16.15 -0.27 40.87
N SER D 243 -15.21 -0.64 41.74
CA SER D 243 -15.47 -0.93 43.16
C SER D 243 -14.14 -1.14 43.88
N GLU E 6 31.78 -12.32 29.22
CA GLU E 6 31.65 -11.94 27.79
C GLU E 6 30.46 -10.97 27.63
N LEU E 7 29.26 -11.53 27.55
CA LEU E 7 28.02 -10.74 27.58
C LEU E 7 26.94 -11.55 28.30
N SER E 8 26.21 -10.89 29.17
CA SER E 8 25.12 -11.55 29.87
C SER E 8 23.84 -11.52 29.03
N TYR E 9 23.72 -10.48 28.21
CA TYR E 9 22.58 -10.34 27.31
C TYR E 9 23.05 -10.05 25.89
N ARG E 10 22.67 -10.91 24.96
CA ARG E 10 23.11 -10.83 23.56
C ARG E 10 22.31 -9.79 22.76
N ARG E 11 20.99 -9.84 22.89
CA ARG E 11 20.10 -8.97 22.16
C ARG E 11 19.15 -8.31 23.15
N ILE E 12 19.20 -6.99 23.21
CA ILE E 12 18.36 -6.27 24.16
C ILE E 12 17.50 -5.22 23.46
N LEU E 13 16.39 -4.88 24.11
CA LEU E 13 15.59 -3.75 23.70
C LEU E 13 15.51 -2.80 24.88
N LEU E 14 15.90 -1.54 24.67
CA LEU E 14 15.84 -0.54 25.72
C LEU E 14 14.77 0.47 25.37
N LYS E 15 13.85 0.72 26.30
CA LYS E 15 12.78 1.68 26.02
C LYS E 15 12.88 2.94 26.88
N LEU E 16 12.88 4.08 26.21
CA LEU E 16 12.92 5.37 26.90
C LEU E 16 11.58 6.10 26.83
N SER E 17 11.38 7.00 27.79
CA SER E 17 10.14 7.77 27.94
C SER E 17 9.97 8.93 26.95
N GLY E 18 11.07 9.55 26.52
CA GLY E 18 10.92 10.60 25.52
C GLY E 18 11.23 11.96 26.12
N GLU E 19 10.67 12.25 27.28
CA GLU E 19 11.14 13.41 28.06
C GLU E 19 12.59 13.17 28.47
N ALA E 20 13.02 11.91 28.46
CA ALA E 20 14.43 11.57 28.63
C ALA E 20 15.29 12.27 27.56
N LEU E 21 14.69 12.54 26.41
CA LEU E 21 15.33 13.30 25.33
C LEU E 21 15.31 14.82 25.59
N MET E 22 14.40 15.23 26.46
CA MET E 22 14.04 16.63 26.61
C MET E 22 15.13 17.41 27.34
N GLY E 23 15.76 16.76 28.32
CA GLY E 23 16.79 17.39 29.16
C GLY E 23 16.26 18.45 30.12
N ASP E 24 17.00 19.54 30.24
CA ASP E 24 16.61 20.63 31.11
C ASP E 24 15.53 21.48 30.43
N GLY E 25 15.39 21.29 29.11
CA GLY E 25 14.37 21.97 28.33
C GLY E 25 12.97 21.52 28.69
N ASP E 26 11.98 22.31 28.28
CA ASP E 26 10.59 22.05 28.60
C ASP E 26 9.87 21.59 27.33
N TYR E 27 10.67 21.28 26.32
CA TYR E 27 10.11 20.95 25.04
C TYR E 27 11.06 20.22 24.12
N GLY E 28 10.49 19.45 23.19
CA GLY E 28 11.25 18.88 22.09
C GLY E 28 12.45 18.10 22.57
N ILE E 29 13.60 18.35 21.95
CA ILE E 29 14.80 17.54 22.20
C ILE E 29 15.98 18.43 22.55
N ASP E 30 16.83 17.93 23.43
CA ASP E 30 18.08 18.61 23.76
C ASP E 30 19.22 17.86 23.08
N PRO E 31 19.93 18.54 22.16
CA PRO E 31 20.98 17.96 21.31
C PRO E 31 22.12 17.32 22.11
N LYS E 32 22.49 17.97 23.20
CA LYS E 32 23.60 17.48 24.01
C LYS E 32 23.21 16.20 24.76
N VAL E 33 21.93 16.07 25.13
CA VAL E 33 21.54 14.90 25.90
C VAL E 33 21.25 13.71 25.02
N ILE E 34 21.06 13.95 23.73
CA ILE E 34 20.81 12.86 22.79
C ILE E 34 22.13 12.31 22.27
N ASN E 35 23.13 13.19 22.16
CA ASN E 35 24.45 12.75 21.74
C ASN E 35 25.02 11.79 22.77
N ARG E 36 24.80 12.12 24.03
CA ARG E 36 25.21 11.29 25.16
C ARG E 36 24.46 9.99 25.14
N LEU E 37 23.17 10.09 24.84
CA LEU E 37 22.29 8.93 24.74
C LEU E 37 22.79 8.01 23.63
N ALA E 38 23.11 8.58 22.48
CA ALA E 38 23.58 7.82 21.33
C ALA E 38 24.95 7.23 21.60
N HIS E 39 25.66 7.89 22.50
CA HIS E 39 27.01 7.48 22.85
C HIS E 39 26.97 6.20 23.68
N GLU E 40 25.97 6.09 24.53
CA GLU E 40 25.81 4.91 25.35
C GLU E 40 25.42 3.71 24.49
N VAL E 41 24.57 3.97 23.50
CA VAL E 41 24.00 2.91 22.68
C VAL E 41 25.08 2.28 21.79
N ILE E 42 25.89 3.12 21.16
CA ILE E 42 26.97 2.65 20.33
C ILE E 42 27.95 1.84 21.20
N GLU E 43 28.22 2.35 22.40
CA GLU E 43 29.10 1.66 23.34
C GLU E 43 28.68 0.20 23.51
N ALA E 44 27.38 0.00 23.75
CA ALA E 44 26.83 -1.32 24.02
C ALA E 44 26.91 -2.22 22.78
N GLN E 45 26.58 -1.68 21.62
CA GLN E 45 26.65 -2.46 20.40
C GLN E 45 28.10 -2.82 20.08
N GLN E 46 29.00 -1.85 20.21
CA GLN E 46 30.42 -2.08 19.97
C GLN E 46 30.99 -3.15 20.89
N ALA E 47 30.27 -3.42 21.98
CA ALA E 47 30.68 -4.46 22.91
C ALA E 47 30.11 -5.81 22.45
N GLY E 48 29.55 -5.84 21.25
CA GLY E 48 29.02 -7.07 20.66
C GLY E 48 27.54 -7.31 20.90
N ALA E 49 26.86 -6.33 21.49
CA ALA E 49 25.42 -6.45 21.73
C ALA E 49 24.62 -6.03 20.51
N GLN E 50 23.41 -6.56 20.44
CA GLN E 50 22.48 -6.23 19.38
C GLN E 50 21.39 -5.40 20.02
N VAL E 51 21.23 -4.17 19.52
CA VAL E 51 20.39 -3.21 20.23
C VAL E 51 19.15 -2.78 19.45
N ALA E 52 18.03 -2.73 20.17
CA ALA E 52 16.80 -2.20 19.61
C ALA E 52 16.31 -1.09 20.53
N LEU E 53 15.78 -0.01 19.96
CA LEU E 53 15.35 1.10 20.81
C LEU E 53 13.89 1.45 20.62
N VAL E 54 13.20 1.65 21.74
CA VAL E 54 11.85 2.22 21.70
C VAL E 54 11.78 3.48 22.55
N ILE E 55 11.52 4.62 21.90
CA ILE E 55 11.38 5.88 22.60
C ILE E 55 9.94 6.43 22.55
N GLY E 56 9.45 6.93 23.69
CA GLY E 56 8.13 7.57 23.75
C GLY E 56 8.07 8.96 23.13
N GLY E 57 6.85 9.50 23.01
CA GLY E 57 6.65 10.79 22.34
C GLY E 57 6.20 11.93 23.23
N GLY E 58 6.45 11.79 24.53
CA GLY E 58 5.98 12.74 25.54
C GLY E 58 6.66 14.07 25.50
N ASN E 59 7.88 14.12 24.95
CA ASN E 59 8.59 15.39 24.76
C ASN E 59 7.95 16.28 23.68
N ILE E 60 7.24 15.67 22.72
CA ILE E 60 6.65 16.40 21.59
C ILE E 60 5.13 16.49 21.72
N PHE E 61 4.47 15.38 22.01
CA PHE E 61 3.04 15.39 22.31
C PHE E 61 2.81 15.99 23.71
N ARG E 62 2.86 17.32 23.77
CA ARG E 62 2.92 18.08 25.04
C ARG E 62 2.06 19.34 25.08
N GLY E 63 1.47 19.60 26.24
CA GLY E 63 0.86 20.91 26.51
C GLY E 63 -0.64 20.94 26.34
N ALA E 64 -1.26 22.00 26.82
CA ALA E 64 -2.72 22.10 26.79
C ALA E 64 -3.30 21.96 25.38
N GLY E 65 -2.56 22.45 24.39
CA GLY E 65 -3.00 22.39 23.00
C GLY E 65 -2.87 21.03 22.37
N LEU E 66 -1.71 20.40 22.53
CA LEU E 66 -1.50 19.07 21.98
C LEU E 66 -2.17 18.00 22.83
N ALA E 67 -1.70 17.84 24.06
CA ALA E 67 -2.24 16.84 24.99
C ALA E 67 -3.36 17.41 25.88
N ALA E 68 -4.57 17.47 25.32
CA ALA E 68 -5.74 17.90 26.07
C ALA E 68 -6.57 16.69 26.52
N SER E 69 -7.63 16.95 27.29
CA SER E 69 -8.52 15.86 27.72
C SER E 69 -9.89 15.95 27.03
N GLY E 70 -10.20 17.12 26.50
CA GLY E 70 -11.33 17.29 25.60
C GLY E 70 -10.88 16.94 24.19
N MET E 71 -10.13 15.86 24.07
CA MET E 71 -9.62 15.40 22.78
C MET E 71 -9.90 13.91 22.57
N ASP E 72 -10.46 13.61 21.39
CA ASP E 72 -10.63 12.25 20.92
C ASP E 72 -9.37 11.47 21.25
N ARG E 73 -9.52 10.47 22.10
CA ARG E 73 -8.41 9.67 22.62
C ARG E 73 -7.60 9.03 21.48
N VAL E 74 -8.31 8.58 20.46
CA VAL E 74 -7.69 7.90 19.33
C VAL E 74 -6.74 8.84 18.61
N THR E 75 -7.20 10.06 18.37
CA THR E 75 -6.39 11.05 17.66
C THR E 75 -5.20 11.50 18.50
N GLY E 76 -5.37 11.57 19.82
CA GLY E 76 -4.25 11.87 20.71
C GLY E 76 -3.22 10.75 20.65
N ASP E 77 -3.71 9.53 20.44
CA ASP E 77 -2.84 8.36 20.40
C ASP E 77 -2.04 8.39 19.12
N HIS E 78 -2.70 8.76 18.03
CA HIS E 78 -2.02 8.96 16.77
C HIS E 78 -0.99 10.05 16.86
N MET E 79 -1.36 11.17 17.49
CA MET E 79 -0.44 12.30 17.61
C MET E 79 0.79 11.78 18.34
N GLY E 80 0.59 10.93 19.35
CA GLY E 80 1.70 10.29 20.06
C GLY E 80 2.59 9.40 19.17
N MET E 81 1.98 8.48 18.42
CA MET E 81 2.71 7.68 17.42
C MET E 81 3.52 8.56 16.46
N LEU E 82 2.84 9.50 15.81
CA LEU E 82 3.54 10.45 14.95
C LEU E 82 4.77 11.01 15.68
N ALA E 83 4.57 11.39 16.92
CA ALA E 83 5.62 12.06 17.68
C ALA E 83 6.74 11.10 18.06
N THR E 84 6.46 9.80 18.13
CA THR E 84 7.54 8.82 18.30
C THR E 84 8.36 8.64 17.02
N VAL E 85 7.77 8.93 15.84
CA VAL E 85 8.51 8.81 14.58
C VAL E 85 9.53 9.95 14.44
N ILE E 86 9.15 11.14 14.87
CA ILE E 86 10.09 12.26 14.90
C ILE E 86 11.32 11.98 15.78
N ASN E 87 11.07 11.57 17.02
CA ASN E 87 12.15 11.19 17.93
C ASN E 87 13.10 10.14 17.32
N ALA E 88 12.51 9.10 16.73
CA ALA E 88 13.26 8.04 16.03
C ALA E 88 14.18 8.59 14.94
N LEU E 89 13.67 9.53 14.14
CA LEU E 89 14.49 10.14 13.11
C LEU E 89 15.62 10.95 13.74
N ALA E 90 15.33 11.58 14.89
CA ALA E 90 16.34 12.41 15.53
C ALA E 90 17.45 11.51 16.04
N MET E 91 17.09 10.50 16.83
CA MET E 91 18.06 9.51 17.28
C MET E 91 18.83 8.88 16.11
N GLN E 92 18.13 8.43 15.07
CA GLN E 92 18.77 7.86 13.88
C GLN E 92 19.86 8.78 13.34
N ASP E 93 19.52 10.05 13.17
CA ASP E 93 20.47 11.05 12.70
C ASP E 93 21.65 11.14 13.66
N ALA E 94 21.37 11.13 14.95
CA ALA E 94 22.41 11.26 15.97
C ALA E 94 23.38 10.07 15.97
N LEU E 95 22.83 8.87 15.78
CA LEU E 95 23.65 7.67 15.81
C LEU E 95 24.50 7.55 14.56
N GLU E 96 23.95 8.03 13.45
CA GLU E 96 24.61 7.87 12.16
C GLU E 96 25.79 8.84 12.03
N LYS E 97 25.66 10.00 12.66
CA LYS E 97 26.74 10.99 12.70
C LYS E 97 27.96 10.45 13.42
N LEU E 98 27.76 9.40 14.20
CA LEU E 98 28.85 8.75 14.92
C LEU E 98 29.28 7.49 14.18
N GLY E 99 28.73 7.29 12.99
CA GLY E 99 29.12 6.18 12.14
C GLY E 99 28.51 4.85 12.57
N ALA E 100 27.39 4.92 13.28
CA ALA E 100 26.60 3.71 13.59
C ALA E 100 25.54 3.47 12.51
N LYS E 101 25.32 2.21 12.17
CA LYS E 101 24.32 1.83 11.17
C LYS E 101 22.99 1.60 11.84
N VAL E 102 21.93 2.17 11.26
CA VAL E 102 20.64 2.33 11.93
C VAL E 102 19.50 2.04 10.99
N ARG E 103 18.47 1.37 11.50
CA ARG E 103 17.25 1.12 10.75
C ARG E 103 16.04 1.47 11.62
N VAL E 104 15.25 2.44 11.20
CA VAL E 104 14.04 2.73 11.92
C VAL E 104 12.88 2.02 11.24
N MET E 105 12.17 1.24 12.05
CA MET E 105 11.03 0.47 11.60
C MET E 105 9.81 0.95 12.37
N SER E 106 8.64 0.91 11.74
CA SER E 106 7.46 1.48 12.34
C SER E 106 6.22 0.58 12.25
N ALA E 107 5.42 0.60 13.31
CA ALA E 107 4.12 -0.06 13.33
C ALA E 107 3.22 0.47 12.22
N ILE E 108 3.34 1.76 11.94
CA ILE E 108 2.63 2.36 10.82
C ILE E 108 3.71 2.81 9.85
N LYS E 109 3.60 2.31 8.63
CA LYS E 109 4.59 2.55 7.59
C LYS E 109 4.40 3.95 6.96
N ILE E 110 5.52 4.63 6.75
CA ILE E 110 5.54 5.93 6.09
C ILE E 110 6.68 5.92 5.08
N ASN E 111 6.35 6.10 3.81
CA ASN E 111 7.34 5.97 2.72
C ASN E 111 8.57 6.87 2.81
N ASP E 112 9.75 6.25 2.73
CA ASP E 112 11.03 6.97 2.70
C ASP E 112 11.25 7.82 3.94
N VAL E 113 10.50 7.53 5.01
CA VAL E 113 10.85 8.11 6.29
C VAL E 113 11.17 6.97 7.24
N CYS E 114 10.29 5.98 7.28
CA CYS E 114 10.55 4.78 8.06
C CYS E 114 10.00 3.50 7.42
N GLU E 115 10.75 2.43 7.62
CA GLU E 115 10.46 1.10 7.11
C GLU E 115 9.24 0.55 7.85
N ASP E 116 8.52 -0.36 7.21
CA ASP E 116 7.49 -1.15 7.86
C ASP E 116 8.17 -2.19 8.78
N PHE E 117 7.48 -2.64 9.84
CA PHE E 117 8.07 -3.61 10.74
C PHE E 117 7.89 -5.03 10.23
N ILE E 118 9.00 -5.75 10.09
CA ILE E 118 8.93 -7.11 9.64
C ILE E 118 9.88 -7.92 10.49
N ARG E 119 9.31 -8.86 11.24
CA ARG E 119 10.03 -9.64 12.25
C ARG E 119 11.36 -10.20 11.73
N ARG E 120 11.26 -11.03 10.69
CA ARG E 120 12.42 -11.65 10.03
C ARG E 120 13.44 -10.65 9.51
N ARG E 121 12.97 -9.53 9.00
CA ARG E 121 13.82 -8.45 8.55
C ARG E 121 14.47 -7.69 9.72
N ALA E 122 13.70 -7.38 10.75
CA ALA E 122 14.25 -6.71 11.94
C ALA E 122 15.43 -7.50 12.55
N ILE E 123 15.23 -8.81 12.66
CA ILE E 123 16.23 -9.67 13.27
C ILE E 123 17.47 -9.71 12.39
N ARG E 124 17.30 -9.82 11.09
CA ARG E 124 18.46 -9.83 10.19
C ARG E 124 19.24 -8.50 10.20
N HIS E 125 18.55 -7.39 10.47
CA HIS E 125 19.25 -6.13 10.74
C HIS E 125 20.11 -6.23 12.01
N LEU E 126 19.50 -6.67 13.11
CA LEU E 126 20.24 -6.86 14.35
C LEU E 126 21.50 -7.70 14.14
N GLU E 127 21.36 -8.85 13.49
CA GLU E 127 22.48 -9.76 13.28
C GLU E 127 23.59 -9.13 12.46
N LYS E 128 23.24 -8.12 11.65
CA LYS E 128 24.21 -7.41 10.83
C LYS E 128 24.82 -6.21 11.55
N GLY E 129 24.60 -6.12 12.86
CA GLY E 129 25.16 -5.02 13.64
C GLY E 129 24.46 -3.67 13.49
N ARG E 130 23.26 -3.70 12.91
CA ARG E 130 22.48 -2.49 12.74
C ARG E 130 21.64 -2.22 13.98
N ILE E 131 21.49 -0.94 14.34
CA ILE E 131 20.64 -0.55 15.45
C ILE E 131 19.22 -0.42 14.95
N ALA E 132 18.28 -0.97 15.69
CA ALA E 132 16.88 -1.01 15.25
C ALA E 132 16.07 -0.09 16.14
N ILE E 133 15.46 0.91 15.53
CA ILE E 133 14.61 1.84 16.25
C ILE E 133 13.16 1.63 15.87
N PHE E 134 12.33 1.43 16.88
CA PHE E 134 10.94 1.09 16.63
C PHE E 134 10.07 2.28 17.03
N ALA E 135 9.07 2.60 16.20
CA ALA E 135 8.25 3.75 16.49
C ALA E 135 6.78 3.38 16.31
N ALA E 136 5.90 4.18 16.90
CA ALA E 136 4.46 4.05 16.71
C ALA E 136 3.95 2.84 17.44
N GLY E 137 4.81 2.29 18.29
CA GLY E 137 4.46 1.21 19.19
C GLY E 137 3.77 0.03 18.54
N THR E 138 2.53 -0.17 18.97
CA THR E 138 1.67 -1.27 18.59
C THR E 138 0.91 -0.96 17.29
N GLY E 139 0.78 0.33 16.98
CA GLY E 139 -0.02 0.80 15.86
C GLY E 139 -1.50 0.97 16.20
N ASN E 140 -1.85 0.62 17.42
CA ASN E 140 -3.25 0.69 17.89
C ASN E 140 -3.36 1.76 18.95
N PRO E 141 -4.48 2.50 18.96
CA PRO E 141 -4.71 3.42 20.08
C PRO E 141 -5.02 2.59 21.34
N PHE E 142 -5.13 3.26 22.50
CA PHE E 142 -5.43 2.61 23.78
C PHE E 142 -4.36 1.63 24.22
N PHE E 143 -3.19 1.68 23.59
CA PHE E 143 -2.07 0.83 24.00
C PHE E 143 -0.86 1.69 24.30
N THR E 144 -0.14 1.37 25.35
CA THR E 144 0.95 2.21 25.84
C THR E 144 2.25 1.98 25.05
N THR E 145 3.26 2.79 25.29
CA THR E 145 4.61 2.57 24.73
C THR E 145 5.22 1.31 25.34
N ASP E 146 4.93 1.07 26.63
CA ASP E 146 5.33 -0.14 27.36
C ASP E 146 4.89 -1.41 26.62
N SER E 147 3.59 -1.48 26.26
CA SER E 147 3.04 -2.57 25.44
C SER E 147 3.79 -2.72 24.13
N GLY E 148 3.99 -1.60 23.44
CA GLY E 148 4.75 -1.61 22.16
C GLY E 148 6.13 -2.20 22.35
N ALA E 149 6.80 -1.82 23.44
CA ALA E 149 8.17 -2.26 23.70
C ALA E 149 8.23 -3.75 24.00
N ALA E 150 7.28 -4.19 24.82
CA ALA E 150 7.20 -5.58 25.23
C ALA E 150 6.97 -6.45 24.00
N LEU E 151 6.04 -6.01 23.14
CA LEU E 151 5.71 -6.72 21.92
C LEU E 151 6.93 -6.92 21.05
N ARG E 152 7.60 -5.82 20.74
CA ARG E 152 8.74 -5.86 19.84
C ARG E 152 9.85 -6.74 20.43
N ALA E 153 10.10 -6.61 21.73
CA ALA E 153 11.17 -7.41 22.37
C ALA E 153 10.86 -8.90 22.28
N ILE E 154 9.61 -9.26 22.49
CA ILE E 154 9.21 -10.64 22.26
C ILE E 154 9.44 -11.03 20.79
N GLU E 155 9.02 -10.15 19.88
CA GLU E 155 9.07 -10.46 18.47
C GLU E 155 10.49 -10.74 18.00
N ILE E 156 11.45 -9.95 18.47
CA ILE E 156 12.84 -10.13 18.05
C ILE E 156 13.65 -11.11 18.91
N GLY E 157 12.97 -11.83 19.81
CA GLY E 157 13.64 -12.76 20.70
C GLY E 157 14.69 -12.07 21.55
N ALA E 158 14.38 -10.86 22.02
CA ALA E 158 15.28 -10.14 22.92
C ALA E 158 15.59 -11.01 24.13
N ASP E 159 16.78 -10.84 24.71
CA ASP E 159 17.16 -11.54 25.94
C ASP E 159 16.76 -10.71 27.14
N LEU E 160 16.53 -9.43 26.93
CA LEU E 160 16.26 -8.52 28.03
C LEU E 160 15.54 -7.26 27.53
N LEU E 161 14.47 -6.90 28.22
CA LEU E 161 13.87 -5.59 27.99
C LEU E 161 14.30 -4.68 29.12
N LEU E 162 14.98 -3.59 28.77
CA LEU E 162 15.42 -2.59 29.73
C LEU E 162 14.47 -1.41 29.67
N LYS E 163 14.07 -0.90 30.82
CA LYS E 163 13.14 0.23 30.86
C LYS E 163 13.68 1.35 31.74
N ALA E 164 14.31 2.34 31.11
CA ALA E 164 14.86 3.49 31.84
C ALA E 164 13.76 4.35 32.42
N THR E 165 13.90 4.72 33.69
CA THR E 165 12.94 5.56 34.39
C THR E 165 13.69 6.61 35.22
N LYS E 166 12.95 7.61 35.70
CA LYS E 166 13.57 8.63 36.56
C LYS E 166 14.14 7.92 37.77
N VAL E 167 13.34 7.02 38.34
CA VAL E 167 13.70 6.31 39.55
C VAL E 167 14.30 4.95 39.25
N ASP E 168 15.53 4.76 39.72
CA ASP E 168 16.30 3.57 39.42
C ASP E 168 15.86 2.41 40.30
N GLY E 169 15.15 1.47 39.70
CA GLY E 169 14.69 0.29 40.40
C GLY E 169 13.24 0.35 40.81
N VAL E 170 12.69 -0.79 41.23
CA VAL E 170 11.29 -0.89 41.63
C VAL E 170 11.10 -0.61 43.13
N TYR E 171 10.06 0.16 43.42
CA TYR E 171 9.83 0.73 44.75
C TYR E 171 9.56 -0.25 45.85
N ASP E 172 10.08 0.08 47.02
CA ASP E 172 9.67 -0.55 48.26
C ASP E 172 8.68 0.40 48.92
N LYS E 173 8.89 1.70 48.69
CA LYS E 173 8.05 2.74 49.30
C LYS E 173 7.73 3.82 48.25
N ASP E 174 8.30 5.01 48.39
CA ASP E 174 8.10 6.07 47.40
C ASP E 174 9.26 7.04 47.23
N PRO E 175 10.41 6.53 46.74
CA PRO E 175 11.55 7.35 46.35
C PRO E 175 11.19 8.76 45.88
N LYS E 176 10.97 9.66 46.85
CA LYS E 176 10.74 11.09 46.59
C LYS E 176 10.00 11.78 47.76
N LYS E 177 9.87 11.06 48.88
CA LYS E 177 9.21 11.59 50.08
C LYS E 177 8.87 10.45 51.06
N HIS E 178 9.86 10.07 51.88
CA HIS E 178 9.79 8.83 52.65
C HIS E 178 11.16 8.53 53.26
N SER E 179 12.21 8.98 52.59
CA SER E 179 13.60 8.80 53.02
C SER E 179 14.07 7.34 52.90
N ASP E 180 13.73 6.53 53.90
CA ASP E 180 14.18 5.12 53.96
C ASP E 180 13.44 4.21 52.99
N ALA E 181 14.07 3.92 51.86
CA ALA E 181 13.51 3.00 50.88
C ALA E 181 14.55 1.97 50.47
N VAL E 182 14.09 0.80 50.00
CA VAL E 182 14.99 -0.25 49.54
C VAL E 182 14.57 -0.86 48.19
N ARG E 183 15.43 -0.74 47.18
CA ARG E 183 15.15 -1.37 45.89
C ARG E 183 15.29 -2.87 46.01
N TYR E 184 14.30 -3.60 45.50
CA TYR E 184 14.40 -5.03 45.35
C TYR E 184 15.45 -5.30 44.28
N ASP E 185 16.30 -6.28 44.51
CA ASP E 185 17.30 -6.65 43.51
C ASP E 185 16.54 -7.30 42.35
N SER E 186 15.87 -8.40 42.65
CA SER E 186 15.12 -9.11 41.65
C SER E 186 13.73 -9.37 42.19
N LEU E 187 12.81 -9.69 41.28
CA LEU E 187 11.42 -9.93 41.62
C LEU E 187 10.81 -10.96 40.70
N THR E 188 9.67 -11.49 41.12
CA THR E 188 8.89 -12.40 40.31
C THR E 188 7.69 -11.66 39.73
N TYR E 189 7.24 -12.07 38.54
CA TYR E 189 6.04 -11.46 37.96
C TYR E 189 4.84 -11.53 38.90
N ASP E 190 4.73 -12.66 39.61
CA ASP E 190 3.65 -12.90 40.56
C ASP E 190 3.87 -12.19 41.88
N GLU E 191 5.13 -11.88 42.18
CA GLU E 191 5.47 -11.09 43.37
C GLU E 191 5.08 -9.64 43.18
N VAL E 192 5.29 -9.12 41.96
CA VAL E 192 4.90 -7.77 41.60
C VAL E 192 3.38 -7.62 41.62
N ILE E 193 2.68 -8.65 41.17
CA ILE E 193 1.23 -8.63 41.06
C ILE E 193 0.55 -8.72 42.43
N MET E 194 1.13 -9.52 43.32
CA MET E 194 0.61 -9.63 44.68
C MET E 194 0.78 -8.34 45.48
N GLN E 195 2.03 -7.92 45.66
CA GLN E 195 2.37 -6.72 46.42
C GLN E 195 1.89 -5.43 45.75
N GLY E 196 1.26 -5.56 44.59
CA GLY E 196 0.67 -4.42 43.90
C GLY E 196 1.66 -3.33 43.51
N LEU E 197 2.90 -3.72 43.21
CA LEU E 197 3.93 -2.76 42.81
C LEU E 197 3.66 -2.30 41.39
N GLU E 198 4.07 -1.08 41.06
CA GLU E 198 3.90 -0.57 39.71
C GLU E 198 5.18 -0.73 38.89
N VAL E 199 5.05 -1.45 37.78
CA VAL E 199 6.19 -1.74 36.90
C VAL E 199 5.89 -1.23 35.48
N MET E 200 4.91 -1.86 34.83
CA MET E 200 4.32 -1.34 33.60
C MET E 200 2.82 -1.33 33.81
N ASP E 201 2.05 -0.98 32.77
CA ASP E 201 0.60 -1.01 32.91
C ASP E 201 0.15 -2.47 32.77
N THR E 202 -1.02 -2.80 33.31
CA THR E 202 -1.53 -4.19 33.32
C THR E 202 -1.36 -4.99 32.00
N ALA E 203 -1.87 -4.44 30.89
CA ALA E 203 -1.74 -5.07 29.59
C ALA E 203 -0.29 -5.35 29.19
N ALA E 204 0.57 -4.34 29.30
CA ALA E 204 1.97 -4.50 28.89
C ALA E 204 2.62 -5.57 29.71
N PHE E 205 2.25 -5.59 31.00
CA PHE E 205 2.89 -6.46 31.97
C PHE E 205 2.49 -7.93 31.82
N ALA E 206 1.23 -8.18 31.49
CA ALA E 206 0.76 -9.53 31.21
C ALA E 206 1.44 -10.06 29.97
N LEU E 207 1.61 -9.19 28.99
CA LEU E 207 2.21 -9.56 27.71
C LEU E 207 3.65 -10.00 27.94
N ALA E 208 4.38 -9.24 28.75
CA ALA E 208 5.73 -9.61 29.14
C ALA E 208 5.78 -10.93 29.92
N ARG E 209 4.97 -11.03 30.96
CA ARG E 209 4.97 -12.22 31.79
C ARG E 209 4.74 -13.48 30.98
N ASP E 210 3.71 -13.47 30.14
CA ASP E 210 3.29 -14.68 29.45
C ASP E 210 4.40 -15.26 28.58
N SER E 211 5.36 -14.43 28.21
CA SER E 211 6.52 -14.88 27.46
C SER E 211 7.78 -14.85 28.30
N ASP E 212 7.63 -14.75 29.61
CA ASP E 212 8.78 -14.72 30.50
C ASP E 212 9.92 -13.86 29.94
N LEU E 213 9.54 -12.64 29.57
CA LEU E 213 10.48 -11.66 29.05
C LEU E 213 11.21 -11.11 30.25
N PRO E 214 12.53 -11.34 30.34
CA PRO E 214 13.24 -10.76 31.48
C PRO E 214 13.23 -9.26 31.32
N LEU E 215 12.79 -8.53 32.35
CA LEU E 215 12.77 -7.08 32.25
C LEU E 215 13.54 -6.39 33.37
N ARG E 216 14.42 -5.48 32.99
CA ARG E 216 15.19 -4.72 33.96
C ARG E 216 14.79 -3.25 34.04
N ILE E 217 14.17 -2.88 35.15
CA ILE E 217 13.84 -1.49 35.43
C ILE E 217 15.00 -0.81 36.16
N PHE E 218 15.41 0.36 35.68
CA PHE E 218 16.60 1.03 36.18
C PHE E 218 16.62 2.51 35.79
N GLY E 219 17.70 3.19 36.16
CA GLY E 219 17.91 4.58 35.76
C GLY E 219 19.25 4.78 35.08
N MET E 220 19.23 5.37 33.88
CA MET E 220 20.46 5.76 33.19
C MET E 220 20.94 7.14 33.67
N SER E 221 21.82 7.17 34.66
CA SER E 221 22.36 8.46 35.09
C SER E 221 23.75 8.70 34.52
N GLU E 222 24.68 7.83 34.90
CA GLU E 222 26.08 8.02 34.54
C GLU E 222 26.45 7.16 33.33
N PRO E 223 27.37 7.67 32.49
CA PRO E 223 27.90 6.95 31.32
C PRO E 223 28.59 5.63 31.68
N GLY E 224 28.02 4.52 31.24
CA GLY E 224 28.58 3.20 31.49
C GLY E 224 27.54 2.24 32.04
N VAL E 225 26.49 2.78 32.64
CA VAL E 225 25.47 1.97 33.28
C VAL E 225 24.98 0.82 32.39
N LEU E 226 24.65 1.15 31.15
CA LEU E 226 24.15 0.17 30.18
C LEU E 226 25.18 -0.93 29.95
N LEU E 227 26.41 -0.51 29.66
CA LEU E 227 27.50 -1.42 29.35
C LEU E 227 27.76 -2.37 30.53
N ARG E 228 27.80 -1.81 31.74
CA ARG E 228 27.97 -2.61 32.94
C ARG E 228 26.90 -3.71 33.02
N ILE E 229 25.64 -3.31 32.83
CA ILE E 229 24.51 -4.24 32.87
C ILE E 229 24.69 -5.42 31.90
N LEU E 230 25.24 -5.13 30.73
CA LEU E 230 25.48 -6.17 29.73
C LEU E 230 26.57 -7.13 30.16
N HIS E 231 27.57 -6.62 30.87
CA HIS E 231 28.62 -7.48 31.42
C HIS E 231 28.10 -8.20 32.67
N GLY E 232 26.83 -7.98 32.96
CA GLY E 232 26.18 -8.59 34.10
C GLY E 232 26.43 -7.71 35.29
N ALA E 233 25.36 -7.18 35.86
CA ALA E 233 25.50 -6.37 37.06
C ALA E 233 24.26 -6.61 37.88
N GLN E 234 23.92 -5.64 38.72
CA GLN E 234 22.63 -5.62 39.38
C GLN E 234 22.18 -4.18 39.64
N ILE E 235 22.04 -3.42 38.56
CA ILE E 235 21.56 -2.06 38.63
C ILE E 235 20.03 -2.05 38.49
N GLY E 236 19.37 -1.35 39.42
CA GLY E 236 17.92 -1.30 39.44
C GLY E 236 17.31 -2.62 39.83
N THR E 237 16.23 -3.00 39.14
CA THR E 237 15.47 -4.19 39.51
C THR E 237 15.31 -5.14 38.33
N LEU E 238 15.34 -6.44 38.60
CA LEU E 238 15.19 -7.46 37.57
C LEU E 238 13.91 -8.23 37.82
N VAL E 239 12.95 -8.13 36.90
CA VAL E 239 11.69 -8.84 37.07
C VAL E 239 11.67 -10.02 36.13
N GLN E 240 11.31 -11.19 36.67
CA GLN E 240 11.47 -12.45 35.95
C GLN E 240 10.90 -13.64 36.73
N GLY E 241 10.81 -14.78 36.06
CA GLY E 241 10.42 -16.04 36.71
C GLY E 241 8.95 -16.15 37.04
N ARG E 242 8.46 -17.39 37.01
CA ARG E 242 7.06 -17.69 37.31
C ARG E 242 6.66 -17.20 38.71
N SER E 243 6.25 -16.04 38.82
N GLU F 6 -23.06 36.80 -3.84
CA GLU F 6 -22.82 36.92 -2.37
C GLU F 6 -21.37 36.64 -1.99
N LEU F 7 -20.84 35.54 -2.50
CA LEU F 7 -19.44 35.19 -2.27
C LEU F 7 -18.55 35.71 -3.39
N SER F 8 -17.48 36.39 -3.03
CA SER F 8 -16.48 36.81 -4.01
C SER F 8 -15.57 35.64 -4.39
N TYR F 9 -15.59 34.59 -3.58
CA TYR F 9 -14.80 33.38 -3.82
C TYR F 9 -15.58 32.16 -3.37
N ARG F 10 -15.75 31.22 -4.29
CA ARG F 10 -16.47 29.98 -4.04
C ARG F 10 -15.66 28.96 -3.23
N ARG F 11 -14.40 28.78 -3.64
CA ARG F 11 -13.53 27.77 -3.06
C ARG F 11 -12.15 28.36 -2.73
N ILE F 12 -11.79 28.32 -1.45
CA ILE F 12 -10.55 28.95 -1.01
C ILE F 12 -9.61 27.96 -0.32
N LEU F 13 -8.32 28.28 -0.35
CA LEU F 13 -7.33 27.56 0.46
C LEU F 13 -6.67 28.55 1.40
N LEU F 14 -6.82 28.31 2.70
CA LEU F 14 -6.20 29.19 3.68
C LEU F 14 -4.94 28.55 4.19
N LYS F 15 -3.81 29.22 4.03
CA LYS F 15 -2.52 28.74 4.51
C LYS F 15 -2.03 29.51 5.73
N LEU F 16 -1.75 28.78 6.81
CA LEU F 16 -1.17 29.33 8.04
C LEU F 16 0.19 28.70 8.31
N SER F 17 1.09 29.47 8.90
CA SER F 17 2.32 28.88 9.46
C SER F 17 2.03 28.19 10.80
N GLY F 18 2.91 27.28 11.19
CA GLY F 18 2.72 26.50 12.39
C GLY F 18 2.71 27.36 13.63
N GLU F 19 3.65 28.30 13.69
CA GLU F 19 3.78 29.15 14.89
C GLU F 19 2.54 29.99 15.15
N ALA F 20 1.75 30.28 14.11
CA ALA F 20 0.45 30.92 14.30
C ALA F 20 -0.35 30.18 15.38
N LEU F 21 -0.01 28.92 15.59
CA LEU F 21 -0.74 28.10 16.55
C LEU F 21 -0.20 28.26 17.97
N MET F 22 1.09 28.58 18.10
CA MET F 22 1.73 28.61 19.43
C MET F 22 1.10 29.66 20.34
N GLY F 23 0.58 30.72 19.73
CA GLY F 23 0.07 31.84 20.50
C GLY F 23 1.16 32.53 21.28
N ASP F 24 0.91 32.75 22.56
CA ASP F 24 1.86 33.42 23.45
C ASP F 24 2.97 32.47 23.90
N GLY F 25 2.71 31.17 23.81
CA GLY F 25 3.68 30.14 24.18
C GLY F 25 4.81 30.06 23.18
N ASP F 26 5.73 29.13 23.36
CA ASP F 26 6.82 28.98 22.38
C ASP F 26 7.02 27.58 21.82
N TYR F 27 5.94 26.81 21.82
CA TYR F 27 5.88 25.51 21.13
C TYR F 27 4.46 24.97 21.22
N GLY F 28 4.15 24.02 20.34
CA GLY F 28 2.88 23.30 20.44
C GLY F 28 1.72 24.16 20.01
N ILE F 29 0.56 23.93 20.61
CA ILE F 29 -0.63 24.67 20.25
C ILE F 29 -1.28 25.33 21.47
N ASP F 30 -1.63 26.61 21.32
CA ASP F 30 -2.38 27.33 22.33
C ASP F 30 -3.88 27.09 22.07
N PRO F 31 -4.56 26.40 23.01
CA PRO F 31 -5.93 25.94 22.82
C PRO F 31 -6.90 27.07 22.50
N LYS F 32 -6.73 28.21 23.16
CA LYS F 32 -7.52 29.41 22.88
C LYS F 32 -7.31 29.88 21.45
N VAL F 33 -6.04 29.96 21.04
CA VAL F 33 -5.71 30.46 19.71
C VAL F 33 -6.21 29.53 18.61
N ILE F 34 -6.16 28.22 18.85
CA ILE F 34 -6.63 27.27 17.85
C ILE F 34 -8.15 27.30 17.75
N ASN F 35 -8.80 27.56 18.89
CA ASN F 35 -10.25 27.60 18.94
C ASN F 35 -10.82 28.78 18.18
N ARG F 36 -10.20 29.93 18.37
CA ARG F 36 -10.55 31.11 17.61
C ARG F 36 -10.47 30.82 16.11
N LEU F 37 -9.37 30.21 15.68
CA LEU F 37 -9.19 29.83 14.28
C LEU F 37 -10.28 28.89 13.78
N ALA F 38 -10.57 27.85 14.56
CA ALA F 38 -11.66 26.93 14.23
C ALA F 38 -12.92 27.71 13.93
N HIS F 39 -13.25 28.66 14.83
CA HIS F 39 -14.45 29.46 14.68
C HIS F 39 -14.48 30.26 13.38
N GLU F 40 -13.41 31.01 13.10
CA GLU F 40 -13.30 31.74 11.83
C GLU F 40 -13.49 30.82 10.63
N VAL F 41 -12.83 29.67 10.63
CA VAL F 41 -12.98 28.71 9.55
C VAL F 41 -14.42 28.26 9.39
N ILE F 42 -15.05 27.90 10.52
CA ILE F 42 -16.45 27.43 10.52
C ILE F 42 -17.42 28.51 10.03
N GLU F 43 -17.11 29.77 10.34
CA GLU F 43 -17.87 30.93 9.86
C GLU F 43 -17.81 31.03 8.34
N ALA F 44 -16.60 30.89 7.81
CA ALA F 44 -16.39 30.92 6.37
C ALA F 44 -17.18 29.83 5.66
N GLN F 45 -17.05 28.61 6.16
CA GLN F 45 -17.76 27.49 5.56
C GLN F 45 -19.28 27.65 5.72
N GLN F 46 -19.69 28.18 6.87
CA GLN F 46 -21.11 28.43 7.15
C GLN F 46 -21.73 29.44 6.18
N ALA F 47 -20.89 30.36 5.70
CA ALA F 47 -21.30 31.38 4.75
C ALA F 47 -21.47 30.85 3.32
N GLY F 48 -21.04 29.62 3.09
CA GLY F 48 -21.16 28.99 1.77
C GLY F 48 -19.83 28.70 1.09
N ALA F 49 -18.73 29.09 1.74
CA ALA F 49 -17.40 28.83 1.21
C ALA F 49 -16.94 27.37 1.41
N GLN F 50 -16.49 26.72 0.33
CA GLN F 50 -15.80 25.44 0.41
C GLN F 50 -14.35 25.72 0.82
N VAL F 51 -14.00 25.32 2.05
CA VAL F 51 -12.72 25.69 2.63
C VAL F 51 -11.70 24.56 2.64
N ALA F 52 -10.47 24.88 2.22
CA ALA F 52 -9.30 24.03 2.44
C ALA F 52 -8.28 24.77 3.32
N LEU F 53 -7.56 24.05 4.18
CA LEU F 53 -6.51 24.66 4.98
C LEU F 53 -5.22 23.91 4.89
N VAL F 54 -4.13 24.64 5.09
CA VAL F 54 -2.76 24.12 5.17
C VAL F 54 -2.11 24.87 6.34
N ILE F 55 -1.50 24.13 7.26
CA ILE F 55 -0.81 24.72 8.40
C ILE F 55 0.58 24.14 8.42
N GLY F 56 1.59 24.98 8.64
CA GLY F 56 2.97 24.51 8.73
C GLY F 56 3.27 23.78 10.03
N GLY F 57 4.53 23.43 10.23
CA GLY F 57 4.92 22.64 11.40
C GLY F 57 5.94 23.29 12.30
N GLY F 58 6.18 24.58 12.10
CA GLY F 58 7.25 25.27 12.80
C GLY F 58 7.01 25.41 14.30
N ASN F 59 5.75 25.37 14.71
CA ASN F 59 5.40 25.37 16.13
C ASN F 59 5.80 24.05 16.83
N ILE F 60 5.98 22.98 16.05
CA ILE F 60 6.30 21.68 16.65
C ILE F 60 7.70 21.26 16.29
N PHE F 61 8.05 21.46 15.03
CA PHE F 61 9.40 21.18 14.57
C PHE F 61 10.23 22.42 14.88
N ARG F 62 10.53 22.58 16.17
CA ARG F 62 11.21 23.75 16.76
C ARG F 62 12.48 23.31 17.45
N GLY F 63 13.12 24.26 18.12
CA GLY F 63 14.17 23.93 19.07
C GLY F 63 15.47 23.57 18.41
N ALA F 64 16.54 23.64 19.19
CA ALA F 64 17.87 23.34 18.68
C ALA F 64 18.05 21.84 18.46
N GLY F 65 17.30 21.05 19.23
CA GLY F 65 17.37 19.59 19.14
C GLY F 65 16.65 19.01 17.94
N LEU F 66 15.46 19.53 17.65
CA LEU F 66 14.67 19.05 16.52
C LEU F 66 15.10 19.74 15.22
N ALA F 67 14.88 21.06 15.14
CA ALA F 67 15.26 21.82 13.96
C ALA F 67 16.67 22.37 14.12
N ALA F 68 17.64 21.46 14.08
CA ALA F 68 19.04 21.83 14.23
C ALA F 68 19.55 22.61 13.03
N SER F 69 20.85 22.54 12.78
CA SER F 69 21.44 23.20 11.61
C SER F 69 22.68 22.48 11.10
N GLY F 70 23.12 21.48 11.86
CA GLY F 70 24.13 20.52 11.39
C GLY F 70 23.45 19.22 10.99
N MET F 71 22.13 19.30 10.79
CA MET F 71 21.30 18.11 10.55
C MET F 71 21.15 17.80 9.07
N ASP F 72 20.64 16.60 8.79
CA ASP F 72 20.28 16.23 7.43
C ASP F 72 19.03 17.01 7.01
N ARG F 73 19.05 17.58 5.81
CA ARG F 73 17.94 18.41 5.32
C ARG F 73 16.70 17.59 4.96
N VAL F 74 16.91 16.39 4.42
CA VAL F 74 15.80 15.51 4.10
C VAL F 74 15.11 15.07 5.41
N THR F 75 15.92 14.73 6.40
CA THR F 75 15.42 14.38 7.73
C THR F 75 14.56 15.47 8.36
N GLY F 76 15.09 16.70 8.37
CA GLY F 76 14.39 17.83 8.97
C GLY F 76 13.10 18.16 8.23
N ASP F 77 13.13 18.01 6.90
CA ASP F 77 11.93 18.18 6.10
C ASP F 77 10.93 17.08 6.43
N HIS F 78 11.43 15.86 6.62
CA HIS F 78 10.58 14.74 7.04
C HIS F 78 10.02 15.00 8.42
N MET F 79 10.83 15.54 9.33
CA MET F 79 10.32 15.88 10.68
C MET F 79 9.27 16.97 10.62
N GLY F 80 9.47 17.94 9.72
CA GLY F 80 8.47 18.99 9.52
C GLY F 80 7.17 18.45 8.96
N MET F 81 7.27 17.52 8.01
CA MET F 81 6.09 16.89 7.42
C MET F 81 5.21 16.21 8.47
N LEU F 82 5.80 15.41 9.33
CA LEU F 82 5.02 14.78 10.39
C LEU F 82 4.35 15.82 11.28
N ALA F 83 5.10 16.87 11.60
CA ALA F 83 4.58 17.94 12.45
C ALA F 83 3.33 18.54 11.83
N THR F 84 3.31 18.69 10.51
CA THR F 84 2.11 19.23 9.84
C THR F 84 0.92 18.28 10.00
N VAL F 85 1.18 16.97 10.10
CA VAL F 85 0.07 16.02 10.35
C VAL F 85 -0.49 16.14 11.79
N ILE F 86 0.40 16.27 12.77
CA ILE F 86 0.00 16.52 14.16
C ILE F 86 -0.86 17.78 14.30
N ASN F 87 -0.48 18.86 13.60
CA ASN F 87 -1.26 20.10 13.60
C ASN F 87 -2.63 19.88 12.95
N ALA F 88 -2.61 19.15 11.84
CA ALA F 88 -3.83 18.82 11.09
C ALA F 88 -4.81 18.02 11.93
N LEU F 89 -4.29 17.09 12.72
CA LEU F 89 -5.12 16.29 13.63
C LEU F 89 -5.72 17.18 14.73
N ALA F 90 -4.91 18.09 15.26
CA ALA F 90 -5.42 18.99 16.31
C ALA F 90 -6.51 19.88 15.72
N MET F 91 -6.23 20.50 14.59
CA MET F 91 -7.23 21.37 13.96
C MET F 91 -8.49 20.56 13.66
N GLN F 92 -8.29 19.31 13.28
CA GLN F 92 -9.40 18.46 12.90
C GLN F 92 -10.34 18.26 14.06
N ASP F 93 -9.79 18.01 15.24
CA ASP F 93 -10.64 17.72 16.39
C ASP F 93 -11.31 18.97 16.91
N ALA F 94 -10.64 20.12 16.79
CA ALA F 94 -11.23 21.42 17.15
C ALA F 94 -12.43 21.76 16.27
N LEU F 95 -12.29 21.52 14.98
CA LEU F 95 -13.40 21.75 14.05
C LEU F 95 -14.56 20.79 14.29
N GLU F 96 -14.25 19.53 14.59
CA GLU F 96 -15.31 18.56 14.84
C GLU F 96 -16.03 18.80 16.17
N LYS F 97 -15.37 19.42 17.14
CA LYS F 97 -16.01 19.70 18.43
C LYS F 97 -16.99 20.86 18.32
N LEU F 98 -17.07 21.44 17.12
CA LEU F 98 -17.93 22.57 16.84
C LEU F 98 -18.90 22.21 15.71
N GLY F 99 -19.03 20.91 15.43
CA GLY F 99 -20.04 20.43 14.49
C GLY F 99 -19.70 20.42 13.00
N ALA F 100 -18.45 20.70 12.67
CA ALA F 100 -17.99 20.67 11.26
C ALA F 100 -17.58 19.28 10.76
N LYS F 101 -17.89 18.98 9.50
CA LYS F 101 -17.35 17.80 8.80
C LYS F 101 -15.99 18.13 8.19
N VAL F 102 -14.99 17.34 8.51
CA VAL F 102 -13.62 17.58 8.09
C VAL F 102 -13.02 16.34 7.46
N ARG F 103 -12.01 16.54 6.64
CA ARG F 103 -11.23 15.44 6.08
C ARG F 103 -9.77 15.86 6.02
N VAL F 104 -8.91 15.09 6.68
CA VAL F 104 -7.46 15.31 6.66
C VAL F 104 -6.83 14.47 5.53
N MET F 105 -6.08 15.13 4.65
CA MET F 105 -5.45 14.43 3.54
C MET F 105 -3.96 14.76 3.51
N SER F 106 -3.15 13.70 3.51
CA SER F 106 -1.70 13.79 3.64
C SER F 106 -1.03 13.53 2.30
N ALA F 107 0.05 14.26 2.00
CA ALA F 107 0.81 14.05 0.77
C ALA F 107 1.57 12.73 0.86
N ILE F 108 1.80 12.28 2.10
CA ILE F 108 2.41 10.98 2.33
C ILE F 108 1.41 10.07 3.03
N LYS F 109 1.37 8.81 2.61
CA LYS F 109 0.46 7.82 3.17
C LYS F 109 0.80 7.40 4.60
N ILE F 110 -0.15 7.65 5.51
CA ILE F 110 -0.09 7.19 6.89
C ILE F 110 -1.43 6.58 7.32
N ASN F 111 -1.60 5.30 7.04
CA ASN F 111 -2.85 4.57 7.30
C ASN F 111 -3.44 4.73 8.70
N ASP F 112 -4.76 4.86 8.78
CA ASP F 112 -5.49 4.88 10.05
C ASP F 112 -5.26 6.16 10.85
N VAL F 113 -4.44 7.07 10.32
CA VAL F 113 -4.34 8.38 10.94
C VAL F 113 -4.98 9.42 10.03
N CYS F 114 -4.87 9.23 8.72
CA CYS F 114 -5.56 10.14 7.80
C CYS F 114 -5.52 9.63 6.37
N GLU F 115 -6.33 10.25 5.51
CA GLU F 115 -6.45 9.85 4.12
C GLU F 115 -5.24 10.25 3.28
N ASP F 116 -4.98 9.50 2.23
CA ASP F 116 -4.01 9.89 1.22
C ASP F 116 -4.66 10.96 0.38
N PHE F 117 -3.86 11.90 -0.11
CA PHE F 117 -4.40 12.93 -0.97
C PHE F 117 -4.68 12.35 -2.35
N ILE F 118 -5.92 12.46 -2.79
CA ILE F 118 -6.32 12.12 -4.14
C ILE F 118 -7.13 13.31 -4.60
N ARG F 119 -6.70 13.90 -5.71
CA ARG F 119 -7.23 15.18 -6.11
C ARG F 119 -8.75 15.10 -6.27
N ARG F 120 -9.19 14.13 -7.08
CA ARG F 120 -10.60 13.95 -7.40
C ARG F 120 -11.47 13.75 -6.14
N ARG F 121 -10.92 13.03 -5.16
CA ARG F 121 -11.58 12.83 -3.89
C ARG F 121 -11.65 14.13 -3.08
N ALA F 122 -10.54 14.87 -3.04
CA ALA F 122 -10.44 16.14 -2.35
C ALA F 122 -11.52 17.14 -2.80
N ILE F 123 -11.65 17.27 -4.11
CA ILE F 123 -12.71 18.08 -4.71
C ILE F 123 -14.10 17.58 -4.31
N ARG F 124 -14.31 16.27 -4.44
CA ARG F 124 -15.56 15.61 -4.07
C ARG F 124 -15.90 15.92 -2.61
N HIS F 125 -14.88 16.04 -1.76
CA HIS F 125 -15.10 16.41 -0.36
C HIS F 125 -15.59 17.83 -0.18
N LEU F 126 -14.94 18.77 -0.85
CA LEU F 126 -15.28 20.18 -0.70
C LEU F 126 -16.74 20.40 -1.09
N GLU F 127 -17.14 19.79 -2.20
CA GLU F 127 -18.51 19.95 -2.67
C GLU F 127 -19.58 19.24 -1.83
N LYS F 128 -19.17 18.56 -0.75
CA LYS F 128 -20.11 18.01 0.22
C LYS F 128 -20.24 18.94 1.42
N GLY F 129 -19.40 19.97 1.45
CA GLY F 129 -19.44 20.93 2.56
C GLY F 129 -18.45 20.56 3.64
N ARG F 130 -17.56 19.62 3.32
CA ARG F 130 -16.50 19.22 4.23
C ARG F 130 -15.32 20.18 4.10
N ILE F 131 -14.67 20.51 5.21
CA ILE F 131 -13.43 21.25 5.12
C ILE F 131 -12.22 20.31 4.99
N ALA F 132 -11.37 20.62 4.02
CA ALA F 132 -10.23 19.77 3.71
C ALA F 132 -8.98 20.33 4.34
N ILE F 133 -8.22 19.47 5.00
CA ILE F 133 -6.99 19.89 5.64
C ILE F 133 -5.89 19.04 5.02
N PHE F 134 -4.88 19.71 4.46
CA PHE F 134 -3.80 19.03 3.76
C PHE F 134 -2.53 19.09 4.58
N ALA F 135 -1.83 17.96 4.66
CA ALA F 135 -0.62 17.91 5.45
C ALA F 135 0.50 17.32 4.64
N ALA F 136 1.72 17.57 5.09
CA ALA F 136 2.93 16.97 4.50
C ALA F 136 3.27 17.63 3.17
N GLY F 137 2.62 18.75 2.91
CA GLY F 137 2.93 19.58 1.76
C GLY F 137 2.88 18.88 0.43
N THR F 138 4.02 18.90 -0.22
CA THR F 138 4.27 18.32 -1.52
C THR F 138 4.58 16.81 -1.41
N GLY F 139 4.98 16.37 -0.22
CA GLY F 139 5.40 14.99 -0.01
C GLY F 139 6.89 14.80 -0.21
N ASN F 140 7.56 15.86 -0.67
CA ASN F 140 8.98 15.80 -1.05
C ASN F 140 9.78 16.77 -0.22
N PRO F 141 11.03 16.41 0.12
CA PRO F 141 11.89 17.37 0.80
C PRO F 141 12.34 18.48 -0.16
N PHE F 142 12.83 19.59 0.41
CA PHE F 142 13.37 20.74 -0.34
C PHE F 142 12.26 21.60 -0.91
N PHE F 143 11.04 21.33 -0.48
CA PHE F 143 9.92 22.11 -0.91
C PHE F 143 9.25 22.72 0.31
N THR F 144 8.77 23.94 0.12
CA THR F 144 8.27 24.76 1.15
C THR F 144 6.79 24.41 1.44
N THR F 145 6.30 24.85 2.61
CA THR F 145 4.87 24.76 2.94
C THR F 145 4.05 25.58 1.93
N ASP F 146 4.56 26.77 1.57
CA ASP F 146 3.94 27.55 0.50
C ASP F 146 3.80 26.77 -0.84
N SER F 147 4.82 26.03 -1.24
CA SER F 147 4.70 25.22 -2.46
C SER F 147 3.56 24.22 -2.33
N GLY F 148 3.47 23.56 -1.17
CA GLY F 148 2.41 22.59 -0.92
C GLY F 148 1.05 23.27 -1.04
N ALA F 149 0.94 24.42 -0.38
CA ALA F 149 -0.30 25.20 -0.42
C ALA F 149 -0.65 25.61 -1.84
N ALA F 150 0.33 26.13 -2.57
CA ALA F 150 0.12 26.51 -3.98
C ALA F 150 -0.29 25.33 -4.84
N LEU F 151 0.39 24.20 -4.68
CA LEU F 151 0.11 23.00 -5.48
C LEU F 151 -1.29 22.50 -5.21
N ARG F 152 -1.66 22.44 -3.93
CA ARG F 152 -3.02 22.02 -3.57
C ARG F 152 -4.11 22.99 -3.99
N ALA F 153 -3.84 24.29 -3.85
CA ALA F 153 -4.79 25.32 -4.32
C ALA F 153 -5.09 25.17 -5.80
N ILE F 154 -4.04 24.92 -6.59
CA ILE F 154 -4.18 24.70 -8.03
C ILE F 154 -4.89 23.38 -8.35
N GLU F 155 -4.50 22.30 -7.67
CA GLU F 155 -5.12 20.99 -7.92
C GLU F 155 -6.61 20.99 -7.69
N ILE F 156 -7.06 21.70 -6.66
CA ILE F 156 -8.50 21.70 -6.35
C ILE F 156 -9.29 22.75 -7.09
N GLY F 157 -8.61 23.55 -7.92
CA GLY F 157 -9.26 24.64 -8.63
C GLY F 157 -9.76 25.74 -7.72
N ALA F 158 -9.00 26.04 -6.65
CA ALA F 158 -9.42 27.12 -5.74
C ALA F 158 -9.40 28.51 -6.41
N ASP F 159 -10.30 29.38 -5.95
CA ASP F 159 -10.41 30.74 -6.50
C ASP F 159 -9.44 31.65 -5.81
N LEU F 160 -8.99 31.26 -4.63
CA LEU F 160 -8.17 32.13 -3.83
C LEU F 160 -7.23 31.32 -2.97
N LEU F 161 -5.93 31.65 -3.03
CA LEU F 161 -5.04 31.21 -1.97
C LEU F 161 -4.83 32.35 -1.00
N LEU F 162 -5.26 32.16 0.25
CA LEU F 162 -4.99 33.14 1.27
C LEU F 162 -3.76 32.71 2.03
N LYS F 163 -2.90 33.67 2.32
CA LYS F 163 -1.72 33.41 3.12
C LYS F 163 -1.70 34.38 4.31
N ALA F 164 -1.97 33.85 5.50
CA ALA F 164 -1.92 34.65 6.71
C ALA F 164 -0.48 34.74 7.19
N THR F 165 -0.06 35.95 7.56
CA THR F 165 1.31 36.26 8.00
C THR F 165 1.31 37.27 9.15
N LYS F 166 2.50 37.53 9.69
CA LYS F 166 2.65 38.52 10.77
C LYS F 166 2.19 39.91 10.35
N VAL F 167 2.62 40.35 9.18
CA VAL F 167 2.22 41.64 8.67
C VAL F 167 0.99 41.50 7.77
N ASP F 168 0.06 42.44 7.92
CA ASP F 168 -1.24 42.42 7.24
C ASP F 168 -1.18 42.82 5.77
N GLY F 169 -0.21 42.29 5.03
CA GLY F 169 -0.12 42.59 3.59
C GLY F 169 1.31 42.61 3.13
N VAL F 170 1.52 43.14 1.92
CA VAL F 170 2.87 43.34 1.41
C VAL F 170 3.16 44.84 1.46
N TYR F 171 4.28 45.21 2.07
CA TYR F 171 4.59 46.62 2.25
C TYR F 171 5.78 47.06 1.44
N ASP F 172 5.81 48.35 1.12
CA ASP F 172 6.94 48.92 0.42
C ASP F 172 8.18 48.93 1.33
N LYS F 173 7.95 48.74 2.63
CA LYS F 173 9.02 48.77 3.62
C LYS F 173 8.52 48.22 4.96
N ASP F 174 9.45 47.90 5.85
CA ASP F 174 9.14 47.28 7.15
C ASP F 174 8.28 48.17 8.05
N PRO F 175 7.03 47.77 8.31
CA PRO F 175 6.09 48.60 9.08
C PRO F 175 6.29 48.49 10.59
N LYS F 176 7.18 47.60 11.00
CA LYS F 176 7.49 47.40 12.41
C LYS F 176 8.71 48.23 12.76
N LYS F 177 9.41 48.69 11.72
CA LYS F 177 10.65 49.41 11.90
C LYS F 177 10.59 50.78 11.24
N HIS F 178 9.64 50.95 10.34
CA HIS F 178 9.53 52.21 9.61
C HIS F 178 8.07 52.58 9.37
N SER F 179 7.48 53.26 10.35
CA SER F 179 6.18 53.90 10.16
C SER F 179 6.28 54.76 8.90
N ASP F 180 5.15 55.00 8.25
CA ASP F 180 5.15 55.68 6.95
C ASP F 180 5.12 54.67 5.80
N ALA F 181 5.58 53.45 6.06
CA ALA F 181 5.51 52.37 5.08
C ALA F 181 4.06 52.11 4.69
N VAL F 182 3.79 52.00 3.39
CA VAL F 182 2.42 51.76 2.92
C VAL F 182 2.20 50.34 2.35
N ARG F 183 0.97 49.88 2.46
CA ARG F 183 0.59 48.59 1.96
C ARG F 183 0.03 48.71 0.55
N TYR F 184 0.55 47.88 -0.36
CA TYR F 184 -0.01 47.73 -1.68
C TYR F 184 -1.39 47.09 -1.59
N ASP F 185 -2.34 47.63 -2.34
CA ASP F 185 -3.66 47.02 -2.41
C ASP F 185 -3.65 45.89 -3.41
N SER F 186 -2.82 46.02 -4.44
CA SER F 186 -2.83 45.12 -5.58
C SER F 186 -1.54 45.12 -6.38
N LEU F 187 -0.95 43.95 -6.54
CA LEU F 187 0.21 43.81 -7.40
C LEU F 187 -0.03 42.68 -8.36
N THR F 188 0.58 42.79 -9.55
CA THR F 188 0.65 41.65 -10.46
C THR F 188 1.83 40.80 -10.05
N TYR F 189 1.92 39.60 -10.62
CA TYR F 189 3.02 38.68 -10.34
C TYR F 189 4.33 39.32 -10.75
N ASP F 190 4.29 40.01 -11.88
CA ASP F 190 5.47 40.64 -12.43
C ASP F 190 5.85 41.89 -11.65
N GLU F 191 4.86 42.59 -11.14
CA GLU F 191 5.08 43.72 -10.24
C GLU F 191 5.98 43.25 -9.11
N VAL F 192 5.54 42.21 -8.41
CA VAL F 192 6.27 41.61 -7.32
C VAL F 192 7.71 41.25 -7.68
N ILE F 193 7.88 40.51 -8.79
CA ILE F 193 9.20 40.05 -9.24
C ILE F 193 10.16 41.22 -9.46
N MET F 194 9.63 42.31 -10.01
CA MET F 194 10.46 43.48 -10.33
C MET F 194 10.79 44.33 -9.10
N GLN F 195 9.82 44.52 -8.21
CA GLN F 195 10.04 45.31 -7.01
C GLN F 195 10.86 44.58 -5.95
N GLY F 196 11.27 43.35 -6.24
CA GLY F 196 12.03 42.55 -5.28
C GLY F 196 11.28 42.36 -3.97
N LEU F 197 9.94 42.36 -4.05
CA LEU F 197 9.13 42.13 -2.87
C LEU F 197 9.10 40.64 -2.55
N GLU F 198 9.30 40.33 -1.27
CA GLU F 198 9.30 38.96 -0.80
C GLU F 198 7.87 38.56 -0.46
N VAL F 199 7.37 37.54 -1.13
CA VAL F 199 5.99 37.11 -0.91
C VAL F 199 5.96 35.62 -0.51
N MET F 200 6.46 34.76 -1.40
CA MET F 200 6.72 33.35 -1.14
C MET F 200 8.08 33.07 -1.75
N ASP F 201 8.70 31.94 -1.39
CA ASP F 201 9.95 31.51 -2.03
C ASP F 201 9.76 31.37 -3.53
N THR F 202 10.87 31.41 -4.26
CA THR F 202 10.84 31.42 -5.73
C THR F 202 10.01 30.30 -6.37
N ALA F 203 10.35 29.06 -6.07
CA ALA F 203 9.61 27.92 -6.59
C ALA F 203 8.11 28.04 -6.34
N ALA F 204 7.72 28.32 -5.09
CA ALA F 204 6.31 28.41 -4.70
C ALA F 204 5.57 29.52 -5.47
N PHE F 205 6.22 30.66 -5.61
CA PHE F 205 5.69 31.77 -6.36
C PHE F 205 5.61 31.45 -7.87
N ALA F 206 6.64 30.80 -8.39
CA ALA F 206 6.63 30.43 -9.81
C ALA F 206 5.44 29.53 -10.09
N LEU F 207 5.19 28.58 -9.19
CA LEU F 207 4.07 27.66 -9.31
C LEU F 207 2.75 28.44 -9.40
N ALA F 208 2.52 29.30 -8.40
CA ALA F 208 1.31 30.14 -8.38
C ALA F 208 1.16 31.04 -9.62
N ARG F 209 2.25 31.68 -10.02
CA ARG F 209 2.23 32.58 -11.18
C ARG F 209 1.87 31.85 -12.47
N ASP F 210 2.42 30.66 -12.67
CA ASP F 210 2.16 29.88 -13.87
C ASP F 210 0.71 29.43 -14.03
N SER F 211 -0.04 29.34 -12.92
CA SER F 211 -1.48 29.08 -13.01
C SER F 211 -2.36 30.29 -12.71
N ASP F 212 -1.72 31.45 -12.59
CA ASP F 212 -2.40 32.68 -12.23
C ASP F 212 -3.32 32.48 -11.04
N LEU F 213 -2.77 31.86 -10.00
CA LEU F 213 -3.47 31.71 -8.74
C LEU F 213 -3.60 33.07 -8.05
N PRO F 214 -4.84 33.56 -7.87
CA PRO F 214 -4.98 34.79 -7.09
C PRO F 214 -4.48 34.55 -5.67
N LEU F 215 -3.68 35.48 -5.16
CA LEU F 215 -3.02 35.39 -3.87
C LEU F 215 -3.42 36.52 -2.95
N ARG F 216 -3.97 36.19 -1.78
CA ARG F 216 -4.24 37.20 -0.76
C ARG F 216 -3.33 37.10 0.45
N ILE F 217 -2.44 38.09 0.59
CA ILE F 217 -1.56 38.17 1.73
C ILE F 217 -2.21 39.10 2.74
N PHE F 218 -2.46 38.60 3.94
CA PHE F 218 -3.21 39.36 4.91
C PHE F 218 -2.82 38.87 6.29
N GLY F 219 -3.28 39.59 7.33
CA GLY F 219 -3.12 39.13 8.72
C GLY F 219 -4.46 38.77 9.33
N MET F 220 -4.48 37.80 10.23
CA MET F 220 -5.73 37.36 10.87
C MET F 220 -5.87 37.85 12.29
N SER F 221 -5.47 39.08 12.55
CA SER F 221 -5.49 39.62 13.90
C SER F 221 -6.89 39.70 14.46
N GLU F 222 -7.80 40.36 13.74
CA GLU F 222 -9.15 40.60 14.27
C GLU F 222 -10.26 39.79 13.62
N PRO F 223 -11.28 39.42 14.42
CA PRO F 223 -12.34 38.51 14.00
C PRO F 223 -13.15 39.01 12.81
N GLY F 224 -13.62 38.07 11.98
CA GLY F 224 -14.43 38.41 10.82
C GLY F 224 -13.66 38.72 9.56
N VAL F 225 -12.33 38.80 9.65
CA VAL F 225 -11.51 39.02 8.44
C VAL F 225 -11.94 38.08 7.32
N LEU F 226 -11.99 36.79 7.62
CA LEU F 226 -12.31 35.77 6.64
C LEU F 226 -13.63 36.04 5.92
N LEU F 227 -14.69 36.26 6.69
CA LEU F 227 -16.01 36.55 6.12
C LEU F 227 -15.99 37.80 5.25
N ARG F 228 -15.32 38.83 5.74
CA ARG F 228 -15.21 40.10 5.02
C ARG F 228 -14.60 39.90 3.63
N ILE F 229 -13.46 39.21 3.58
CA ILE F 229 -12.79 38.84 2.33
C ILE F 229 -13.72 38.10 1.36
N LEU F 230 -14.56 37.21 1.89
CA LEU F 230 -15.47 36.44 1.05
C LEU F 230 -16.58 37.31 0.44
N HIS F 231 -16.93 38.39 1.13
CA HIS F 231 -17.93 39.27 0.58
C HIS F 231 -17.34 40.34 -0.34
N GLY F 232 -16.04 40.58 -0.23
CA GLY F 232 -15.33 41.38 -1.22
C GLY F 232 -14.46 42.51 -0.70
N ALA F 233 -14.22 42.55 0.60
CA ALA F 233 -13.37 43.59 1.19
C ALA F 233 -11.92 43.47 0.75
N GLN F 234 -11.29 44.62 0.49
CA GLN F 234 -9.88 44.70 0.12
C GLN F 234 -9.01 44.66 1.36
N ILE F 235 -8.94 43.51 2.00
CA ILE F 235 -8.06 43.29 3.12
C ILE F 235 -6.72 42.73 2.61
N GLY F 236 -5.62 43.27 3.10
CA GLY F 236 -4.31 42.79 2.72
C GLY F 236 -4.00 43.07 1.26
N THR F 237 -3.02 42.35 0.72
CA THR F 237 -2.59 42.57 -0.65
C THR F 237 -3.05 41.44 -1.55
N LEU F 238 -3.70 41.81 -2.66
CA LEU F 238 -4.11 40.87 -3.67
C LEU F 238 -3.03 40.84 -4.76
N VAL F 239 -2.43 39.66 -4.95
CA VAL F 239 -1.48 39.43 -6.03
C VAL F 239 -2.12 38.55 -7.10
N GLN F 240 -2.19 39.05 -8.33
CA GLN F 240 -2.65 38.29 -9.48
C GLN F 240 -2.54 39.09 -10.77
N GLY F 241 -2.50 38.39 -11.90
CA GLY F 241 -2.35 39.06 -13.19
C GLY F 241 -0.92 39.08 -13.72
N ARG F 242 -0.78 39.38 -15.01
CA ARG F 242 0.51 39.49 -15.66
C ARG F 242 0.74 40.94 -16.04
N SER F 243 1.89 41.50 -15.63
CA SER F 243 2.20 42.90 -15.93
C SER F 243 2.52 43.13 -17.40
#